data_1TEJ
# 
_entry.id   1TEJ 
# 
_audit_conform.dict_name       mmcif_pdbx.dic 
_audit_conform.dict_version    5.398 
_audit_conform.dict_location   http://mmcif.pdb.org/dictionaries/ascii/mmcif_pdbx.dic 
# 
loop_
_database_2.database_id 
_database_2.database_code 
_database_2.pdbx_database_accession 
_database_2.pdbx_DOI 
PDB   1TEJ         pdb_00001tej 10.2210/pdb1tej/pdb 
RCSB  RCSB022586   ?            ?                   
WWPDB D_1000022586 ?            ?                   
# 
loop_
_pdbx_audit_revision_history.ordinal 
_pdbx_audit_revision_history.data_content_type 
_pdbx_audit_revision_history.major_revision 
_pdbx_audit_revision_history.minor_revision 
_pdbx_audit_revision_history.revision_date 
1 'Structure model' 1 0 2004-06-15 
2 'Structure model' 1 1 2008-04-30 
3 'Structure model' 1 2 2011-07-13 
4 'Structure model' 1 3 2023-08-23 
5 'Structure model' 1 4 2024-11-13 
# 
_pdbx_audit_revision_details.ordinal             1 
_pdbx_audit_revision_details.revision_ordinal    1 
_pdbx_audit_revision_details.data_content_type   'Structure model' 
_pdbx_audit_revision_details.provider            repository 
_pdbx_audit_revision_details.type                'Initial release' 
_pdbx_audit_revision_details.description         ? 
_pdbx_audit_revision_details.details             ? 
# 
loop_
_pdbx_audit_revision_group.ordinal 
_pdbx_audit_revision_group.revision_ordinal 
_pdbx_audit_revision_group.data_content_type 
_pdbx_audit_revision_group.group 
1 2 'Structure model' 'Version format compliance' 
2 3 'Structure model' 'Version format compliance' 
3 4 'Structure model' 'Data collection'           
4 4 'Structure model' 'Database references'       
5 4 'Structure model' 'Derived calculations'      
6 4 'Structure model' 'Refinement description'    
7 5 'Structure model' 'Structure summary'         
# 
loop_
_pdbx_audit_revision_category.ordinal 
_pdbx_audit_revision_category.revision_ordinal 
_pdbx_audit_revision_category.data_content_type 
_pdbx_audit_revision_category.category 
1 4 'Structure model' chem_comp_atom                
2 4 'Structure model' chem_comp_bond                
3 4 'Structure model' database_2                    
4 4 'Structure model' diffrn_source                 
5 4 'Structure model' pdbx_initial_refinement_model 
6 4 'Structure model' struct_conn                   
7 5 'Structure model' pdbx_entry_details            
8 5 'Structure model' pdbx_modification_feature     
# 
loop_
_pdbx_audit_revision_item.ordinal 
_pdbx_audit_revision_item.revision_ordinal 
_pdbx_audit_revision_item.data_content_type 
_pdbx_audit_revision_item.item 
1  4 'Structure model' '_database_2.pdbx_DOI'                 
2  4 'Structure model' '_database_2.pdbx_database_accession'  
3  4 'Structure model' '_diffrn_source.pdbx_synchrotron_site' 
4  4 'Structure model' '_struct_conn.pdbx_dist_value'         
5  4 'Structure model' '_struct_conn.ptnr1_auth_seq_id'       
6  4 'Structure model' '_struct_conn.ptnr1_label_seq_id'      
7  4 'Structure model' '_struct_conn.ptnr2_auth_asym_id'      
8  4 'Structure model' '_struct_conn.ptnr2_auth_seq_id'       
9  4 'Structure model' '_struct_conn.ptnr2_label_asym_id'     
10 4 'Structure model' '_struct_conn.ptnr2_label_seq_id'      
# 
_pdbx_database_status.status_code                     REL 
_pdbx_database_status.entry_id                        1TEJ 
_pdbx_database_status.recvd_initial_deposition_date   2004-05-25 
_pdbx_database_status.deposit_site                    RCSB 
_pdbx_database_status.process_site                    RCSB 
_pdbx_database_status.status_code_sf                  ? 
_pdbx_database_status.status_code_mr                  ? 
_pdbx_database_status.SG_entry                        ? 
_pdbx_database_status.pdb_format_compatible           Y 
_pdbx_database_status.status_code_cs                  ? 
_pdbx_database_status.status_code_nmr_data            ? 
_pdbx_database_status.methods_development_category    ? 
# 
loop_
_audit_author.name 
_audit_author.pdbx_ordinal 
'Bilgrami, S.' 1 
'Kaur, P.'     2 
'Yadav, S.'    3 
'Perbandt, M.' 4 
'Betzel, C.'   5 
'Singh, T.P.'  6 
# 
_citation.id                        primary 
_citation.title                     
'Crystal Structure of the Disintegrin Heterodimer from Saw-Scaled Viper (Echis carinatus) at 1.9 A Resolution' 
_citation.journal_abbrev            Biochemistry 
_citation.journal_volume            44 
_citation.page_first                11058 
_citation.page_last                 11066 
_citation.year                      2005 
_citation.journal_id_ASTM           BICHAW 
_citation.country                   US 
_citation.journal_id_ISSN           0006-2960 
_citation.journal_id_CSD            0033 
_citation.book_publisher            ? 
_citation.pdbx_database_id_PubMed   16101289 
_citation.pdbx_database_id_DOI      10.1021/bi050849y 
# 
loop_
_citation_author.citation_id 
_citation_author.name 
_citation_author.ordinal 
_citation_author.identifier_ORCID 
primary 'Bilgrami, S.' 1 ? 
primary 'Yadav, S.'    2 ? 
primary 'Kaur, P.'     3 ? 
primary 'Sharma, S.'   4 ? 
primary 'Perbandt, M.' 5 ? 
primary 'Betzel, C.'   6 ? 
primary 'Singh, T.P.'  7 ? 
# 
loop_
_entity.id 
_entity.type 
_entity.src_method 
_entity.pdbx_description 
_entity.formula_weight 
_entity.pdbx_number_of_molecules 
_entity.pdbx_ec 
_entity.pdbx_mutation 
_entity.pdbx_fragment 
_entity.details 
1 polymer nat 'disintegrin chain A' 7016.884 1   ? ? ? ? 
2 polymer nat 'disintegrin chain B' 7067.947 1   ? ? ? ? 
3 water   nat water                 18.015   161 ? ? ? ? 
# 
loop_
_entity_poly.entity_id 
_entity_poly.type 
_entity_poly.nstd_linkage 
_entity_poly.nstd_monomer 
_entity_poly.pdbx_seq_one_letter_code 
_entity_poly.pdbx_seq_one_letter_code_can 
_entity_poly.pdbx_strand_id 
_entity_poly.pdbx_target_identifier 
1 'polypeptide(L)' no no NSVNPCCDPVICKPRDGEHCISGPCCNNCKFLNSGTICQRARGDGNHDYCTGITTDCPRNRYNV 
NSVNPCCDPVICKPRDGEHCISGPCCNNCKFLNSGTICQRARGDGNHDYCTGITTDCPRNRYNV A ? 
2 'polypeptide(L)' no no NSVNPCCDPQTCKPIEGKHCISGPCCENCYFLRSGTICQRARGDGNNDYCTGITPDCPRNRYNV 
NSVNPCCDPQTCKPIEGKHCISGPCCENCYFLRSGTICQRARGDGNNDYCTGITPDCPRNRYNV B ? 
# 
_pdbx_entity_nonpoly.entity_id   3 
_pdbx_entity_nonpoly.name        water 
_pdbx_entity_nonpoly.comp_id     HOH 
# 
loop_
_entity_poly_seq.entity_id 
_entity_poly_seq.num 
_entity_poly_seq.mon_id 
_entity_poly_seq.hetero 
1 1  ASN n 
1 2  SER n 
1 3  VAL n 
1 4  ASN n 
1 5  PRO n 
1 6  CYS n 
1 7  CYS n 
1 8  ASP n 
1 9  PRO n 
1 10 VAL n 
1 11 ILE n 
1 12 CYS n 
1 13 LYS n 
1 14 PRO n 
1 15 ARG n 
1 16 ASP n 
1 17 GLY n 
1 18 GLU n 
1 19 HIS n 
1 20 CYS n 
1 21 ILE n 
1 22 SER n 
1 23 GLY n 
1 24 PRO n 
1 25 CYS n 
1 26 CYS n 
1 27 ASN n 
1 28 ASN n 
1 29 CYS n 
1 30 LYS n 
1 31 PHE n 
1 32 LEU n 
1 33 ASN n 
1 34 SER n 
1 35 GLY n 
1 36 THR n 
1 37 ILE n 
1 38 CYS n 
1 39 GLN n 
1 40 ARG n 
1 41 ALA n 
1 42 ARG n 
1 43 GLY n 
1 44 ASP n 
1 45 GLY n 
1 46 ASN n 
1 47 HIS n 
1 48 ASP n 
1 49 TYR n 
1 50 CYS n 
1 51 THR n 
1 52 GLY n 
1 53 ILE n 
1 54 THR n 
1 55 THR n 
1 56 ASP n 
1 57 CYS n 
1 58 PRO n 
1 59 ARG n 
1 60 ASN n 
1 61 ARG n 
1 62 TYR n 
1 63 ASN n 
1 64 VAL n 
2 1  ASN n 
2 2  SER n 
2 3  VAL n 
2 4  ASN n 
2 5  PRO n 
2 6  CYS n 
2 7  CYS n 
2 8  ASP n 
2 9  PRO n 
2 10 GLN n 
2 11 THR n 
2 12 CYS n 
2 13 LYS n 
2 14 PRO n 
2 15 ILE n 
2 16 GLU n 
2 17 GLY n 
2 18 LYS n 
2 19 HIS n 
2 20 CYS n 
2 21 ILE n 
2 22 SER n 
2 23 GLY n 
2 24 PRO n 
2 25 CYS n 
2 26 CYS n 
2 27 GLU n 
2 28 ASN n 
2 29 CYS n 
2 30 TYR n 
2 31 PHE n 
2 32 LEU n 
2 33 ARG n 
2 34 SER n 
2 35 GLY n 
2 36 THR n 
2 37 ILE n 
2 38 CYS n 
2 39 GLN n 
2 40 ARG n 
2 41 ALA n 
2 42 ARG n 
2 43 GLY n 
2 44 ASP n 
2 45 GLY n 
2 46 ASN n 
2 47 ASN n 
2 48 ASP n 
2 49 TYR n 
2 50 CYS n 
2 51 THR n 
2 52 GLY n 
2 53 ILE n 
2 54 THR n 
2 55 PRO n 
2 56 ASP n 
2 57 CYS n 
2 58 PRO n 
2 59 ARG n 
2 60 ASN n 
2 61 ARG n 
2 62 TYR n 
2 63 ASN n 
2 64 VAL n 
# 
loop_
_entity_src_nat.entity_id 
_entity_src_nat.pdbx_src_id 
_entity_src_nat.pdbx_alt_source_flag 
_entity_src_nat.pdbx_beg_seq_num 
_entity_src_nat.pdbx_end_seq_num 
_entity_src_nat.common_name 
_entity_src_nat.pdbx_organism_scientific 
_entity_src_nat.pdbx_ncbi_taxonomy_id 
_entity_src_nat.genus 
_entity_src_nat.species 
_entity_src_nat.strain 
_entity_src_nat.tissue 
_entity_src_nat.tissue_fraction 
_entity_src_nat.pdbx_secretion 
_entity_src_nat.pdbx_fragment 
_entity_src_nat.pdbx_variant 
_entity_src_nat.pdbx_cell_line 
_entity_src_nat.pdbx_atcc 
_entity_src_nat.pdbx_cellular_location 
_entity_src_nat.pdbx_organ 
_entity_src_nat.pdbx_organelle 
_entity_src_nat.pdbx_cell 
_entity_src_nat.pdbx_plasmid_name 
_entity_src_nat.pdbx_plasmid_details 
_entity_src_nat.details 
1 1 sample ? ? 'saw-scaled viper' 'Echis carinatus' 40353 Echis ? ? ? ? ? ? ? ? ? ? ? ? ? ? ? ? 
2 1 sample ? ? 'saw-scaled viper' 'Echis carinatus' 40353 Echis ? ? ? ? ? ? ? ? ? ? ? ? ? ? ? ? 
# 
loop_
_chem_comp.id 
_chem_comp.type 
_chem_comp.mon_nstd_flag 
_chem_comp.name 
_chem_comp.pdbx_synonyms 
_chem_comp.formula 
_chem_comp.formula_weight 
ALA 'L-peptide linking' y ALANINE         ? 'C3 H7 N O2'     89.093  
ARG 'L-peptide linking' y ARGININE        ? 'C6 H15 N4 O2 1' 175.209 
ASN 'L-peptide linking' y ASPARAGINE      ? 'C4 H8 N2 O3'    132.118 
ASP 'L-peptide linking' y 'ASPARTIC ACID' ? 'C4 H7 N O4'     133.103 
CYS 'L-peptide linking' y CYSTEINE        ? 'C3 H7 N O2 S'   121.158 
GLN 'L-peptide linking' y GLUTAMINE       ? 'C5 H10 N2 O3'   146.144 
GLU 'L-peptide linking' y 'GLUTAMIC ACID' ? 'C5 H9 N O4'     147.129 
GLY 'peptide linking'   y GLYCINE         ? 'C2 H5 N O2'     75.067  
HIS 'L-peptide linking' y HISTIDINE       ? 'C6 H10 N3 O2 1' 156.162 
HOH non-polymer         . WATER           ? 'H2 O'           18.015  
ILE 'L-peptide linking' y ISOLEUCINE      ? 'C6 H13 N O2'    131.173 
LEU 'L-peptide linking' y LEUCINE         ? 'C6 H13 N O2'    131.173 
LYS 'L-peptide linking' y LYSINE          ? 'C6 H15 N2 O2 1' 147.195 
PHE 'L-peptide linking' y PHENYLALANINE   ? 'C9 H11 N O2'    165.189 
PRO 'L-peptide linking' y PROLINE         ? 'C5 H9 N O2'     115.130 
SER 'L-peptide linking' y SERINE          ? 'C3 H7 N O3'     105.093 
THR 'L-peptide linking' y THREONINE       ? 'C4 H9 N O3'     119.119 
TYR 'L-peptide linking' y TYROSINE        ? 'C9 H11 N O3'    181.189 
VAL 'L-peptide linking' y VALINE          ? 'C5 H11 N O2'    117.146 
# 
loop_
_pdbx_poly_seq_scheme.asym_id 
_pdbx_poly_seq_scheme.entity_id 
_pdbx_poly_seq_scheme.seq_id 
_pdbx_poly_seq_scheme.mon_id 
_pdbx_poly_seq_scheme.ndb_seq_num 
_pdbx_poly_seq_scheme.pdb_seq_num 
_pdbx_poly_seq_scheme.auth_seq_num 
_pdbx_poly_seq_scheme.pdb_mon_id 
_pdbx_poly_seq_scheme.auth_mon_id 
_pdbx_poly_seq_scheme.pdb_strand_id 
_pdbx_poly_seq_scheme.pdb_ins_code 
_pdbx_poly_seq_scheme.hetero 
A 1 1  ASN 1  1  ?  ?   ?   A . n 
A 1 2  SER 2  2  2  SER SER A . n 
A 1 3  VAL 3  3  3  VAL VAL A . n 
A 1 4  ASN 4  4  4  ASN ASN A . n 
A 1 5  PRO 5  5  5  PRO PRO A . n 
A 1 6  CYS 6  6  6  CYS CYS A . n 
A 1 7  CYS 7  7  7  CYS CYS A . n 
A 1 8  ASP 8  8  8  ASP ASP A . n 
A 1 9  PRO 9  9  9  PRO PRO A . n 
A 1 10 VAL 10 10 10 VAL VAL A . n 
A 1 11 ILE 11 11 11 ILE ILE A . n 
A 1 12 CYS 12 12 12 CYS CYS A . n 
A 1 13 LYS 13 13 13 LYS LYS A . n 
A 1 14 PRO 14 14 14 PRO PRO A . n 
A 1 15 ARG 15 15 15 ARG ARG A . n 
A 1 16 ASP 16 16 16 ASP ASP A . n 
A 1 17 GLY 17 17 17 GLY GLY A . n 
A 1 18 GLU 18 18 18 GLU GLU A . n 
A 1 19 HIS 19 19 19 HIS HIS A . n 
A 1 20 CYS 20 20 20 CYS CYS A . n 
A 1 21 ILE 21 21 21 ILE ILE A . n 
A 1 22 SER 22 22 22 SER SER A . n 
A 1 23 GLY 23 23 23 GLY GLY A . n 
A 1 24 PRO 24 24 24 PRO PRO A . n 
A 1 25 CYS 25 25 25 CYS CYS A . n 
A 1 26 CYS 26 26 26 CYS CYS A . n 
A 1 27 ASN 27 27 27 ASN ASN A . n 
A 1 28 ASN 28 28 28 ASN ASN A . n 
A 1 29 CYS 29 29 29 CYS CYS A . n 
A 1 30 LYS 30 30 30 LYS LYS A . n 
A 1 31 PHE 31 31 31 PHE PHE A . n 
A 1 32 LEU 32 32 32 LEU LEU A . n 
A 1 33 ASN 33 33 33 ASN ASN A . n 
A 1 34 SER 34 34 34 SER SER A . n 
A 1 35 GLY 35 35 35 GLY GLY A . n 
A 1 36 THR 36 36 36 THR THR A . n 
A 1 37 ILE 37 37 37 ILE ILE A . n 
A 1 38 CYS 38 38 38 CYS CYS A . n 
A 1 39 GLN 39 39 39 GLN GLN A . n 
A 1 40 ARG 40 40 40 ARG ARG A . n 
A 1 41 ALA 41 41 41 ALA ALA A . n 
A 1 42 ARG 42 42 42 ARG ARG A . n 
A 1 43 GLY 43 43 43 GLY GLY A . n 
A 1 44 ASP 44 44 44 ASP ASP A . n 
A 1 45 GLY 45 45 45 GLY GLY A . n 
A 1 46 ASN 46 46 46 ASN ASN A . n 
A 1 47 HIS 47 47 47 HIS HIS A . n 
A 1 48 ASP 48 48 48 ASP ASP A . n 
A 1 49 TYR 49 49 49 TYR TYR A . n 
A 1 50 CYS 50 50 50 CYS CYS A . n 
A 1 51 THR 51 51 51 THR THR A . n 
A 1 52 GLY 52 52 52 GLY GLY A . n 
A 1 53 ILE 53 53 53 ILE ILE A . n 
A 1 54 THR 54 54 54 THR THR A . n 
A 1 55 THR 55 55 55 THR THR A . n 
A 1 56 ASP 56 56 56 ASP ASP A . n 
A 1 57 CYS 57 57 57 CYS CYS A . n 
A 1 58 PRO 58 58 58 PRO PRO A . n 
A 1 59 ARG 59 59 59 ARG ARG A . n 
A 1 60 ASN 60 60 60 ASN ASN A . n 
A 1 61 ARG 61 61 61 ARG ARG A . n 
A 1 62 TYR 62 62 62 TYR TYR A . n 
A 1 63 ASN 63 63 63 ASN ASN A . n 
A 1 64 VAL 64 64 ?  ?   ?   A . n 
B 2 1  ASN 1  1  1  ASN ASN B . n 
B 2 2  SER 2  2  2  SER SER B . n 
B 2 3  VAL 3  3  3  VAL VAL B . n 
B 2 4  ASN 4  4  4  ASN ASN B . n 
B 2 5  PRO 5  5  5  PRO PRO B . n 
B 2 6  CYS 6  6  6  CYS CYS B . n 
B 2 7  CYS 7  7  7  CYS CYS B . n 
B 2 8  ASP 8  8  8  ASP ASP B . n 
B 2 9  PRO 9  9  9  PRO PRO B . n 
B 2 10 GLN 10 10 10 GLN GLN B . n 
B 2 11 THR 11 11 11 THR THR B . n 
B 2 12 CYS 12 12 12 CYS CYS B . n 
B 2 13 LYS 13 13 13 LYS LYS B . n 
B 2 14 PRO 14 14 14 PRO PRO B . n 
B 2 15 ILE 15 15 15 ILE ILE B . n 
B 2 16 GLU 16 16 16 GLU GLU B . n 
B 2 17 GLY 17 17 17 GLY GLY B . n 
B 2 18 LYS 18 18 18 LYS LYS B . n 
B 2 19 HIS 19 19 19 HIS HIS B . n 
B 2 20 CYS 20 20 20 CYS CYS B . n 
B 2 21 ILE 21 21 21 ILE ILE B . n 
B 2 22 SER 22 22 22 SER SER B . n 
B 2 23 GLY 23 23 23 GLY GLY B . n 
B 2 24 PRO 24 24 24 PRO PRO B . n 
B 2 25 CYS 25 25 25 CYS CYS B . n 
B 2 26 CYS 26 26 26 CYS CYS B . n 
B 2 27 GLU 27 27 27 GLU GLU B . n 
B 2 28 ASN 28 28 28 ASN ASN B . n 
B 2 29 CYS 29 29 29 CYS CYS B . n 
B 2 30 TYR 30 30 30 TYR TYR B . n 
B 2 31 PHE 31 31 31 PHE PHE B . n 
B 2 32 LEU 32 32 32 LEU LEU B . n 
B 2 33 ARG 33 33 33 ARG ARG B . n 
B 2 34 SER 34 34 34 SER SER B . n 
B 2 35 GLY 35 35 35 GLY GLY B . n 
B 2 36 THR 36 36 36 THR THR B . n 
B 2 37 ILE 37 37 37 ILE ILE B . n 
B 2 38 CYS 38 38 38 CYS CYS B . n 
B 2 39 GLN 39 39 39 GLN GLN B . n 
B 2 40 ARG 40 40 40 ARG ARG B . n 
B 2 41 ALA 41 41 41 ALA ALA B . n 
B 2 42 ARG 42 42 42 ARG ARG B . n 
B 2 43 GLY 43 43 43 GLY GLY B . n 
B 2 44 ASP 44 44 44 ASP ASP B . n 
B 2 45 GLY 45 45 45 GLY GLY B . n 
B 2 46 ASN 46 46 46 ASN ASN B . n 
B 2 47 ASN 47 47 47 ASN ASN B . n 
B 2 48 ASP 48 48 48 ASP ASP B . n 
B 2 49 TYR 49 49 49 TYR TYR B . n 
B 2 50 CYS 50 50 50 CYS CYS B . n 
B 2 51 THR 51 51 51 THR THR B . n 
B 2 52 GLY 52 52 52 GLY GLY B . n 
B 2 53 ILE 53 53 53 ILE ILE B . n 
B 2 54 THR 54 54 54 THR THR B . n 
B 2 55 PRO 55 55 55 PRO PRO B . n 
B 2 56 ASP 56 56 56 ASP ASP B . n 
B 2 57 CYS 57 57 57 CYS CYS B . n 
B 2 58 PRO 58 58 58 PRO PRO B . n 
B 2 59 ARG 59 59 59 ARG ARG B . n 
B 2 60 ASN 60 60 60 ASN ASN B . n 
B 2 61 ARG 61 61 61 ARG ARG B . n 
B 2 62 TYR 62 62 62 TYR TYR B . n 
B 2 63 ASN 63 63 63 ASN ASN B . n 
B 2 64 VAL 64 64 ?  ?   ?   B . n 
# 
loop_
_pdbx_nonpoly_scheme.asym_id 
_pdbx_nonpoly_scheme.entity_id 
_pdbx_nonpoly_scheme.mon_id 
_pdbx_nonpoly_scheme.ndb_seq_num 
_pdbx_nonpoly_scheme.pdb_seq_num 
_pdbx_nonpoly_scheme.auth_seq_num 
_pdbx_nonpoly_scheme.pdb_mon_id 
_pdbx_nonpoly_scheme.auth_mon_id 
_pdbx_nonpoly_scheme.pdb_strand_id 
_pdbx_nonpoly_scheme.pdb_ins_code 
C 3 HOH 1  65  1   HOH HOH A . 
C 3 HOH 2  66  5   HOH HOH A . 
C 3 HOH 3  67  8   HOH HOH A . 
C 3 HOH 4  68  9   HOH HOH A . 
C 3 HOH 5  69  10  HOH HOH A . 
C 3 HOH 6  70  11  HOH HOH A . 
C 3 HOH 7  71  18  HOH HOH A . 
C 3 HOH 8  72  19  HOH HOH A . 
C 3 HOH 9  73  20  HOH HOH A . 
C 3 HOH 10 74  22  HOH HOH A . 
C 3 HOH 11 75  23  HOH HOH A . 
C 3 HOH 12 76  24  HOH HOH A . 
C 3 HOH 13 77  26  HOH HOH A . 
C 3 HOH 14 78  28  HOH HOH A . 
C 3 HOH 15 79  31  HOH HOH A . 
C 3 HOH 16 80  35  HOH HOH A . 
C 3 HOH 17 81  36  HOH HOH A . 
C 3 HOH 18 82  38  HOH HOH A . 
C 3 HOH 19 83  40  HOH HOH A . 
C 3 HOH 20 84  48  HOH HOH A . 
C 3 HOH 21 85  53  HOH HOH A . 
C 3 HOH 22 86  54  HOH HOH A . 
C 3 HOH 23 87  55  HOH HOH A . 
C 3 HOH 24 88  58  HOH HOH A . 
C 3 HOH 25 89  59  HOH HOH A . 
C 3 HOH 26 90  60  HOH HOH A . 
C 3 HOH 27 91  61  HOH HOH A . 
C 3 HOH 28 92  62  HOH HOH A . 
C 3 HOH 29 93  64  HOH HOH A . 
C 3 HOH 30 94  73  HOH HOH A . 
C 3 HOH 31 95  74  HOH HOH A . 
C 3 HOH 32 96  75  HOH HOH A . 
C 3 HOH 33 97  78  HOH HOH A . 
C 3 HOH 34 98  79  HOH HOH A . 
C 3 HOH 35 99  81  HOH HOH A . 
C 3 HOH 36 100 82  HOH HOH A . 
C 3 HOH 37 101 85  HOH HOH A . 
C 3 HOH 38 102 87  HOH HOH A . 
C 3 HOH 39 103 88  HOH HOH A . 
C 3 HOH 40 104 89  HOH HOH A . 
C 3 HOH 41 105 91  HOH HOH A . 
C 3 HOH 42 106 93  HOH HOH A . 
C 3 HOH 43 107 94  HOH HOH A . 
C 3 HOH 44 108 95  HOH HOH A . 
C 3 HOH 45 109 97  HOH HOH A . 
C 3 HOH 46 110 98  HOH HOH A . 
C 3 HOH 47 111 99  HOH HOH A . 
C 3 HOH 48 112 107 HOH HOH A . 
C 3 HOH 49 113 113 HOH HOH A . 
C 3 HOH 50 114 115 HOH HOH A . 
C 3 HOH 51 115 116 HOH HOH A . 
C 3 HOH 52 116 118 HOH HOH A . 
C 3 HOH 53 117 121 HOH HOH A . 
C 3 HOH 54 118 122 HOH HOH A . 
C 3 HOH 55 119 123 HOH HOH A . 
C 3 HOH 56 120 125 HOH HOH A . 
C 3 HOH 57 121 126 HOH HOH A . 
C 3 HOH 58 122 128 HOH HOH A . 
C 3 HOH 59 123 129 HOH HOH A . 
C 3 HOH 60 124 130 HOH HOH A . 
C 3 HOH 61 125 131 HOH HOH A . 
C 3 HOH 62 126 133 HOH HOH A . 
C 3 HOH 63 127 134 HOH HOH A . 
C 3 HOH 64 128 136 HOH HOH A . 
C 3 HOH 65 129 137 HOH HOH A . 
C 3 HOH 66 130 138 HOH HOH A . 
C 3 HOH 67 131 141 HOH HOH A . 
C 3 HOH 68 132 143 HOH HOH A . 
C 3 HOH 69 133 144 HOH HOH A . 
C 3 HOH 70 134 147 HOH HOH A . 
C 3 HOH 71 135 148 HOH HOH A . 
C 3 HOH 72 136 149 HOH HOH A . 
C 3 HOH 73 137 153 HOH HOH A . 
C 3 HOH 74 138 156 HOH HOH A . 
C 3 HOH 75 139 160 HOH HOH A . 
C 3 HOH 76 140 166 HOH HOH A . 
C 3 HOH 77 141 168 HOH HOH A . 
C 3 HOH 78 142 169 HOH HOH A . 
D 3 HOH 1  65  2   HOH HOH B . 
D 3 HOH 2  66  3   HOH HOH B . 
D 3 HOH 3  67  4   HOH HOH B . 
D 3 HOH 4  68  6   HOH HOH B . 
D 3 HOH 5  69  7   HOH HOH B . 
D 3 HOH 6  70  12  HOH HOH B . 
D 3 HOH 7  71  13  HOH HOH B . 
D 3 HOH 8  72  14  HOH HOH B . 
D 3 HOH 9  73  15  HOH HOH B . 
D 3 HOH 10 74  16  HOH HOH B . 
D 3 HOH 11 75  17  HOH HOH B . 
D 3 HOH 12 76  21  HOH HOH B . 
D 3 HOH 13 77  25  HOH HOH B . 
D 3 HOH 14 78  27  HOH HOH B . 
D 3 HOH 15 79  29  HOH HOH B . 
D 3 HOH 16 80  30  HOH HOH B . 
D 3 HOH 17 81  32  HOH HOH B . 
D 3 HOH 18 82  33  HOH HOH B . 
D 3 HOH 19 83  34  HOH HOH B . 
D 3 HOH 20 84  37  HOH HOH B . 
D 3 HOH 21 85  39  HOH HOH B . 
D 3 HOH 22 86  41  HOH HOH B . 
D 3 HOH 23 87  42  HOH HOH B . 
D 3 HOH 24 88  43  HOH HOH B . 
D 3 HOH 25 89  44  HOH HOH B . 
D 3 HOH 26 90  45  HOH HOH B . 
D 3 HOH 27 91  46  HOH HOH B . 
D 3 HOH 28 92  47  HOH HOH B . 
D 3 HOH 29 93  49  HOH HOH B . 
D 3 HOH 30 94  50  HOH HOH B . 
D 3 HOH 31 95  51  HOH HOH B . 
D 3 HOH 32 96  52  HOH HOH B . 
D 3 HOH 33 97  56  HOH HOH B . 
D 3 HOH 34 98  57  HOH HOH B . 
D 3 HOH 35 99  65  HOH HOH B . 
D 3 HOH 36 100 66  HOH HOH B . 
D 3 HOH 37 101 67  HOH HOH B . 
D 3 HOH 38 102 68  HOH HOH B . 
D 3 HOH 39 103 69  HOH HOH B . 
D 3 HOH 40 104 70  HOH HOH B . 
D 3 HOH 41 105 71  HOH HOH B . 
D 3 HOH 42 106 72  HOH HOH B . 
D 3 HOH 43 107 76  HOH HOH B . 
D 3 HOH 44 108 77  HOH HOH B . 
D 3 HOH 45 109 80  HOH HOH B . 
D 3 HOH 46 110 84  HOH HOH B . 
D 3 HOH 47 111 86  HOH HOH B . 
D 3 HOH 48 112 90  HOH HOH B . 
D 3 HOH 49 113 92  HOH HOH B . 
D 3 HOH 50 114 96  HOH HOH B . 
D 3 HOH 51 115 101 HOH HOH B . 
D 3 HOH 52 116 102 HOH HOH B . 
D 3 HOH 53 117 103 HOH HOH B . 
D 3 HOH 54 118 104 HOH HOH B . 
D 3 HOH 55 119 105 HOH HOH B . 
D 3 HOH 56 120 106 HOH HOH B . 
D 3 HOH 57 121 108 HOH HOH B . 
D 3 HOH 58 122 109 HOH HOH B . 
D 3 HOH 59 123 110 HOH HOH B . 
D 3 HOH 60 124 111 HOH HOH B . 
D 3 HOH 61 125 112 HOH HOH B . 
D 3 HOH 62 126 114 HOH HOH B . 
D 3 HOH 63 127 117 HOH HOH B . 
D 3 HOH 64 128 119 HOH HOH B . 
D 3 HOH 65 129 120 HOH HOH B . 
D 3 HOH 66 130 124 HOH HOH B . 
D 3 HOH 67 131 127 HOH HOH B . 
D 3 HOH 68 132 132 HOH HOH B . 
D 3 HOH 69 133 135 HOH HOH B . 
D 3 HOH 70 134 139 HOH HOH B . 
D 3 HOH 71 135 140 HOH HOH B . 
D 3 HOH 72 136 145 HOH HOH B . 
D 3 HOH 73 137 146 HOH HOH B . 
D 3 HOH 74 138 150 HOH HOH B . 
D 3 HOH 75 139 152 HOH HOH B . 
D 3 HOH 76 140 155 HOH HOH B . 
D 3 HOH 77 141 157 HOH HOH B . 
D 3 HOH 78 142 158 HOH HOH B . 
D 3 HOH 79 143 159 HOH HOH B . 
D 3 HOH 80 144 165 HOH HOH B . 
D 3 HOH 81 145 167 HOH HOH B . 
D 3 HOH 82 146 170 HOH HOH B . 
D 3 HOH 83 147 171 HOH HOH B . 
# 
loop_
_pdbx_unobs_or_zero_occ_atoms.id 
_pdbx_unobs_or_zero_occ_atoms.PDB_model_num 
_pdbx_unobs_or_zero_occ_atoms.polymer_flag 
_pdbx_unobs_or_zero_occ_atoms.occupancy_flag 
_pdbx_unobs_or_zero_occ_atoms.auth_asym_id 
_pdbx_unobs_or_zero_occ_atoms.auth_comp_id 
_pdbx_unobs_or_zero_occ_atoms.auth_seq_id 
_pdbx_unobs_or_zero_occ_atoms.PDB_ins_code 
_pdbx_unobs_or_zero_occ_atoms.auth_atom_id 
_pdbx_unobs_or_zero_occ_atoms.label_alt_id 
_pdbx_unobs_or_zero_occ_atoms.label_asym_id 
_pdbx_unobs_or_zero_occ_atoms.label_comp_id 
_pdbx_unobs_or_zero_occ_atoms.label_seq_id 
_pdbx_unobs_or_zero_occ_atoms.label_atom_id 
1 1 Y 1 A VAL 3 ? CG1 ? A VAL 3 CG1 
2 1 Y 1 A VAL 3 ? CG2 ? A VAL 3 CG2 
3 1 Y 1 B VAL 3 ? CG1 ? B VAL 3 CG1 
4 1 Y 1 B VAL 3 ? CG2 ? B VAL 3 CG2 
# 
loop_
_software.name 
_software.classification 
_software.version 
_software.citation_id 
_software.pdbx_ordinal 
REFMAC    refinement       5.1.19 ? 1 
DENZO     'data reduction' .      ? 2 
SCALEPACK 'data scaling'   .      ? 3 
AMoRE     phasing          .      ? 4 
# 
_cell.entry_id           1TEJ 
_cell.length_a           90.718 
_cell.length_b           90.718 
_cell.length_c           55.477 
_cell.angle_alpha        90.00 
_cell.angle_beta         90.00 
_cell.angle_gamma        90.00 
_cell.Z_PDB              8 
_cell.pdbx_unique_axis   ? 
# 
_symmetry.entry_id                         1TEJ 
_symmetry.space_group_name_H-M             'P 43 21 2' 
_symmetry.pdbx_full_space_group_name_H-M   ? 
_symmetry.cell_setting                     ? 
_symmetry.Int_Tables_number                96 
_symmetry.space_group_name_Hall            ? 
# 
_exptl.entry_id          1TEJ 
_exptl.method            'X-RAY DIFFRACTION' 
_exptl.crystals_number   1 
# 
_exptl_crystal.id                    1 
_exptl_crystal.density_meas          ? 
_exptl_crystal.density_Matthews      4.1 
_exptl_crystal.density_percent_sol   69.8 
_exptl_crystal.description           ? 
_exptl_crystal.F_000                 ? 
_exptl_crystal.preparation           ? 
# 
_exptl_crystal_grow.crystal_id      1 
_exptl_crystal_grow.method          'VAPOR DIFFUSION, SITTING DROP' 
_exptl_crystal_grow.temp            298 
_exptl_crystal_grow.temp_details    ? 
_exptl_crystal_grow.pH              6.0 
_exptl_crystal_grow.pdbx_details    'sodium cacodylate, ammonium sulphate, pH 6.0, VAPOR DIFFUSION, SITTING DROP, temperature 298K' 
_exptl_crystal_grow.pdbx_pH_range   . 
# 
_diffrn.id                     1 
_diffrn.ambient_temp           273 
_diffrn.ambient_temp_details   ? 
_diffrn.crystal_id             1 
# 
_diffrn_detector.diffrn_id              1 
_diffrn_detector.detector               CCD 
_diffrn_detector.type                   ENRAF-NONIUS 
_diffrn_detector.pdbx_collection_date   2002-12-12 
_diffrn_detector.details                ? 
# 
_diffrn_radiation.diffrn_id                        1 
_diffrn_radiation.wavelength_id                    1 
_diffrn_radiation.pdbx_monochromatic_or_laue_m_l   M 
_diffrn_radiation.monochromator                    mirrors 
_diffrn_radiation.pdbx_diffrn_protocol             'SINGLE WAVELENGTH' 
_diffrn_radiation.pdbx_scattering_type             x-ray 
# 
_diffrn_radiation_wavelength.id           1 
_diffrn_radiation_wavelength.wavelength   0.81500 
_diffrn_radiation_wavelength.wt           1.0 
# 
_diffrn_source.diffrn_id                   1 
_diffrn_source.source                      SYNCHROTRON 
_diffrn_source.type                        'EMBL/DESY, HAMBURG BEAMLINE X11' 
_diffrn_source.pdbx_synchrotron_site       'EMBL/DESY, HAMBURG' 
_diffrn_source.pdbx_synchrotron_beamline   X11 
_diffrn_source.pdbx_wavelength             ? 
_diffrn_source.pdbx_wavelength_list        0.81500 
# 
_reflns.entry_id                     1TEJ 
_reflns.observed_criterion_sigma_F   ? 
_reflns.observed_criterion_sigma_I   ? 
_reflns.d_resolution_high            1.9 
_reflns.d_resolution_low             20.0 
_reflns.number_all                   18372 
_reflns.number_obs                   18372 
_reflns.percent_possible_obs         99.9 
_reflns.pdbx_Rmerge_I_obs            ? 
_reflns.pdbx_Rsym_value              0.062 
_reflns.pdbx_netI_over_sigmaI        10.8 
_reflns.B_iso_Wilson_estimate        50.0 
_reflns.pdbx_redundancy              ? 
_reflns.R_free_details               ? 
_reflns.limit_h_max                  ? 
_reflns.limit_h_min                  ? 
_reflns.limit_k_max                  ? 
_reflns.limit_k_min                  ? 
_reflns.limit_l_max                  ? 
_reflns.limit_l_min                  ? 
_reflns.observed_criterion_F_max     ? 
_reflns.observed_criterion_F_min     ? 
_reflns.pdbx_chi_squared             ? 
_reflns.pdbx_scaling_rejects         ? 
_reflns.pdbx_diffrn_id               1 
_reflns.pdbx_ordinal                 1 
# 
_reflns_shell.d_res_high             1.90 
_reflns_shell.d_res_low              1.97 
_reflns_shell.percent_possible_all   99.8 
_reflns_shell.Rmerge_I_obs           ? 
_reflns_shell.pdbx_Rsym_value        0.659 
_reflns_shell.meanI_over_sigI_obs    2.5 
_reflns_shell.pdbx_redundancy        ? 
_reflns_shell.percent_possible_obs   ? 
_reflns_shell.number_unique_all      ? 
_reflns_shell.number_measured_all    ? 
_reflns_shell.number_measured_obs    ? 
_reflns_shell.number_unique_obs      ? 
_reflns_shell.pdbx_chi_squared       ? 
_reflns_shell.pdbx_diffrn_id         ? 
_reflns_shell.pdbx_ordinal           1 
# 
_refine.entry_id                                 1TEJ 
_refine.ls_number_reflns_obs                     17734 
_refine.ls_number_reflns_all                     17734 
_refine.pdbx_ls_sigma_I                          ? 
_refine.pdbx_ls_sigma_F                          0.0 
_refine.pdbx_data_cutoff_high_absF               ? 
_refine.pdbx_data_cutoff_low_absF                ? 
_refine.pdbx_data_cutoff_high_rms_absF           ? 
_refine.ls_d_res_low                             19.96 
_refine.ls_d_res_high                            1.90 
_refine.ls_percent_reflns_obs                    100.00 
_refine.ls_R_factor_obs                          0.21483 
_refine.ls_R_factor_all                          ? 
_refine.ls_R_factor_R_work                       0.21286 
_refine.ls_R_factor_R_free                       0.25295 
_refine.ls_R_factor_R_free_error                 ? 
_refine.ls_R_factor_R_free_error_details         ? 
_refine.ls_percent_reflns_R_free                 5.1 
_refine.ls_number_reflns_R_free                  955 
_refine.ls_number_parameters                     ? 
_refine.ls_number_restraints                     ? 
_refine.occupancy_min                            ? 
_refine.occupancy_max                            ? 
_refine.correlation_coeff_Fo_to_Fc               0.951 
_refine.correlation_coeff_Fo_to_Fc_free          0.925 
_refine.B_iso_mean                               43.873 
_refine.aniso_B[1][1]                            1.43 
_refine.aniso_B[2][2]                            1.43 
_refine.aniso_B[3][3]                            -2.85 
_refine.aniso_B[1][2]                            0.00 
_refine.aniso_B[1][3]                            0.00 
_refine.aniso_B[2][3]                            0.00 
_refine.solvent_model_details                    'BABINET MODEL WITH MASK' 
_refine.solvent_model_param_ksol                 ? 
_refine.solvent_model_param_bsol                 ? 
_refine.pdbx_solvent_vdw_probe_radii             1.40 
_refine.pdbx_solvent_ion_probe_radii             0.80 
_refine.pdbx_solvent_shrinkage_radii             0.80 
_refine.pdbx_ls_cross_valid_method               THROUGHOUT 
_refine.details                                  
;HYDROGENS HAVE BEEN ADDED IN THE RIDING POSITIONS.
origin shifts applied to the model solved in i4122 to get the spacegroup p43212.
;
_refine.pdbx_starting_model                      1RMR 
_refine.pdbx_method_to_determine_struct          ? 
_refine.pdbx_isotropic_thermal_model             ? 
_refine.pdbx_stereochemistry_target_values       'MAXIMUM LIKELIHOOD' 
_refine.pdbx_stereochem_target_val_spec_case     ? 
_refine.pdbx_R_Free_selection_details            RANDOM 
_refine.pdbx_overall_ESU_R                       0.119 
_refine.pdbx_overall_ESU_R_Free                  0.123 
_refine.overall_SU_ML                            0.082 
_refine.overall_SU_B                             2.766 
_refine.ls_redundancy_reflns_obs                 ? 
_refine.B_iso_min                                ? 
_refine.B_iso_max                                ? 
_refine.overall_SU_R_Cruickshank_DPI             ? 
_refine.overall_SU_R_free                        ? 
_refine.ls_wR_factor_R_free                      ? 
_refine.ls_wR_factor_R_work                      ? 
_refine.overall_FOM_free_R_set                   ? 
_refine.overall_FOM_work_R_set                   ? 
_refine.pdbx_refine_id                           'X-RAY DIFFRACTION' 
_refine.pdbx_diffrn_id                           1 
_refine.pdbx_TLS_residual_ADP_flag               ? 
_refine.pdbx_overall_phase_error                 ? 
_refine.pdbx_overall_SU_R_free_Cruickshank_DPI   ? 
_refine.pdbx_overall_SU_R_Blow_DPI               ? 
_refine.pdbx_overall_SU_R_free_Blow_DPI          ? 
# 
_refine_analyze.entry_id                        1TEJ 
_refine_analyze.Luzzati_coordinate_error_obs    0.28 
_refine_analyze.Luzzati_sigma_a_obs             0.15 
_refine_analyze.Luzzati_d_res_low_obs           4.00 
_refine_analyze.Luzzati_coordinate_error_free   ? 
_refine_analyze.Luzzati_sigma_a_free            ? 
_refine_analyze.Luzzati_d_res_low_free          ? 
_refine_analyze.number_disordered_residues      ? 
_refine_analyze.occupancy_sum_non_hydrogen      ? 
_refine_analyze.occupancy_sum_hydrogen          ? 
_refine_analyze.pdbx_Luzzati_d_res_high_obs     ? 
_refine_analyze.pdbx_refine_id                  'X-RAY DIFFRACTION' 
# 
_refine_hist.pdbx_refine_id                   'X-RAY DIFFRACTION' 
_refine_hist.cycle_id                         LAST 
_refine_hist.pdbx_number_atoms_protein        940 
_refine_hist.pdbx_number_atoms_nucleic_acid   0 
_refine_hist.pdbx_number_atoms_ligand         0 
_refine_hist.number_atoms_solvent             161 
_refine_hist.number_atoms_total               1101 
_refine_hist.d_res_high                       1.90 
_refine_hist.d_res_low                        19.96 
# 
loop_
_refine_ls_restr.type 
_refine_ls_restr.dev_ideal 
_refine_ls_restr.dev_ideal_target 
_refine_ls_restr.weight 
_refine_ls_restr.number 
_refine_ls_restr.pdbx_refine_id 
_refine_ls_restr.pdbx_restraint_function 
r_bond_refined_d         0.009 0.021 ? 973  'X-RAY DIFFRACTION' ? 
r_angle_refined_deg      1.408 1.956 ? 1324 'X-RAY DIFFRACTION' ? 
r_dihedral_angle_1_deg   9.233 5.000 ? 123  'X-RAY DIFFRACTION' ? 
r_chiral_restr           0.110 0.200 ? 134  'X-RAY DIFFRACTION' ? 
r_gen_planes_refined     0.018 0.020 ? 774  'X-RAY DIFFRACTION' ? 
r_nbd_refined            0.288 0.200 ? 373  'X-RAY DIFFRACTION' ? 
r_xyhbond_nbd_refined    0.248 0.200 ? 93   'X-RAY DIFFRACTION' ? 
r_symmetry_vdw_refined   0.515 0.200 ? 56   'X-RAY DIFFRACTION' ? 
r_symmetry_hbond_refined 0.248 0.200 ? 14   'X-RAY DIFFRACTION' ? 
r_mcbond_it              2.484 1.500 ? 622  'X-RAY DIFFRACTION' ? 
r_mcangle_it             4.057 2.000 ? 1008 'X-RAY DIFFRACTION' ? 
r_scbond_it              6.401 3.000 ? 351  'X-RAY DIFFRACTION' ? 
r_scangle_it             9.366 4.500 ? 316  'X-RAY DIFFRACTION' ? 
# 
_refine_ls_shell.pdbx_total_number_of_bins_used   20 
_refine_ls_shell.d_res_high                       1.901 
_refine_ls_shell.d_res_low                        1.950 
_refine_ls_shell.number_reflns_R_work             1256 
_refine_ls_shell.R_factor_R_work                  0.281 
_refine_ls_shell.percent_reflns_obs               ? 
_refine_ls_shell.R_factor_R_free                  0.307 
_refine_ls_shell.R_factor_R_free_error            ? 
_refine_ls_shell.percent_reflns_R_free            ? 
_refine_ls_shell.number_reflns_R_free             69 
_refine_ls_shell.number_reflns_obs                ? 
_refine_ls_shell.redundancy_reflns_obs            ? 
_refine_ls_shell.number_reflns_all                ? 
_refine_ls_shell.pdbx_refine_id                   'X-RAY DIFFRACTION' 
_refine_ls_shell.R_factor_all                     ? 
# 
_struct.entry_id                  1TEJ 
_struct.title                     'Crystal structure of a disintegrin heterodimer at 1.9 A resolution.' 
_struct.pdbx_model_details        ? 
_struct.pdbx_CASP_flag            ? 
_struct.pdbx_model_type_details   ? 
# 
_struct_keywords.entry_id        1TEJ 
_struct_keywords.pdbx_keywords   'PROTEIN BINDING' 
_struct_keywords.text            'cryatal structure, disintegrin, heterodimer, PROTEIN BINDING' 
# 
loop_
_struct_asym.id 
_struct_asym.pdbx_blank_PDB_chainid_flag 
_struct_asym.pdbx_modified 
_struct_asym.entity_id 
_struct_asym.details 
A N N 1 ? 
B N N 2 ? 
C N N 3 ? 
D N N 3 ? 
# 
loop_
_struct_ref.id 
_struct_ref.db_name 
_struct_ref.db_code 
_struct_ref.pdbx_db_accession 
_struct_ref.entity_id 
_struct_ref.pdbx_align_begin 
_struct_ref.pdbx_db_isoform 
_struct_ref.pdbx_seq_one_letter_code 
1 UNP DISS_ECHCA P83658 1 1 ? ? 
2 UNP DISS_ECHCA P83658 2 1 ? ? 
# 
loop_
_struct_ref_seq.align_id 
_struct_ref_seq.ref_id 
_struct_ref_seq.pdbx_PDB_id_code 
_struct_ref_seq.pdbx_strand_id 
_struct_ref_seq.seq_align_beg 
_struct_ref_seq.pdbx_seq_align_beg_ins_code 
_struct_ref_seq.seq_align_end 
_struct_ref_seq.pdbx_seq_align_end_ins_code 
_struct_ref_seq.pdbx_db_accession 
_struct_ref_seq.db_align_beg 
_struct_ref_seq.pdbx_db_align_beg_ins_code 
_struct_ref_seq.db_align_end 
_struct_ref_seq.pdbx_db_align_end_ins_code 
_struct_ref_seq.pdbx_auth_seq_align_beg 
_struct_ref_seq.pdbx_auth_seq_align_end 
1 1 1TEJ A 1 ? 64 ? P83658 1 ? 64 ? 1 64 
2 2 1TEJ B 1 ? 64 ? P83658 1 ? 64 ? 1 64 
# 
loop_
_pdbx_struct_assembly.id 
_pdbx_struct_assembly.details 
_pdbx_struct_assembly.method_details 
_pdbx_struct_assembly.oligomeric_details 
_pdbx_struct_assembly.oligomeric_count 
1 author_and_software_defined_assembly PISA dimeric    2 
2 software_defined_assembly            PISA tetrameric 4 
# 
loop_
_pdbx_struct_assembly_prop.biol_id 
_pdbx_struct_assembly_prop.type 
_pdbx_struct_assembly_prop.value 
_pdbx_struct_assembly_prop.details 
1 'ABSA (A^2)' 760   ? 
1 MORE         -10   ? 
1 'SSA (A^2)'  9000  ? 
2 'ABSA (A^2)' 3990  ? 
2 MORE         -36   ? 
2 'SSA (A^2)'  15540 ? 
# 
loop_
_pdbx_struct_assembly_gen.assembly_id 
_pdbx_struct_assembly_gen.oper_expression 
_pdbx_struct_assembly_gen.asym_id_list 
1 1   A,B,C,D 
2 1,2 A,B,C,D 
# 
loop_
_pdbx_struct_oper_list.id 
_pdbx_struct_oper_list.type 
_pdbx_struct_oper_list.name 
_pdbx_struct_oper_list.symmetry_operation 
_pdbx_struct_oper_list.matrix[1][1] 
_pdbx_struct_oper_list.matrix[1][2] 
_pdbx_struct_oper_list.matrix[1][3] 
_pdbx_struct_oper_list.vector[1] 
_pdbx_struct_oper_list.matrix[2][1] 
_pdbx_struct_oper_list.matrix[2][2] 
_pdbx_struct_oper_list.matrix[2][3] 
_pdbx_struct_oper_list.vector[2] 
_pdbx_struct_oper_list.matrix[3][1] 
_pdbx_struct_oper_list.matrix[3][2] 
_pdbx_struct_oper_list.matrix[3][3] 
_pdbx_struct_oper_list.vector[3] 
1 'identity operation'         1_555 x,y,z        1.0000000000  0.0000000000 0.0000000000  0.0000000000  0.0000000000 1.0000000000 0.0000000000  0.0000000000 0.0000000000  0.0000000000  1.0000000000  0.0000000000  
2 'crystal symmetry operation' 8_556 -y,-x,-z+3/2 -0.7006879662 0.6457097044 -0.3034721597 -4.8774215736 0.6457097044 0.3929978592 -0.6546843975 9.5253670574 -0.3034721597 -0.6546843975 -0.6923098930 15.4569400386 
# 
loop_
_struct_conn.id 
_struct_conn.conn_type_id 
_struct_conn.pdbx_leaving_atom_flag 
_struct_conn.pdbx_PDB_id 
_struct_conn.ptnr1_label_asym_id 
_struct_conn.ptnr1_label_comp_id 
_struct_conn.ptnr1_label_seq_id 
_struct_conn.ptnr1_label_atom_id 
_struct_conn.pdbx_ptnr1_label_alt_id 
_struct_conn.pdbx_ptnr1_PDB_ins_code 
_struct_conn.pdbx_ptnr1_standard_comp_id 
_struct_conn.ptnr1_symmetry 
_struct_conn.ptnr2_label_asym_id 
_struct_conn.ptnr2_label_comp_id 
_struct_conn.ptnr2_label_seq_id 
_struct_conn.ptnr2_label_atom_id 
_struct_conn.pdbx_ptnr2_label_alt_id 
_struct_conn.pdbx_ptnr2_PDB_ins_code 
_struct_conn.ptnr1_auth_asym_id 
_struct_conn.ptnr1_auth_comp_id 
_struct_conn.ptnr1_auth_seq_id 
_struct_conn.ptnr2_auth_asym_id 
_struct_conn.ptnr2_auth_comp_id 
_struct_conn.ptnr2_auth_seq_id 
_struct_conn.ptnr2_symmetry 
_struct_conn.pdbx_ptnr3_label_atom_id 
_struct_conn.pdbx_ptnr3_label_seq_id 
_struct_conn.pdbx_ptnr3_label_comp_id 
_struct_conn.pdbx_ptnr3_label_asym_id 
_struct_conn.pdbx_ptnr3_label_alt_id 
_struct_conn.pdbx_ptnr3_PDB_ins_code 
_struct_conn.details 
_struct_conn.pdbx_dist_value 
_struct_conn.pdbx_value_order 
_struct_conn.pdbx_role 
disulf1  disulf ? ? A CYS 6  SG ? ? ? 1_555 A CYS 29 SG ? ? A CYS 6  A CYS 29 1_555 ? ? ? ? ? ? ? 2.039 ? ? 
disulf2  disulf ? ? A CYS 7  SG ? ? ? 1_555 B CYS 12 SG ? ? A CYS 7  B CYS 12 1_555 ? ? ? ? ? ? ? 2.037 ? ? 
disulf3  disulf ? ? A CYS 12 SG ? ? ? 1_555 B CYS 7  SG ? ? A CYS 12 B CYS 7  1_555 ? ? ? ? ? ? ? 2.031 ? ? 
disulf4  disulf ? ? A CYS 20 SG ? ? ? 1_555 A CYS 26 SG ? ? A CYS 20 A CYS 26 1_555 ? ? ? ? ? ? ? 2.065 ? ? 
disulf5  disulf ? ? A CYS 25 SG ? ? ? 1_555 A CYS 50 SG ? ? A CYS 25 A CYS 50 1_555 ? ? ? ? ? ? ? 2.077 ? ? 
disulf6  disulf ? ? A CYS 38 SG ? ? ? 1_555 A CYS 57 SG ? ? A CYS 38 A CYS 57 1_555 ? ? ? ? ? ? ? 2.047 ? ? 
disulf7  disulf ? ? B CYS 6  SG ? ? ? 1_555 B CYS 29 SG ? ? B CYS 6  B CYS 29 1_555 ? ? ? ? ? ? ? 2.018 ? ? 
disulf8  disulf ? ? B CYS 20 SG ? ? ? 1_555 B CYS 26 SG ? ? B CYS 20 B CYS 26 1_555 ? ? ? ? ? ? ? 2.049 ? ? 
disulf9  disulf ? ? B CYS 25 SG ? ? ? 1_555 B CYS 50 SG ? ? B CYS 25 B CYS 50 1_555 ? ? ? ? ? ? ? 2.065 ? ? 
disulf10 disulf ? ? B CYS 38 SG ? ? ? 1_555 B CYS 57 SG ? ? B CYS 38 B CYS 57 1_555 ? ? ? ? ? ? ? 2.062 ? ? 
# 
_struct_conn_type.id          disulf 
_struct_conn_type.criteria    ? 
_struct_conn_type.reference   ? 
# 
loop_
_pdbx_modification_feature.ordinal 
_pdbx_modification_feature.label_comp_id 
_pdbx_modification_feature.label_asym_id 
_pdbx_modification_feature.label_seq_id 
_pdbx_modification_feature.label_alt_id 
_pdbx_modification_feature.modified_residue_label_comp_id 
_pdbx_modification_feature.modified_residue_label_asym_id 
_pdbx_modification_feature.modified_residue_label_seq_id 
_pdbx_modification_feature.modified_residue_label_alt_id 
_pdbx_modification_feature.auth_comp_id 
_pdbx_modification_feature.auth_asym_id 
_pdbx_modification_feature.auth_seq_id 
_pdbx_modification_feature.PDB_ins_code 
_pdbx_modification_feature.symmetry 
_pdbx_modification_feature.modified_residue_auth_comp_id 
_pdbx_modification_feature.modified_residue_auth_asym_id 
_pdbx_modification_feature.modified_residue_auth_seq_id 
_pdbx_modification_feature.modified_residue_PDB_ins_code 
_pdbx_modification_feature.modified_residue_symmetry 
_pdbx_modification_feature.comp_id_linking_atom 
_pdbx_modification_feature.modified_residue_id_linking_atom 
_pdbx_modification_feature.modified_residue_id 
_pdbx_modification_feature.ref_pcm_id 
_pdbx_modification_feature.ref_comp_id 
_pdbx_modification_feature.type 
_pdbx_modification_feature.category 
1  CYS A 6  ? CYS A 29 ? CYS A 6  ? 1_555 CYS A 29 ? 1_555 SG SG . . . None 'Disulfide bridge' 
2  CYS A 7  ? CYS B 12 ? CYS A 7  ? 1_555 CYS B 12 ? 1_555 SG SG . . . None 'Disulfide bridge' 
3  CYS A 12 ? CYS B 7  ? CYS A 12 ? 1_555 CYS B 7  ? 1_555 SG SG . . . None 'Disulfide bridge' 
4  CYS A 20 ? CYS A 26 ? CYS A 20 ? 1_555 CYS A 26 ? 1_555 SG SG . . . None 'Disulfide bridge' 
5  CYS A 25 ? CYS A 50 ? CYS A 25 ? 1_555 CYS A 50 ? 1_555 SG SG . . . None 'Disulfide bridge' 
6  CYS A 38 ? CYS A 57 ? CYS A 38 ? 1_555 CYS A 57 ? 1_555 SG SG . . . None 'Disulfide bridge' 
7  CYS B 6  ? CYS B 29 ? CYS B 6  ? 1_555 CYS B 29 ? 1_555 SG SG . . . None 'Disulfide bridge' 
8  CYS B 20 ? CYS B 26 ? CYS B 20 ? 1_555 CYS B 26 ? 1_555 SG SG . . . None 'Disulfide bridge' 
9  CYS B 25 ? CYS B 50 ? CYS B 25 ? 1_555 CYS B 50 ? 1_555 SG SG . . . None 'Disulfide bridge' 
10 CYS B 38 ? CYS B 57 ? CYS B 38 ? 1_555 CYS B 57 ? 1_555 SG SG . . . None 'Disulfide bridge' 
# 
loop_
_struct_sheet.id 
_struct_sheet.type 
_struct_sheet.number_strands 
_struct_sheet.details 
A ? 2 ? 
B ? 2 ? 
C ? 2 ? 
D ? 2 ? 
E ? 2 ? 
# 
loop_
_struct_sheet_order.sheet_id 
_struct_sheet_order.range_id_1 
_struct_sheet_order.range_id_2 
_struct_sheet_order.offset 
_struct_sheet_order.sense 
A 1 2 ? anti-parallel 
B 1 2 ? anti-parallel 
C 1 2 ? anti-parallel 
D 1 2 ? anti-parallel 
E 1 2 ? anti-parallel 
# 
loop_
_struct_sheet_range.sheet_id 
_struct_sheet_range.id 
_struct_sheet_range.beg_label_comp_id 
_struct_sheet_range.beg_label_asym_id 
_struct_sheet_range.beg_label_seq_id 
_struct_sheet_range.pdbx_beg_PDB_ins_code 
_struct_sheet_range.end_label_comp_id 
_struct_sheet_range.end_label_asym_id 
_struct_sheet_range.end_label_seq_id 
_struct_sheet_range.pdbx_end_PDB_ins_code 
_struct_sheet_range.beg_auth_comp_id 
_struct_sheet_range.beg_auth_asym_id 
_struct_sheet_range.beg_auth_seq_id 
_struct_sheet_range.end_auth_comp_id 
_struct_sheet_range.end_auth_asym_id 
_struct_sheet_range.end_auth_seq_id 
A 1 CYS A 7  ? ASP A 8  ? CYS A 7  ASP A 8  
A 2 LYS A 13 ? PRO A 14 ? LYS A 13 PRO A 14 
B 1 CYS A 26 ? ASN A 27 ? CYS A 26 ASN A 27 
B 2 LYS A 30 ? PHE A 31 ? LYS A 30 PHE A 31 
C 1 ILE A 37 ? GLN A 39 ? ILE A 37 GLN A 39 
C 2 ASP A 48 ? TYR A 49 ? ASP A 48 TYR A 49 
D 1 CYS B 26 ? GLU B 27 ? CYS B 26 GLU B 27 
D 2 TYR B 30 ? PHE B 31 ? TYR B 30 PHE B 31 
E 1 ILE B 37 ? GLN B 39 ? ILE B 37 GLN B 39 
E 2 ASP B 48 ? TYR B 49 ? ASP B 48 TYR B 49 
# 
loop_
_pdbx_struct_sheet_hbond.sheet_id 
_pdbx_struct_sheet_hbond.range_id_1 
_pdbx_struct_sheet_hbond.range_id_2 
_pdbx_struct_sheet_hbond.range_1_label_atom_id 
_pdbx_struct_sheet_hbond.range_1_label_comp_id 
_pdbx_struct_sheet_hbond.range_1_label_asym_id 
_pdbx_struct_sheet_hbond.range_1_label_seq_id 
_pdbx_struct_sheet_hbond.range_1_PDB_ins_code 
_pdbx_struct_sheet_hbond.range_1_auth_atom_id 
_pdbx_struct_sheet_hbond.range_1_auth_comp_id 
_pdbx_struct_sheet_hbond.range_1_auth_asym_id 
_pdbx_struct_sheet_hbond.range_1_auth_seq_id 
_pdbx_struct_sheet_hbond.range_2_label_atom_id 
_pdbx_struct_sheet_hbond.range_2_label_comp_id 
_pdbx_struct_sheet_hbond.range_2_label_asym_id 
_pdbx_struct_sheet_hbond.range_2_label_seq_id 
_pdbx_struct_sheet_hbond.range_2_PDB_ins_code 
_pdbx_struct_sheet_hbond.range_2_auth_atom_id 
_pdbx_struct_sheet_hbond.range_2_auth_comp_id 
_pdbx_struct_sheet_hbond.range_2_auth_asym_id 
_pdbx_struct_sheet_hbond.range_2_auth_seq_id 
A 1 2 N ASP A 8  ? N ASP A 8  O LYS A 13 ? O LYS A 13 
B 1 2 N ASN A 27 ? N ASN A 27 O LYS A 30 ? O LYS A 30 
C 1 2 N CYS A 38 ? N CYS A 38 O ASP A 48 ? O ASP A 48 
D 1 2 N GLU B 27 ? N GLU B 27 O TYR B 30 ? O TYR B 30 
E 1 2 N GLN B 39 ? N GLN B 39 O ASP B 48 ? O ASP B 48 
# 
_pdbx_entry_details.entry_id                   1TEJ 
_pdbx_entry_details.compound_details           ? 
_pdbx_entry_details.source_details             ? 
_pdbx_entry_details.nonpolymer_details         ? 
_pdbx_entry_details.sequence_details           ? 
_pdbx_entry_details.has_ligand_of_interest     ? 
_pdbx_entry_details.has_protein_modification   Y 
# 
_pdbx_validate_rmsd_angle.id                         1 
_pdbx_validate_rmsd_angle.PDB_model_num              1 
_pdbx_validate_rmsd_angle.auth_atom_id_1             CB 
_pdbx_validate_rmsd_angle.auth_asym_id_1             B 
_pdbx_validate_rmsd_angle.auth_comp_id_1             ASP 
_pdbx_validate_rmsd_angle.auth_seq_id_1              48 
_pdbx_validate_rmsd_angle.PDB_ins_code_1             ? 
_pdbx_validate_rmsd_angle.label_alt_id_1             ? 
_pdbx_validate_rmsd_angle.auth_atom_id_2             CG 
_pdbx_validate_rmsd_angle.auth_asym_id_2             B 
_pdbx_validate_rmsd_angle.auth_comp_id_2             ASP 
_pdbx_validate_rmsd_angle.auth_seq_id_2              48 
_pdbx_validate_rmsd_angle.PDB_ins_code_2             ? 
_pdbx_validate_rmsd_angle.label_alt_id_2             ? 
_pdbx_validate_rmsd_angle.auth_atom_id_3             OD2 
_pdbx_validate_rmsd_angle.auth_asym_id_3             B 
_pdbx_validate_rmsd_angle.auth_comp_id_3             ASP 
_pdbx_validate_rmsd_angle.auth_seq_id_3              48 
_pdbx_validate_rmsd_angle.PDB_ins_code_3             ? 
_pdbx_validate_rmsd_angle.label_alt_id_3             ? 
_pdbx_validate_rmsd_angle.angle_value                124.02 
_pdbx_validate_rmsd_angle.angle_target_value         118.30 
_pdbx_validate_rmsd_angle.angle_deviation            5.72 
_pdbx_validate_rmsd_angle.angle_standard_deviation   0.90 
_pdbx_validate_rmsd_angle.linker_flag                N 
# 
loop_
_pdbx_validate_torsion.id 
_pdbx_validate_torsion.PDB_model_num 
_pdbx_validate_torsion.auth_comp_id 
_pdbx_validate_torsion.auth_asym_id 
_pdbx_validate_torsion.auth_seq_id 
_pdbx_validate_torsion.PDB_ins_code 
_pdbx_validate_torsion.label_alt_id 
_pdbx_validate_torsion.phi 
_pdbx_validate_torsion.psi 
1 1 ASP A 44 ? ? 69.25   -152.10 
2 1 ARG B 42 ? ? -46.08  -86.36  
3 1 ASP B 44 ? ? -145.14 -147.35 
# 
_pdbx_validate_peptide_omega.id               1 
_pdbx_validate_peptide_omega.PDB_model_num    1 
_pdbx_validate_peptide_omega.auth_comp_id_1   ARG 
_pdbx_validate_peptide_omega.auth_asym_id_1   B 
_pdbx_validate_peptide_omega.auth_seq_id_1    42 
_pdbx_validate_peptide_omega.PDB_ins_code_1   ? 
_pdbx_validate_peptide_omega.label_alt_id_1   ? 
_pdbx_validate_peptide_omega.auth_comp_id_2   GLY 
_pdbx_validate_peptide_omega.auth_asym_id_2   B 
_pdbx_validate_peptide_omega.auth_seq_id_2    43 
_pdbx_validate_peptide_omega.PDB_ins_code_2   ? 
_pdbx_validate_peptide_omega.label_alt_id_2   ? 
_pdbx_validate_peptide_omega.omega            -149.04 
# 
_pdbx_struct_special_symmetry.id              1 
_pdbx_struct_special_symmetry.PDB_model_num   1 
_pdbx_struct_special_symmetry.auth_asym_id    B 
_pdbx_struct_special_symmetry.auth_comp_id    HOH 
_pdbx_struct_special_symmetry.auth_seq_id     107 
_pdbx_struct_special_symmetry.PDB_ins_code    ? 
_pdbx_struct_special_symmetry.label_asym_id   D 
_pdbx_struct_special_symmetry.label_comp_id   HOH 
_pdbx_struct_special_symmetry.label_seq_id    . 
# 
_pdbx_database_remark.id     999 
_pdbx_database_remark.text   
;SEQUENCE
A SUITABLE DATABASE REFERENCE SEQUENCE COULD NOT
BE FOUND FOR THE PROTEINS IN THIS STRUCTURE AT
THE TIME OF PROCESSING.
;
# 
loop_
_pdbx_unobs_or_zero_occ_residues.id 
_pdbx_unobs_or_zero_occ_residues.PDB_model_num 
_pdbx_unobs_or_zero_occ_residues.polymer_flag 
_pdbx_unobs_or_zero_occ_residues.occupancy_flag 
_pdbx_unobs_or_zero_occ_residues.auth_asym_id 
_pdbx_unobs_or_zero_occ_residues.auth_comp_id 
_pdbx_unobs_or_zero_occ_residues.auth_seq_id 
_pdbx_unobs_or_zero_occ_residues.PDB_ins_code 
_pdbx_unobs_or_zero_occ_residues.label_asym_id 
_pdbx_unobs_or_zero_occ_residues.label_comp_id 
_pdbx_unobs_or_zero_occ_residues.label_seq_id 
1 1 Y 1 A ASN 1  ? A ASN 1  
2 1 Y 1 A VAL 64 ? A VAL 64 
3 1 Y 1 B VAL 64 ? B VAL 64 
# 
loop_
_chem_comp_atom.comp_id 
_chem_comp_atom.atom_id 
_chem_comp_atom.type_symbol 
_chem_comp_atom.pdbx_aromatic_flag 
_chem_comp_atom.pdbx_stereo_config 
_chem_comp_atom.pdbx_ordinal 
ALA N    N N N 1   
ALA CA   C N S 2   
ALA C    C N N 3   
ALA O    O N N 4   
ALA CB   C N N 5   
ALA OXT  O N N 6   
ALA H    H N N 7   
ALA H2   H N N 8   
ALA HA   H N N 9   
ALA HB1  H N N 10  
ALA HB2  H N N 11  
ALA HB3  H N N 12  
ALA HXT  H N N 13  
ARG N    N N N 14  
ARG CA   C N S 15  
ARG C    C N N 16  
ARG O    O N N 17  
ARG CB   C N N 18  
ARG CG   C N N 19  
ARG CD   C N N 20  
ARG NE   N N N 21  
ARG CZ   C N N 22  
ARG NH1  N N N 23  
ARG NH2  N N N 24  
ARG OXT  O N N 25  
ARG H    H N N 26  
ARG H2   H N N 27  
ARG HA   H N N 28  
ARG HB2  H N N 29  
ARG HB3  H N N 30  
ARG HG2  H N N 31  
ARG HG3  H N N 32  
ARG HD2  H N N 33  
ARG HD3  H N N 34  
ARG HE   H N N 35  
ARG HH11 H N N 36  
ARG HH12 H N N 37  
ARG HH21 H N N 38  
ARG HH22 H N N 39  
ARG HXT  H N N 40  
ASN N    N N N 41  
ASN CA   C N S 42  
ASN C    C N N 43  
ASN O    O N N 44  
ASN CB   C N N 45  
ASN CG   C N N 46  
ASN OD1  O N N 47  
ASN ND2  N N N 48  
ASN OXT  O N N 49  
ASN H    H N N 50  
ASN H2   H N N 51  
ASN HA   H N N 52  
ASN HB2  H N N 53  
ASN HB3  H N N 54  
ASN HD21 H N N 55  
ASN HD22 H N N 56  
ASN HXT  H N N 57  
ASP N    N N N 58  
ASP CA   C N S 59  
ASP C    C N N 60  
ASP O    O N N 61  
ASP CB   C N N 62  
ASP CG   C N N 63  
ASP OD1  O N N 64  
ASP OD2  O N N 65  
ASP OXT  O N N 66  
ASP H    H N N 67  
ASP H2   H N N 68  
ASP HA   H N N 69  
ASP HB2  H N N 70  
ASP HB3  H N N 71  
ASP HD2  H N N 72  
ASP HXT  H N N 73  
CYS N    N N N 74  
CYS CA   C N R 75  
CYS C    C N N 76  
CYS O    O N N 77  
CYS CB   C N N 78  
CYS SG   S N N 79  
CYS OXT  O N N 80  
CYS H    H N N 81  
CYS H2   H N N 82  
CYS HA   H N N 83  
CYS HB2  H N N 84  
CYS HB3  H N N 85  
CYS HG   H N N 86  
CYS HXT  H N N 87  
GLN N    N N N 88  
GLN CA   C N S 89  
GLN C    C N N 90  
GLN O    O N N 91  
GLN CB   C N N 92  
GLN CG   C N N 93  
GLN CD   C N N 94  
GLN OE1  O N N 95  
GLN NE2  N N N 96  
GLN OXT  O N N 97  
GLN H    H N N 98  
GLN H2   H N N 99  
GLN HA   H N N 100 
GLN HB2  H N N 101 
GLN HB3  H N N 102 
GLN HG2  H N N 103 
GLN HG3  H N N 104 
GLN HE21 H N N 105 
GLN HE22 H N N 106 
GLN HXT  H N N 107 
GLU N    N N N 108 
GLU CA   C N S 109 
GLU C    C N N 110 
GLU O    O N N 111 
GLU CB   C N N 112 
GLU CG   C N N 113 
GLU CD   C N N 114 
GLU OE1  O N N 115 
GLU OE2  O N N 116 
GLU OXT  O N N 117 
GLU H    H N N 118 
GLU H2   H N N 119 
GLU HA   H N N 120 
GLU HB2  H N N 121 
GLU HB3  H N N 122 
GLU HG2  H N N 123 
GLU HG3  H N N 124 
GLU HE2  H N N 125 
GLU HXT  H N N 126 
GLY N    N N N 127 
GLY CA   C N N 128 
GLY C    C N N 129 
GLY O    O N N 130 
GLY OXT  O N N 131 
GLY H    H N N 132 
GLY H2   H N N 133 
GLY HA2  H N N 134 
GLY HA3  H N N 135 
GLY HXT  H N N 136 
HIS N    N N N 137 
HIS CA   C N S 138 
HIS C    C N N 139 
HIS O    O N N 140 
HIS CB   C N N 141 
HIS CG   C Y N 142 
HIS ND1  N Y N 143 
HIS CD2  C Y N 144 
HIS CE1  C Y N 145 
HIS NE2  N Y N 146 
HIS OXT  O N N 147 
HIS H    H N N 148 
HIS H2   H N N 149 
HIS HA   H N N 150 
HIS HB2  H N N 151 
HIS HB3  H N N 152 
HIS HD1  H N N 153 
HIS HD2  H N N 154 
HIS HE1  H N N 155 
HIS HE2  H N N 156 
HIS HXT  H N N 157 
HOH O    O N N 158 
HOH H1   H N N 159 
HOH H2   H N N 160 
ILE N    N N N 161 
ILE CA   C N S 162 
ILE C    C N N 163 
ILE O    O N N 164 
ILE CB   C N S 165 
ILE CG1  C N N 166 
ILE CG2  C N N 167 
ILE CD1  C N N 168 
ILE OXT  O N N 169 
ILE H    H N N 170 
ILE H2   H N N 171 
ILE HA   H N N 172 
ILE HB   H N N 173 
ILE HG12 H N N 174 
ILE HG13 H N N 175 
ILE HG21 H N N 176 
ILE HG22 H N N 177 
ILE HG23 H N N 178 
ILE HD11 H N N 179 
ILE HD12 H N N 180 
ILE HD13 H N N 181 
ILE HXT  H N N 182 
LEU N    N N N 183 
LEU CA   C N S 184 
LEU C    C N N 185 
LEU O    O N N 186 
LEU CB   C N N 187 
LEU CG   C N N 188 
LEU CD1  C N N 189 
LEU CD2  C N N 190 
LEU OXT  O N N 191 
LEU H    H N N 192 
LEU H2   H N N 193 
LEU HA   H N N 194 
LEU HB2  H N N 195 
LEU HB3  H N N 196 
LEU HG   H N N 197 
LEU HD11 H N N 198 
LEU HD12 H N N 199 
LEU HD13 H N N 200 
LEU HD21 H N N 201 
LEU HD22 H N N 202 
LEU HD23 H N N 203 
LEU HXT  H N N 204 
LYS N    N N N 205 
LYS CA   C N S 206 
LYS C    C N N 207 
LYS O    O N N 208 
LYS CB   C N N 209 
LYS CG   C N N 210 
LYS CD   C N N 211 
LYS CE   C N N 212 
LYS NZ   N N N 213 
LYS OXT  O N N 214 
LYS H    H N N 215 
LYS H2   H N N 216 
LYS HA   H N N 217 
LYS HB2  H N N 218 
LYS HB3  H N N 219 
LYS HG2  H N N 220 
LYS HG3  H N N 221 
LYS HD2  H N N 222 
LYS HD3  H N N 223 
LYS HE2  H N N 224 
LYS HE3  H N N 225 
LYS HZ1  H N N 226 
LYS HZ2  H N N 227 
LYS HZ3  H N N 228 
LYS HXT  H N N 229 
PHE N    N N N 230 
PHE CA   C N S 231 
PHE C    C N N 232 
PHE O    O N N 233 
PHE CB   C N N 234 
PHE CG   C Y N 235 
PHE CD1  C Y N 236 
PHE CD2  C Y N 237 
PHE CE1  C Y N 238 
PHE CE2  C Y N 239 
PHE CZ   C Y N 240 
PHE OXT  O N N 241 
PHE H    H N N 242 
PHE H2   H N N 243 
PHE HA   H N N 244 
PHE HB2  H N N 245 
PHE HB3  H N N 246 
PHE HD1  H N N 247 
PHE HD2  H N N 248 
PHE HE1  H N N 249 
PHE HE2  H N N 250 
PHE HZ   H N N 251 
PHE HXT  H N N 252 
PRO N    N N N 253 
PRO CA   C N S 254 
PRO C    C N N 255 
PRO O    O N N 256 
PRO CB   C N N 257 
PRO CG   C N N 258 
PRO CD   C N N 259 
PRO OXT  O N N 260 
PRO H    H N N 261 
PRO HA   H N N 262 
PRO HB2  H N N 263 
PRO HB3  H N N 264 
PRO HG2  H N N 265 
PRO HG3  H N N 266 
PRO HD2  H N N 267 
PRO HD3  H N N 268 
PRO HXT  H N N 269 
SER N    N N N 270 
SER CA   C N S 271 
SER C    C N N 272 
SER O    O N N 273 
SER CB   C N N 274 
SER OG   O N N 275 
SER OXT  O N N 276 
SER H    H N N 277 
SER H2   H N N 278 
SER HA   H N N 279 
SER HB2  H N N 280 
SER HB3  H N N 281 
SER HG   H N N 282 
SER HXT  H N N 283 
THR N    N N N 284 
THR CA   C N S 285 
THR C    C N N 286 
THR O    O N N 287 
THR CB   C N R 288 
THR OG1  O N N 289 
THR CG2  C N N 290 
THR OXT  O N N 291 
THR H    H N N 292 
THR H2   H N N 293 
THR HA   H N N 294 
THR HB   H N N 295 
THR HG1  H N N 296 
THR HG21 H N N 297 
THR HG22 H N N 298 
THR HG23 H N N 299 
THR HXT  H N N 300 
TYR N    N N N 301 
TYR CA   C N S 302 
TYR C    C N N 303 
TYR O    O N N 304 
TYR CB   C N N 305 
TYR CG   C Y N 306 
TYR CD1  C Y N 307 
TYR CD2  C Y N 308 
TYR CE1  C Y N 309 
TYR CE2  C Y N 310 
TYR CZ   C Y N 311 
TYR OH   O N N 312 
TYR OXT  O N N 313 
TYR H    H N N 314 
TYR H2   H N N 315 
TYR HA   H N N 316 
TYR HB2  H N N 317 
TYR HB3  H N N 318 
TYR HD1  H N N 319 
TYR HD2  H N N 320 
TYR HE1  H N N 321 
TYR HE2  H N N 322 
TYR HH   H N N 323 
TYR HXT  H N N 324 
VAL N    N N N 325 
VAL CA   C N S 326 
VAL C    C N N 327 
VAL O    O N N 328 
VAL CB   C N N 329 
VAL CG1  C N N 330 
VAL CG2  C N N 331 
VAL OXT  O N N 332 
VAL H    H N N 333 
VAL H2   H N N 334 
VAL HA   H N N 335 
VAL HB   H N N 336 
VAL HG11 H N N 337 
VAL HG12 H N N 338 
VAL HG13 H N N 339 
VAL HG21 H N N 340 
VAL HG22 H N N 341 
VAL HG23 H N N 342 
VAL HXT  H N N 343 
# 
loop_
_chem_comp_bond.comp_id 
_chem_comp_bond.atom_id_1 
_chem_comp_bond.atom_id_2 
_chem_comp_bond.value_order 
_chem_comp_bond.pdbx_aromatic_flag 
_chem_comp_bond.pdbx_stereo_config 
_chem_comp_bond.pdbx_ordinal 
ALA N   CA   sing N N 1   
ALA N   H    sing N N 2   
ALA N   H2   sing N N 3   
ALA CA  C    sing N N 4   
ALA CA  CB   sing N N 5   
ALA CA  HA   sing N N 6   
ALA C   O    doub N N 7   
ALA C   OXT  sing N N 8   
ALA CB  HB1  sing N N 9   
ALA CB  HB2  sing N N 10  
ALA CB  HB3  sing N N 11  
ALA OXT HXT  sing N N 12  
ARG N   CA   sing N N 13  
ARG N   H    sing N N 14  
ARG N   H2   sing N N 15  
ARG CA  C    sing N N 16  
ARG CA  CB   sing N N 17  
ARG CA  HA   sing N N 18  
ARG C   O    doub N N 19  
ARG C   OXT  sing N N 20  
ARG CB  CG   sing N N 21  
ARG CB  HB2  sing N N 22  
ARG CB  HB3  sing N N 23  
ARG CG  CD   sing N N 24  
ARG CG  HG2  sing N N 25  
ARG CG  HG3  sing N N 26  
ARG CD  NE   sing N N 27  
ARG CD  HD2  sing N N 28  
ARG CD  HD3  sing N N 29  
ARG NE  CZ   sing N N 30  
ARG NE  HE   sing N N 31  
ARG CZ  NH1  sing N N 32  
ARG CZ  NH2  doub N N 33  
ARG NH1 HH11 sing N N 34  
ARG NH1 HH12 sing N N 35  
ARG NH2 HH21 sing N N 36  
ARG NH2 HH22 sing N N 37  
ARG OXT HXT  sing N N 38  
ASN N   CA   sing N N 39  
ASN N   H    sing N N 40  
ASN N   H2   sing N N 41  
ASN CA  C    sing N N 42  
ASN CA  CB   sing N N 43  
ASN CA  HA   sing N N 44  
ASN C   O    doub N N 45  
ASN C   OXT  sing N N 46  
ASN CB  CG   sing N N 47  
ASN CB  HB2  sing N N 48  
ASN CB  HB3  sing N N 49  
ASN CG  OD1  doub N N 50  
ASN CG  ND2  sing N N 51  
ASN ND2 HD21 sing N N 52  
ASN ND2 HD22 sing N N 53  
ASN OXT HXT  sing N N 54  
ASP N   CA   sing N N 55  
ASP N   H    sing N N 56  
ASP N   H2   sing N N 57  
ASP CA  C    sing N N 58  
ASP CA  CB   sing N N 59  
ASP CA  HA   sing N N 60  
ASP C   O    doub N N 61  
ASP C   OXT  sing N N 62  
ASP CB  CG   sing N N 63  
ASP CB  HB2  sing N N 64  
ASP CB  HB3  sing N N 65  
ASP CG  OD1  doub N N 66  
ASP CG  OD2  sing N N 67  
ASP OD2 HD2  sing N N 68  
ASP OXT HXT  sing N N 69  
CYS N   CA   sing N N 70  
CYS N   H    sing N N 71  
CYS N   H2   sing N N 72  
CYS CA  C    sing N N 73  
CYS CA  CB   sing N N 74  
CYS CA  HA   sing N N 75  
CYS C   O    doub N N 76  
CYS C   OXT  sing N N 77  
CYS CB  SG   sing N N 78  
CYS CB  HB2  sing N N 79  
CYS CB  HB3  sing N N 80  
CYS SG  HG   sing N N 81  
CYS OXT HXT  sing N N 82  
GLN N   CA   sing N N 83  
GLN N   H    sing N N 84  
GLN N   H2   sing N N 85  
GLN CA  C    sing N N 86  
GLN CA  CB   sing N N 87  
GLN CA  HA   sing N N 88  
GLN C   O    doub N N 89  
GLN C   OXT  sing N N 90  
GLN CB  CG   sing N N 91  
GLN CB  HB2  sing N N 92  
GLN CB  HB3  sing N N 93  
GLN CG  CD   sing N N 94  
GLN CG  HG2  sing N N 95  
GLN CG  HG3  sing N N 96  
GLN CD  OE1  doub N N 97  
GLN CD  NE2  sing N N 98  
GLN NE2 HE21 sing N N 99  
GLN NE2 HE22 sing N N 100 
GLN OXT HXT  sing N N 101 
GLU N   CA   sing N N 102 
GLU N   H    sing N N 103 
GLU N   H2   sing N N 104 
GLU CA  C    sing N N 105 
GLU CA  CB   sing N N 106 
GLU CA  HA   sing N N 107 
GLU C   O    doub N N 108 
GLU C   OXT  sing N N 109 
GLU CB  CG   sing N N 110 
GLU CB  HB2  sing N N 111 
GLU CB  HB3  sing N N 112 
GLU CG  CD   sing N N 113 
GLU CG  HG2  sing N N 114 
GLU CG  HG3  sing N N 115 
GLU CD  OE1  doub N N 116 
GLU CD  OE2  sing N N 117 
GLU OE2 HE2  sing N N 118 
GLU OXT HXT  sing N N 119 
GLY N   CA   sing N N 120 
GLY N   H    sing N N 121 
GLY N   H2   sing N N 122 
GLY CA  C    sing N N 123 
GLY CA  HA2  sing N N 124 
GLY CA  HA3  sing N N 125 
GLY C   O    doub N N 126 
GLY C   OXT  sing N N 127 
GLY OXT HXT  sing N N 128 
HIS N   CA   sing N N 129 
HIS N   H    sing N N 130 
HIS N   H2   sing N N 131 
HIS CA  C    sing N N 132 
HIS CA  CB   sing N N 133 
HIS CA  HA   sing N N 134 
HIS C   O    doub N N 135 
HIS C   OXT  sing N N 136 
HIS CB  CG   sing N N 137 
HIS CB  HB2  sing N N 138 
HIS CB  HB3  sing N N 139 
HIS CG  ND1  sing Y N 140 
HIS CG  CD2  doub Y N 141 
HIS ND1 CE1  doub Y N 142 
HIS ND1 HD1  sing N N 143 
HIS CD2 NE2  sing Y N 144 
HIS CD2 HD2  sing N N 145 
HIS CE1 NE2  sing Y N 146 
HIS CE1 HE1  sing N N 147 
HIS NE2 HE2  sing N N 148 
HIS OXT HXT  sing N N 149 
HOH O   H1   sing N N 150 
HOH O   H2   sing N N 151 
ILE N   CA   sing N N 152 
ILE N   H    sing N N 153 
ILE N   H2   sing N N 154 
ILE CA  C    sing N N 155 
ILE CA  CB   sing N N 156 
ILE CA  HA   sing N N 157 
ILE C   O    doub N N 158 
ILE C   OXT  sing N N 159 
ILE CB  CG1  sing N N 160 
ILE CB  CG2  sing N N 161 
ILE CB  HB   sing N N 162 
ILE CG1 CD1  sing N N 163 
ILE CG1 HG12 sing N N 164 
ILE CG1 HG13 sing N N 165 
ILE CG2 HG21 sing N N 166 
ILE CG2 HG22 sing N N 167 
ILE CG2 HG23 sing N N 168 
ILE CD1 HD11 sing N N 169 
ILE CD1 HD12 sing N N 170 
ILE CD1 HD13 sing N N 171 
ILE OXT HXT  sing N N 172 
LEU N   CA   sing N N 173 
LEU N   H    sing N N 174 
LEU N   H2   sing N N 175 
LEU CA  C    sing N N 176 
LEU CA  CB   sing N N 177 
LEU CA  HA   sing N N 178 
LEU C   O    doub N N 179 
LEU C   OXT  sing N N 180 
LEU CB  CG   sing N N 181 
LEU CB  HB2  sing N N 182 
LEU CB  HB3  sing N N 183 
LEU CG  CD1  sing N N 184 
LEU CG  CD2  sing N N 185 
LEU CG  HG   sing N N 186 
LEU CD1 HD11 sing N N 187 
LEU CD1 HD12 sing N N 188 
LEU CD1 HD13 sing N N 189 
LEU CD2 HD21 sing N N 190 
LEU CD2 HD22 sing N N 191 
LEU CD2 HD23 sing N N 192 
LEU OXT HXT  sing N N 193 
LYS N   CA   sing N N 194 
LYS N   H    sing N N 195 
LYS N   H2   sing N N 196 
LYS CA  C    sing N N 197 
LYS CA  CB   sing N N 198 
LYS CA  HA   sing N N 199 
LYS C   O    doub N N 200 
LYS C   OXT  sing N N 201 
LYS CB  CG   sing N N 202 
LYS CB  HB2  sing N N 203 
LYS CB  HB3  sing N N 204 
LYS CG  CD   sing N N 205 
LYS CG  HG2  sing N N 206 
LYS CG  HG3  sing N N 207 
LYS CD  CE   sing N N 208 
LYS CD  HD2  sing N N 209 
LYS CD  HD3  sing N N 210 
LYS CE  NZ   sing N N 211 
LYS CE  HE2  sing N N 212 
LYS CE  HE3  sing N N 213 
LYS NZ  HZ1  sing N N 214 
LYS NZ  HZ2  sing N N 215 
LYS NZ  HZ3  sing N N 216 
LYS OXT HXT  sing N N 217 
PHE N   CA   sing N N 218 
PHE N   H    sing N N 219 
PHE N   H2   sing N N 220 
PHE CA  C    sing N N 221 
PHE CA  CB   sing N N 222 
PHE CA  HA   sing N N 223 
PHE C   O    doub N N 224 
PHE C   OXT  sing N N 225 
PHE CB  CG   sing N N 226 
PHE CB  HB2  sing N N 227 
PHE CB  HB3  sing N N 228 
PHE CG  CD1  doub Y N 229 
PHE CG  CD2  sing Y N 230 
PHE CD1 CE1  sing Y N 231 
PHE CD1 HD1  sing N N 232 
PHE CD2 CE2  doub Y N 233 
PHE CD2 HD2  sing N N 234 
PHE CE1 CZ   doub Y N 235 
PHE CE1 HE1  sing N N 236 
PHE CE2 CZ   sing Y N 237 
PHE CE2 HE2  sing N N 238 
PHE CZ  HZ   sing N N 239 
PHE OXT HXT  sing N N 240 
PRO N   CA   sing N N 241 
PRO N   CD   sing N N 242 
PRO N   H    sing N N 243 
PRO CA  C    sing N N 244 
PRO CA  CB   sing N N 245 
PRO CA  HA   sing N N 246 
PRO C   O    doub N N 247 
PRO C   OXT  sing N N 248 
PRO CB  CG   sing N N 249 
PRO CB  HB2  sing N N 250 
PRO CB  HB3  sing N N 251 
PRO CG  CD   sing N N 252 
PRO CG  HG2  sing N N 253 
PRO CG  HG3  sing N N 254 
PRO CD  HD2  sing N N 255 
PRO CD  HD3  sing N N 256 
PRO OXT HXT  sing N N 257 
SER N   CA   sing N N 258 
SER N   H    sing N N 259 
SER N   H2   sing N N 260 
SER CA  C    sing N N 261 
SER CA  CB   sing N N 262 
SER CA  HA   sing N N 263 
SER C   O    doub N N 264 
SER C   OXT  sing N N 265 
SER CB  OG   sing N N 266 
SER CB  HB2  sing N N 267 
SER CB  HB3  sing N N 268 
SER OG  HG   sing N N 269 
SER OXT HXT  sing N N 270 
THR N   CA   sing N N 271 
THR N   H    sing N N 272 
THR N   H2   sing N N 273 
THR CA  C    sing N N 274 
THR CA  CB   sing N N 275 
THR CA  HA   sing N N 276 
THR C   O    doub N N 277 
THR C   OXT  sing N N 278 
THR CB  OG1  sing N N 279 
THR CB  CG2  sing N N 280 
THR CB  HB   sing N N 281 
THR OG1 HG1  sing N N 282 
THR CG2 HG21 sing N N 283 
THR CG2 HG22 sing N N 284 
THR CG2 HG23 sing N N 285 
THR OXT HXT  sing N N 286 
TYR N   CA   sing N N 287 
TYR N   H    sing N N 288 
TYR N   H2   sing N N 289 
TYR CA  C    sing N N 290 
TYR CA  CB   sing N N 291 
TYR CA  HA   sing N N 292 
TYR C   O    doub N N 293 
TYR C   OXT  sing N N 294 
TYR CB  CG   sing N N 295 
TYR CB  HB2  sing N N 296 
TYR CB  HB3  sing N N 297 
TYR CG  CD1  doub Y N 298 
TYR CG  CD2  sing Y N 299 
TYR CD1 CE1  sing Y N 300 
TYR CD1 HD1  sing N N 301 
TYR CD2 CE2  doub Y N 302 
TYR CD2 HD2  sing N N 303 
TYR CE1 CZ   doub Y N 304 
TYR CE1 HE1  sing N N 305 
TYR CE2 CZ   sing Y N 306 
TYR CE2 HE2  sing N N 307 
TYR CZ  OH   sing N N 308 
TYR OH  HH   sing N N 309 
TYR OXT HXT  sing N N 310 
VAL N   CA   sing N N 311 
VAL N   H    sing N N 312 
VAL N   H2   sing N N 313 
VAL CA  C    sing N N 314 
VAL CA  CB   sing N N 315 
VAL CA  HA   sing N N 316 
VAL C   O    doub N N 317 
VAL C   OXT  sing N N 318 
VAL CB  CG1  sing N N 319 
VAL CB  CG2  sing N N 320 
VAL CB  HB   sing N N 321 
VAL CG1 HG11 sing N N 322 
VAL CG1 HG12 sing N N 323 
VAL CG1 HG13 sing N N 324 
VAL CG2 HG21 sing N N 325 
VAL CG2 HG22 sing N N 326 
VAL CG2 HG23 sing N N 327 
VAL OXT HXT  sing N N 328 
# 
_pdbx_initial_refinement_model.id               1 
_pdbx_initial_refinement_model.entity_id_list   ? 
_pdbx_initial_refinement_model.type             'experimental model' 
_pdbx_initial_refinement_model.source_name      PDB 
_pdbx_initial_refinement_model.accession_code   1RMR 
_pdbx_initial_refinement_model.details          ? 
# 
_atom_sites.entry_id                    1TEJ 
_atom_sites.fract_transf_matrix[1][1]   -0.00385721 
_atom_sites.fract_transf_matrix[1][2]   0.00814349 
_atom_sites.fract_transf_matrix[1][3]   -0.00634917 
_atom_sites.fract_transf_matrix[2][1]   -0.00988783 
_atom_sites.fract_transf_matrix[2][2]   -0.00486644 
_atom_sites.fract_transf_matrix[2][3]   -0.00023473 
_atom_sites.fract_transf_matrix[3][1]   -0.00486714 
_atom_sites.fract_transf_matrix[3][2]   0.00917877 
_atom_sites.fract_transf_matrix[3][3]   0.01472962 
_atom_sites.fract_transf_vector[1]      -0.245096 
_atom_sites.fract_transf_vector[2]      0.246852 
_atom_sites.fract_transf_vector[3]      0.580557 
# 
loop_
_atom_type.symbol 
C 
N 
O 
S 
# 
loop_
_atom_site.group_PDB 
_atom_site.id 
_atom_site.type_symbol 
_atom_site.label_atom_id 
_atom_site.label_alt_id 
_atom_site.label_comp_id 
_atom_site.label_asym_id 
_atom_site.label_entity_id 
_atom_site.label_seq_id 
_atom_site.pdbx_PDB_ins_code 
_atom_site.Cartn_x 
_atom_site.Cartn_y 
_atom_site.Cartn_z 
_atom_site.occupancy 
_atom_site.B_iso_or_equiv 
_atom_site.pdbx_formal_charge 
_atom_site.auth_seq_id 
_atom_site.auth_comp_id 
_atom_site.auth_asym_id 
_atom_site.auth_atom_id 
_atom_site.pdbx_PDB_model_num 
ATOM   1    N N   . SER A 1 2  ? 1.208   -5.848  -20.462 1.00 61.59 ? 2   SER A N   1 
ATOM   2    C CA  . SER A 1 2  ? 2.581   -5.400  -20.072 1.00 60.64 ? 2   SER A CA  1 
ATOM   3    C C   . SER A 1 2  ? 2.752   -5.347  -18.553 1.00 59.20 ? 2   SER A C   1 
ATOM   4    O O   . SER A 1 2  ? 1.799   -5.556  -17.799 1.00 58.90 ? 2   SER A O   1 
ATOM   5    C CB  . SER A 1 2  ? 2.855   -4.015  -20.657 1.00 61.34 ? 2   SER A CB  1 
ATOM   6    O OG  . SER A 1 2  ? 1.935   -3.070  -20.119 1.00 67.45 ? 2   SER A OG  1 
ATOM   7    N N   . VAL A 1 3  ? 3.981   -5.080  -18.122 1.00 55.08 ? 3   VAL A N   1 
ATOM   8    C CA  . VAL A 1 3  ? 4.266   -4.619  -16.770 1.00 56.00 ? 3   VAL A CA  1 
ATOM   9    C C   . VAL A 1 3  ? 4.697   -3.150  -16.803 1.00 54.98 ? 3   VAL A C   1 
ATOM   10   O O   . VAL A 1 3  ? 5.428   -2.742  -17.713 1.00 52.54 ? 3   VAL A O   1 
ATOM   11   C CB  . VAL A 1 3  ? 5.408   -5.448  -16.150 1.00 56.88 ? 3   VAL A CB  1 
ATOM   12   N N   . ASN A 1 4  ? 4.179   -2.343  -15.873 1.00 54.25 ? 4   ASN A N   1 
ATOM   13   C CA  . ASN A 1 4  ? 4.568   -0.927  -15.769 1.00 52.83 ? 4   ASN A CA  1 
ATOM   14   C C   . ASN A 1 4  ? 6.042   -0.852  -15.368 1.00 50.84 ? 4   ASN A C   1 
ATOM   15   O O   . ASN A 1 4  ? 6.488   -1.660  -14.555 1.00 49.16 ? 4   ASN A O   1 
ATOM   16   C CB  . ASN A 1 4  ? 3.702   -0.194  -14.722 1.00 54.58 ? 4   ASN A CB  1 
ATOM   17   C CG  . ASN A 1 4  ? 4.196   1.226   -14.425 1.00 53.67 ? 4   ASN A CG  1 
ATOM   18   O OD1 . ASN A 1 4  ? 5.385   1.446   -14.193 1.00 51.31 ? 4   ASN A OD1 1 
ATOM   19   N ND2 . ASN A 1 4  ? 3.283   2.199   -14.447 1.00 64.08 ? 4   ASN A ND2 1 
ATOM   20   N N   . PRO A 1 5  ? 6.799   0.105   -15.912 1.00 48.79 ? 5   PRO A N   1 
ATOM   21   C CA  . PRO A 1 5  ? 8.260   0.125   -15.715 1.00 43.94 ? 5   PRO A CA  1 
ATOM   22   C C   . PRO A 1 5  ? 8.715   0.338   -14.268 1.00 40.46 ? 5   PRO A C   1 
ATOM   23   O O   . PRO A 1 5  ? 9.856   0.011   -13.944 1.00 38.43 ? 5   PRO A O   1 
ATOM   24   C CB  . PRO A 1 5  ? 8.753   1.276   -16.614 1.00 49.19 ? 5   PRO A CB  1 
ATOM   25   C CG  . PRO A 1 5  ? 7.553   1.741   -17.437 1.00 49.40 ? 5   PRO A CG  1 
ATOM   26   C CD  . PRO A 1 5  ? 6.313   1.181   -16.796 1.00 51.94 ? 5   PRO A CD  1 
ATOM   27   N N   . CYS A 1 6  ? 7.812   0.790   -13.394 1.00 33.27 ? 6   CYS A N   1 
ATOM   28   C CA  . CYS A 1 6  ? 8.118   1.027   -11.982 1.00 33.39 ? 6   CYS A CA  1 
ATOM   29   C C   . CYS A 1 6  ? 7.914   -0.227  -11.098 1.00 35.65 ? 6   CYS A C   1 
ATOM   30   O O   . CYS A 1 6  ? 8.483   -0.332  -10.008 1.00 34.12 ? 6   CYS A O   1 
ATOM   31   C CB  . CYS A 1 6  ? 7.210   2.160   -11.459 1.00 33.99 ? 6   CYS A CB  1 
ATOM   32   S SG  . CYS A 1 6  ? 7.397   3.730   -12.369 1.00 35.84 ? 6   CYS A SG  1 
ATOM   33   N N   . CYS A 1 7  ? 7.146   -1.188  -11.602 1.00 34.44 ? 7   CYS A N   1 
ATOM   34   C CA  . CYS A 1 7  ? 6.727   -2.356  -10.810 1.00 36.11 ? 7   CYS A CA  1 
ATOM   35   C C   . CYS A 1 7  ? 7.766   -3.487  -10.742 1.00 36.33 ? 7   CYS A C   1 
ATOM   36   O O   . CYS A 1 7  ? 8.208   -3.977  -11.785 1.00 35.52 ? 7   CYS A O   1 
ATOM   37   C CB  . CYS A 1 7  ? 5.447   -2.934  -11.414 1.00 33.76 ? 7   CYS A CB  1 
ATOM   38   S SG  . CYS A 1 7  ? 4.664   -4.248  -10.421 1.00 37.33 ? 7   CYS A SG  1 
ATOM   39   N N   . ASP A 1 8  ? 7.991   -4.020  -9.538  1.00 37.96 ? 8   ASP A N   1 
ATOM   40   C CA  . ASP A 1 8  ? 8.560   -5.369  -9.370  1.00 40.47 ? 8   ASP A CA  1 
ATOM   41   C C   . ASP A 1 8  ? 7.445   -6.412  -9.214  1.00 40.48 ? 8   ASP A C   1 
ATOM   42   O O   . ASP A 1 8  ? 6.797   -6.449  -8.187  1.00 41.59 ? 8   ASP A O   1 
ATOM   43   C CB  . ASP A 1 8  ? 9.448   -5.430  -8.122  1.00 41.08 ? 8   ASP A CB  1 
ATOM   44   C CG  . ASP A 1 8  ? 9.933   -6.855  -7.808  1.00 49.12 ? 8   ASP A CG  1 
ATOM   45   O OD1 . ASP A 1 8  ? 10.808  -7.014  -6.939  1.00 48.00 ? 8   ASP A OD1 1 
ATOM   46   O OD2 . ASP A 1 8  ? 9.497   -7.870  -8.382  1.00 51.65 ? 8   ASP A OD2 1 
ATOM   47   N N   . PRO A 1 9  ? 7.178   -7.203  -10.249 1.00 41.38 ? 9   PRO A N   1 
ATOM   48   C CA  . PRO A 1 9  ? 5.947   -7.998  -10.319 1.00 45.22 ? 9   PRO A CA  1 
ATOM   49   C C   . PRO A 1 9  ? 6.022   -9.309  -9.525  1.00 48.49 ? 9   PRO A C   1 
ATOM   50   O O   . PRO A 1 9  ? 4.992   -9.969  -9.371  1.00 48.24 ? 9   PRO A O   1 
ATOM   51   C CB  . PRO A 1 9  ? 5.812   -8.286  -11.815 1.00 44.35 ? 9   PRO A CB  1 
ATOM   52   C CG  . PRO A 1 9  ? 7.216   -8.345  -12.299 1.00 46.18 ? 9   PRO A CG  1 
ATOM   53   C CD  . PRO A 1 9  ? 8.011   -7.378  -11.448 1.00 41.49 ? 9   PRO A CD  1 
ATOM   54   N N   . VAL A 1 10 ? 7.170   -9.581  -8.908  1.00 50.22 ? 10  VAL A N   1 
ATOM   55   C CA  . VAL A 1 10 ? 7.337   -10.739 -8.038  1.00 56.10 ? 10  VAL A CA  1 
ATOM   56   C C   . VAL A 1 10 ? 6.909   -10.350 -6.634  1.00 57.36 ? 10  VAL A C   1 
ATOM   57   O O   . VAL A 1 10 ? 6.142   -11.055 -5.978  1.00 59.97 ? 10  VAL A O   1 
ATOM   58   C CB  . VAL A 1 10 ? 8.812   -11.199 -7.998  1.00 55.85 ? 10  VAL A CB  1 
ATOM   59   C CG1 . VAL A 1 10 ? 9.097   -12.004 -6.738  1.00 61.27 ? 10  VAL A CG1 1 
ATOM   60   C CG2 . VAL A 1 10 ? 9.151   -11.999 -9.234  1.00 57.93 ? 10  VAL A CG2 1 
ATOM   61   N N   . ILE A 1 11 ? 7.246   -9.122  -6.262  1.00 57.62 ? 11  ILE A N   1 
ATOM   62   C CA  . ILE A 1 11 ? 6.823   -8.575  -4.985  1.00 56.14 ? 11  ILE A CA  1 
ATOM   63   C C   . ILE A 1 11 ? 5.501   -7.807  -5.072  1.00 52.48 ? 11  ILE A C   1 
ATOM   64   O O   . ILE A 1 11 ? 4.832   -7.608  -4.070  1.00 52.58 ? 11  ILE A O   1 
ATOM   65   C CB  . ILE A 1 11 ? 7.936   -7.688  -4.411  1.00 56.62 ? 11  ILE A CB  1 
ATOM   66   C CG1 . ILE A 1 11 ? 9.135   -8.546  -4.006  1.00 56.68 ? 11  ILE A CG1 1 
ATOM   67   C CG2 . ILE A 1 11 ? 7.409   -6.866  -3.259  1.00 61.74 ? 11  ILE A CG2 1 
ATOM   68   C CD1 . ILE A 1 11 ? 10.283  -7.766  -3.405  1.00 63.98 ? 11  ILE A CD1 1 
ATOM   69   N N   . CYS A 1 12 ? 5.120   -7.365  -6.264  1.00 47.83 ? 12  CYS A N   1 
ATOM   70   C CA  . CYS A 1 12 ? 4.089   -6.327  -6.379  1.00 44.19 ? 12  CYS A CA  1 
ATOM   71   C C   . CYS A 1 12 ? 4.394   -5.105  -5.522  1.00 41.79 ? 12  CYS A C   1 
ATOM   72   O O   . CYS A 1 12 ? 3.506   -4.576  -4.856  1.00 42.42 ? 12  CYS A O   1 
ATOM   73   C CB  . CYS A 1 12 ? 2.688   -6.857  -6.032  1.00 39.32 ? 12  CYS A CB  1 
ATOM   74   S SG  . CYS A 1 12 ? 1.401   -6.545  -7.262  1.00 40.52 ? 12  CYS A SG  1 
ATOM   75   N N   . LYS A 1 13 ? 5.627   -4.610  -5.593  1.00 41.30 ? 13  LYS A N   1 
ATOM   76   C CA  . LYS A 1 13 ? 5.943   -3.280  -5.064  1.00 40.86 ? 13  LYS A CA  1 
ATOM   77   C C   . LYS A 1 13 ? 6.786   -2.502  -6.066  1.00 36.98 ? 13  LYS A C   1 
ATOM   78   O O   . LYS A 1 13 ? 7.373   -3.098  -6.963  1.00 35.97 ? 13  LYS A O   1 
ATOM   79   C CB  . LYS A 1 13 ? 6.753   -3.411  -3.768  1.00 41.85 ? 13  LYS A CB  1 
ATOM   80   C CG  . LYS A 1 13 ? 5.930   -3.859  -2.568  1.00 54.96 ? 13  LYS A CG  1 
ATOM   81   C CD  . LYS A 1 13 ? 6.834   -4.400  -1.455  1.00 65.74 ? 13  LYS A CD  1 
ATOM   82   C CE  . LYS A 1 13 ? 8.153   -3.632  -1.371  1.00 66.47 ? 13  LYS A CE  1 
ATOM   83   N NZ  . LYS A 1 13 ? 9.300   -4.433  -1.896  1.00 70.53 ? 13  LYS A NZ  1 
ATOM   84   N N   . PRO A 1 14 ? 6.981   -1.207  -5.822  1.00 38.32 ? 14  PRO A N   1 
ATOM   85   C CA  . PRO A 1 14 ? 7.955   -0.442  -6.607  1.00 36.88 ? 14  PRO A CA  1 
ATOM   86   C C   . PRO A 1 14 ? 9.340   -1.083  -6.531  1.00 39.18 ? 14  PRO A C   1 
ATOM   87   O O   . PRO A 1 14 ? 9.742   -1.602  -5.480  1.00 38.85 ? 14  PRO A O   1 
ATOM   88   C CB  . PRO A 1 14 ? 7.931   0.938   -5.938  1.00 37.34 ? 14  PRO A CB  1 
ATOM   89   C CG  . PRO A 1 14 ? 6.523   1.013   -5.263  1.00 34.85 ? 14  PRO A CG  1 
ATOM   90   C CD  . PRO A 1 14 ? 6.368   -0.400  -4.747  1.00 37.74 ? 14  PRO A CD  1 
ATOM   91   N N   . ARG A 1 15 ? 10.051  -1.065  -7.651  1.00 39.73 ? 15  ARG A N   1 
ATOM   92   C CA  . ARG A 1 15 ? 11.398  -1.616  -7.718  1.00 42.70 ? 15  ARG A CA  1 
ATOM   93   C C   . ARG A 1 15 ? 12.390  -0.935  -6.790  1.00 46.24 ? 15  ARG A C   1 
ATOM   94   O O   . ARG A 1 15 ? 12.219  0.226   -6.393  1.00 39.28 ? 15  ARG A O   1 
ATOM   95   C CB  . ARG A 1 15 ? 11.930  -1.566  -9.147  1.00 45.92 ? 15  ARG A CB  1 
ATOM   96   C CG  . ARG A 1 15 ? 11.231  -2.500  -10.105 1.00 49.33 ? 15  ARG A CG  1 
ATOM   97   C CD  . ARG A 1 15 ? 11.382  -2.078  -11.561 1.00 68.41 ? 15  ARG A CD  1 
ATOM   98   N NE  . ARG A 1 15 ? 12.524  -2.718  -12.213 1.00 79.84 ? 15  ARG A NE  1 
ATOM   99   C CZ  . ARG A 1 15 ? 13.604  -2.072  -12.643 1.00 85.62 ? 15  ARG A CZ  1 
ATOM   100  N NH1 . ARG A 1 15 ? 14.587  -2.737  -13.242 1.00 83.69 ? 15  ARG A NH1 1 
ATOM   101  N NH2 . ARG A 1 15 ? 13.719  -0.762  -12.449 1.00 90.51 ? 15  ARG A NH2 1 
ATOM   102  N N   . ASP A 1 16 ? 13.464  -1.661  -6.491  1.00 48.49 ? 16  ASP A N   1 
ATOM   103  C CA  . ASP A 1 16 ? 14.502  -1.171  -5.590  1.00 52.49 ? 16  ASP A CA  1 
ATOM   104  C C   . ASP A 1 16 ? 14.958  0.220   -6.012  1.00 49.88 ? 16  ASP A C   1 
ATOM   105  O O   . ASP A 1 16 ? 15.184  0.465   -7.187  1.00 50.21 ? 16  ASP A O   1 
ATOM   106  C CB  . ASP A 1 16 ? 15.700  -2.123  -5.615  1.00 55.29 ? 16  ASP A CB  1 
ATOM   107  C CG  . ASP A 1 16 ? 16.241  -2.408  -4.233  1.00 64.67 ? 16  ASP A CG  1 
ATOM   108  O OD1 . ASP A 1 16 ? 15.419  -2.584  -3.304  1.00 73.40 ? 16  ASP A OD1 1 
ATOM   109  O OD2 . ASP A 1 16 ? 17.467  -2.488  -3.992  1.00 74.98 ? 16  ASP A OD2 1 
ATOM   110  N N   . GLY A 1 17 ? 14.991  1.152   -5.067  1.00 52.28 ? 17  GLY A N   1 
ATOM   111  C CA  . GLY A 1 17 ? 15.364  2.521   -5.379  1.00 51.40 ? 17  GLY A CA  1 
ATOM   112  C C   . GLY A 1 17 ? 14.214  3.432   -5.791  1.00 51.69 ? 17  GLY A C   1 
ATOM   113  O O   . GLY A 1 17 ? 14.412  4.646   -5.920  1.00 53.48 ? 17  GLY A O   1 
ATOM   114  N N   . GLU A 1 18 ? 13.019  2.878   -6.001  1.00 46.77 ? 18  GLU A N   1 
ATOM   115  C CA  . GLU A 1 18 ? 11.893  3.698   -6.461  1.00 41.09 ? 18  GLU A CA  1 
ATOM   116  C C   . GLU A 1 18 ? 10.875  3.924   -5.344  1.00 39.89 ? 18  GLU A C   1 
ATOM   117  O O   . GLU A 1 18 ? 10.997  3.326   -4.278  1.00 40.30 ? 18  GLU A O   1 
ATOM   118  C CB  . GLU A 1 18 ? 11.222  3.078   -7.687  1.00 39.21 ? 18  GLU A CB  1 
ATOM   119  C CG  . GLU A 1 18 ? 12.160  2.673   -8.816  1.00 41.84 ? 18  GLU A CG  1 
ATOM   120  C CD  . GLU A 1 18 ? 12.910  3.845   -9.424  1.00 48.26 ? 18  GLU A CD  1 
ATOM   121  O OE1 . GLU A 1 18 ? 12.469  4.997   -9.249  1.00 42.73 ? 18  GLU A OE1 1 
ATOM   122  O OE2 . GLU A 1 18 ? 13.930  3.613   -10.106 1.00 47.13 ? 18  GLU A OE2 1 
ATOM   123  N N   . HIS A 1 19 ? 9.899   4.807   -5.573  1.00 36.38 ? 19  HIS A N   1 
ATOM   124  C CA  . HIS A 1 19 ? 9.016   5.284   -4.504  1.00 35.38 ? 19  HIS A CA  1 
ATOM   125  C C   . HIS A 1 19 ? 7.591   4.770   -4.739  1.00 33.37 ? 19  HIS A C   1 
ATOM   126  O O   . HIS A 1 19 ? 6.823   4.605   -3.777  1.00 32.27 ? 19  HIS A O   1 
ATOM   127  C CB  . HIS A 1 19 ? 8.922   6.835   -4.506  1.00 35.60 ? 19  HIS A CB  1 
ATOM   128  C CG  . HIS A 1 19 ? 10.157  7.558   -4.061  1.00 41.34 ? 19  HIS A CG  1 
ATOM   129  N ND1 . HIS A 1 19 ? 11.240  6.927   -3.482  1.00 47.78 ? 19  HIS A ND1 1 
ATOM   130  C CD2 . HIS A 1 19 ? 10.445  8.886   -4.046  1.00 35.59 ? 19  HIS A CD2 1 
ATOM   131  C CE1 . HIS A 1 19 ? 12.188  7.820   -3.241  1.00 41.14 ? 19  HIS A CE1 1 
ATOM   132  N NE2 . HIS A 1 19 ? 11.727  9.016   -3.566  1.00 51.82 ? 19  HIS A NE2 1 
ATOM   133  N N   . CYS A 1 20 ? 7.172   4.833   -6.007  1.00 30.68 ? 20  CYS A N   1 
ATOM   134  C CA  . CYS A 1 20 ? 5.761   4.795   -6.395  1.00 32.15 ? 20  CYS A CA  1 
ATOM   135  C C   . CYS A 1 20 ? 5.593   4.262   -7.825  1.00 31.78 ? 20  CYS A C   1 
ATOM   136  O O   . CYS A 1 20 ? 6.580   4.144   -8.572  1.00 34.64 ? 20  CYS A O   1 
ATOM   137  C CB  . CYS A 1 20 ? 5.080   6.170   -6.235  1.00 31.05 ? 20  CYS A CB  1 
ATOM   138  S SG  . CYS A 1 20 ? 5.910   7.547   -7.123  1.00 32.56 ? 20  CYS A SG  1 
ATOM   139  N N   . ILE A 1 21 ? 4.349   3.965   -8.203  1.00 33.52 ? 21  ILE A N   1 
ATOM   140  C CA  . ILE A 1 21 ? 4.017   3.454   -9.534  1.00 33.74 ? 21  ILE A CA  1 
ATOM   141  C C   . ILE A 1 21 ? 3.377   4.508   -10.446 1.00 36.15 ? 21  ILE A C   1 
ATOM   142  O O   . ILE A 1 21 ? 3.865   4.759   -11.553 1.00 34.46 ? 21  ILE A O   1 
ATOM   143  C CB  . ILE A 1 21 ? 3.076   2.224   -9.403  1.00 34.74 ? 21  ILE A CB  1 
ATOM   144  C CG1 . ILE A 1 21 ? 3.669   1.198   -8.424  1.00 33.88 ? 21  ILE A CG1 1 
ATOM   145  C CG2 . ILE A 1 21 ? 2.728   1.636   -10.771 1.00 35.08 ? 21  ILE A CG2 1 
ATOM   146  C CD1 . ILE A 1 21 ? 4.926   0.493   -8.914  1.00 37.06 ? 21  ILE A CD1 1 
ATOM   147  N N   . SER A 1 22 ? 2.240   5.052   -10.017 1.00 32.59 ? 22  SER A N   1 
ATOM   148  C CA  . SER A 1 22 ? 1.517   6.049   -10.790 1.00 38.10 ? 22  SER A CA  1 
ATOM   149  C C   . SER A 1 22 ? 0.725   6.948   -9.841  1.00 34.77 ? 22  SER A C   1 
ATOM   150  O O   . SER A 1 22 ? 0.751   6.748   -8.628  1.00 36.78 ? 22  SER A O   1 
ATOM   151  C CB  . SER A 1 22 ? 0.583   5.355   -11.790 1.00 38.52 ? 22  SER A CB  1 
ATOM   152  O OG  . SER A 1 22 ? -0.300  4.499   -11.090 1.00 46.47 ? 22  SER A OG  1 
ATOM   153  N N   . GLY A 1 23 ? 0.004   7.929   -10.373 1.00 35.14 ? 23  GLY A N   1 
ATOM   154  C CA  . GLY A 1 23 ? -0.745  8.832   -9.509  1.00 32.48 ? 23  GLY A CA  1 
ATOM   155  C C   . GLY A 1 23 ? -0.331  10.273  -9.748  1.00 31.93 ? 23  GLY A C   1 
ATOM   156  O O   . GLY A 1 23 ? 0.656   10.495  -10.423 1.00 31.74 ? 23  GLY A O   1 
ATOM   157  N N   . PRO A 1 24 ? -1.201  11.228  -9.422  1.00 29.63 ? 24  PRO A N   1 
ATOM   158  C CA  . PRO A 1 24 ? -0.951  12.631  -9.771  1.00 31.80 ? 24  PRO A CA  1 
ATOM   159  C C   . PRO A 1 24 ? 0.348   13.130  -9.129  1.00 30.49 ? 24  PRO A C   1 
ATOM   160  O O   . PRO A 1 24 ? 0.898   14.084  -9.661  1.00 31.48 ? 24  PRO A O   1 
ATOM   161  C CB  . PRO A 1 24 ? -2.143  13.391  -9.181  1.00 27.94 ? 24  PRO A CB  1 
ATOM   162  C CG  . PRO A 1 24 ? -3.007  12.360  -8.457  1.00 30.87 ? 24  PRO A CG  1 
ATOM   163  C CD  . PRO A 1 24 ? -2.552  10.993  -8.878  1.00 33.16 ? 24  PRO A CD  1 
ATOM   164  N N   . CYS A 1 25 ? 0.746   12.572  -7.979  1.00 26.97 ? 25  CYS A N   1 
ATOM   165  C CA  . CYS A 1 25 ? 1.970   12.986  -7.274  1.00 26.14 ? 25  CYS A CA  1 
ATOM   166  C C   . CYS A 1 25 ? 3.118   11.975  -7.370  1.00 28.08 ? 25  CYS A C   1 
ATOM   167  O O   . CYS A 1 25 ? 4.018   11.961  -6.518  1.00 27.29 ? 25  CYS A O   1 
ATOM   168  C CB  . CYS A 1 25 ? 1.653   13.373  -5.807  1.00 28.74 ? 25  CYS A CB  1 
ATOM   169  S SG  . CYS A 1 25 ? 0.609   14.862  -5.639  1.00 29.06 ? 25  CYS A SG  1 
ATOM   170  N N   . CYS A 1 26 ? 3.158   11.251  -8.494  1.00 28.29 ? 26  CYS A N   1 
ATOM   171  C CA  . CYS A 1 26 ? 4.235   10.326  -8.856  1.00 31.37 ? 26  CYS A CA  1 
ATOM   172  C C   . CYS A 1 26 ? 4.701   10.703  -10.271 1.00 31.26 ? 26  CYS A C   1 
ATOM   173  O O   . CYS A 1 26 ? 3.866   10.955  -11.138 1.00 35.15 ? 26  CYS A O   1 
ATOM   174  C CB  . CYS A 1 26 ? 3.728   8.862   -8.875  1.00 30.90 ? 26  CYS A CB  1 
ATOM   175  S SG  . CYS A 1 26 ? 5.027   7.589   -8.989  1.00 35.70 ? 26  CYS A SG  1 
ATOM   176  N N   . ASN A 1 27 ? 6.010   10.724  -10.501 1.00 31.58 ? 27  ASN A N   1 
ATOM   177  C CA  . ASN A 1 27 ? 6.575   11.005  -11.837 1.00 33.86 ? 27  ASN A CA  1 
ATOM   178  C C   . ASN A 1 27 ? 7.914   10.270  -11.969 1.00 33.10 ? 27  ASN A C   1 
ATOM   179  O O   . ASN A 1 27 ? 8.740   10.271  -11.047 1.00 30.07 ? 27  ASN A O   1 
ATOM   180  C CB  . ASN A 1 27 ? 6.649   12.557  -12.004 1.00 34.13 ? 27  ASN A CB  1 
ATOM   181  C CG  . ASN A 1 27 ? 7.454   13.062  -13.214 1.00 44.81 ? 27  ASN A CG  1 
ATOM   182  O OD1 . ASN A 1 27 ? 8.008   12.299  -13.999 1.00 47.66 ? 27  ASN A OD1 1 
ATOM   183  N ND2 . ASN A 1 27 ? 7.485   14.406  -13.376 1.00 44.91 ? 27  ASN A ND2 1 
ATOM   184  N N   . ASN A 1 28 ? 8.004   9.434   -12.999 1.00 35.09 ? 28  ASN A N   1 
ATOM   185  C CA  . ASN A 1 28 ? 9.136   8.531   -13.159 1.00 36.70 ? 28  ASN A CA  1 
ATOM   186  C C   . ASN A 1 28 ? 9.428   7.664   -11.932 1.00 35.10 ? 28  ASN A C   1 
ATOM   187  O O   . ASN A 1 28 ? 10.587  7.495   -11.546 1.00 32.46 ? 28  ASN A O   1 
ATOM   188  C CB  . ASN A 1 28 ? 10.389  9.316   -13.578 1.00 39.27 ? 28  ASN A CB  1 
ATOM   189  C CG  . ASN A 1 28 ? 10.185  10.087  -14.879 1.00 47.57 ? 28  ASN A CG  1 
ATOM   190  O OD1 . ASN A 1 28 ? 9.673   9.548   -15.864 1.00 56.55 ? 28  ASN A OD1 1 
ATOM   191  N ND2 . ASN A 1 28 ? 10.519  11.375  -14.864 1.00 58.19 ? 28  ASN A ND2 1 
ATOM   192  N N   . CYS A 1 29 ? 8.385   7.099   -11.321 1.00 34.01 ? 29  CYS A N   1 
ATOM   193  C CA  . CYS A 1 29 ? 8.567   6.184   -10.183 1.00 30.30 ? 29  CYS A CA  1 
ATOM   194  C C   . CYS A 1 29 ? 9.007   6.864   -8.872  1.00 34.81 ? 29  CYS A C   1 
ATOM   195  O O   . CYS A 1 29 ? 9.249   6.177   -7.870  1.00 32.83 ? 29  CYS A O   1 
ATOM   196  C CB  . CYS A 1 29 ? 9.561   5.074   -10.504 1.00 32.79 ? 29  CYS A CB  1 
ATOM   197  S SG  . CYS A 1 29 ? 9.350   4.241   -12.088 1.00 35.11 ? 29  CYS A SG  1 
ATOM   198  N N   . LYS A 1 30 ? 9.083   8.196   -8.863  1.00 31.94 ? 30  LYS A N   1 
ATOM   199  C CA  . LYS A 1 30 ? 9.368   8.933   -7.628  1.00 33.16 ? 30  LYS A CA  1 
ATOM   200  C C   . LYS A 1 30 ? 8.230   9.874   -7.185  1.00 30.39 ? 30  LYS A C   1 
ATOM   201  O O   . LYS A 1 30 ? 7.472   10.349  -8.021  1.00 29.69 ? 30  LYS A O   1 
ATOM   202  C CB  . LYS A 1 30 ? 10.687  9.691   -7.787  1.00 37.91 ? 30  LYS A CB  1 
ATOM   203  C CG  . LYS A 1 30 ? 11.870  8.780   -7.449  1.00 44.22 ? 30  LYS A CG  1 
ATOM   204  C CD  . LYS A 1 30 ? 13.041  8.935   -8.358  1.00 55.94 ? 30  LYS A CD  1 
ATOM   205  C CE  . LYS A 1 30 ? 14.131  7.968   -7.917  1.00 52.09 ? 30  LYS A CE  1 
ATOM   206  N NZ  . LYS A 1 30 ? 14.426  7.047   -9.024  1.00 45.74 ? 30  LYS A NZ  1 
ATOM   207  N N   . PHE A 1 31 ? 8.159   10.195  -5.893  1.00 28.77 ? 31  PHE A N   1 
ATOM   208  C CA  . PHE A 1 31 ? 7.178   11.164  -5.392  1.00 26.79 ? 31  PHE A CA  1 
ATOM   209  C C   . PHE A 1 31 ? 7.525   12.580  -5.896  1.00 30.87 ? 31  PHE A C   1 
ATOM   210  O O   . PHE A 1 31 ? 8.683   12.985  -5.848  1.00 30.95 ? 31  PHE A O   1 
ATOM   211  C CB  . PHE A 1 31 ? 7.177   11.190  -3.869  1.00 30.35 ? 31  PHE A CB  1 
ATOM   212  C CG  . PHE A 1 31 ? 6.645   9.919   -3.219  1.00 31.84 ? 31  PHE A CG  1 
ATOM   213  C CD1 . PHE A 1 31 ? 5.481   9.310   -3.674  1.00 30.01 ? 31  PHE A CD1 1 
ATOM   214  C CD2 . PHE A 1 31 ? 7.368   9.296   -2.215  1.00 31.63 ? 31  PHE A CD2 1 
ATOM   215  C CE1 . PHE A 1 31 ? 5.026   8.118   -3.115  1.00 33.52 ? 31  PHE A CE1 1 
ATOM   216  C CE2 . PHE A 1 31 ? 6.901   8.124   -1.628  1.00 31.31 ? 31  PHE A CE2 1 
ATOM   217  C CZ  . PHE A 1 31 ? 5.686   7.586   -2.027  1.00 29.56 ? 31  PHE A CZ  1 
ATOM   218  N N   . LEU A 1 32 ? 6.530   13.372  -6.289  1.00 27.72 ? 32  LEU A N   1 
ATOM   219  C CA  . LEU A 1 32 ? 6.809   14.801  -6.553  1.00 28.10 ? 32  LEU A CA  1 
ATOM   220  C C   . LEU A 1 32 ? 7.089   15.507  -5.221  1.00 29.90 ? 32  LEU A C   1 
ATOM   221  O O   . LEU A 1 32 ? 6.592   15.089  -4.156  1.00 27.45 ? 32  LEU A O   1 
ATOM   222  C CB  . LEU A 1 32 ? 5.624   15.464  -7.288  1.00 29.88 ? 32  LEU A CB  1 
ATOM   223  C CG  . LEU A 1 32 ? 5.299   14.959  -8.708  1.00 28.60 ? 32  LEU A CG  1 
ATOM   224  C CD1 . LEU A 1 32 ? 4.101   15.748  -9.288  1.00 24.95 ? 32  LEU A CD1 1 
ATOM   225  C CD2 . LEU A 1 32 ? 6.501   15.153  -9.586  1.00 35.14 ? 32  LEU A CD2 1 
ATOM   226  N N   . ASN A 1 33 ? 7.857   16.597  -5.270  1.00 28.70 ? 33  ASN A N   1 
ATOM   227  C CA  . ASN A 1 33 ? 8.251   17.293  -4.045  1.00 28.04 ? 33  ASN A CA  1 
ATOM   228  C C   . ASN A 1 33 ? 7.030   17.779  -3.271  1.00 26.24 ? 33  ASN A C   1 
ATOM   229  O O   . ASN A 1 33 ? 6.038   18.228  -3.859  1.00 28.08 ? 33  ASN A O   1 
ATOM   230  C CB  . ASN A 1 33 ? 9.157   18.511  -4.358  1.00 31.70 ? 33  ASN A CB  1 
ATOM   231  C CG  . ASN A 1 33 ? 10.483  18.115  -4.996  1.00 38.21 ? 33  ASN A CG  1 
ATOM   232  O OD1 . ASN A 1 33 ? 10.969  17.000  -4.815  1.00 38.03 ? 33  ASN A OD1 1 
ATOM   233  N ND2 . ASN A 1 33 ? 11.106  19.061  -5.695  1.00 43.52 ? 33  ASN A ND2 1 
ATOM   234  N N   . SER A 1 34 ? 7.124   17.730  -1.946  1.00 26.62 ? 34  SER A N   1 
ATOM   235  C CA  . SER A 1 34 ? 6.145   18.362  -1.066  1.00 30.11 ? 34  SER A CA  1 
ATOM   236  C C   . SER A 1 34 ? 5.877   19.804  -1.466  1.00 31.58 ? 34  SER A C   1 
ATOM   237  O O   . SER A 1 34 ? 6.825   20.578  -1.617  1.00 28.52 ? 34  SER A O   1 
ATOM   238  C CB  . SER A 1 34 ? 6.684   18.393  0.351   1.00 33.29 ? 34  SER A CB  1 
ATOM   239  O OG  . SER A 1 34 ? 5.932   17.515  1.158   1.00 50.64 ? 34  SER A OG  1 
ATOM   240  N N   . GLY A 1 35 ? 4.603   20.181  -1.511  1.00 27.84 ? 35  GLY A N   1 
ATOM   241  C CA  . GLY A 1 35 ? 4.217   21.519  -1.974  1.00 29.14 ? 35  GLY A CA  1 
ATOM   242  C C   . GLY A 1 35 ? 3.936   21.729  -3.461  1.00 26.03 ? 35  GLY A C   1 
ATOM   243  O O   . GLY A 1 35 ? 3.523   22.826  -3.866  1.00 29.32 ? 35  GLY A O   1 
ATOM   244  N N   . THR A 1 36 ? 4.243   20.747  -4.302  1.00 25.25 ? 36  THR A N   1 
ATOM   245  C CA  . THR A 1 36 ? 3.940   20.839  -5.736  1.00 28.67 ? 36  THR A CA  1 
ATOM   246  C C   . THR A 1 36 ? 2.415   20.914  -5.899  1.00 31.28 ? 36  THR A C   1 
ATOM   247  O O   . THR A 1 36 ? 1.698   20.089  -5.330  1.00 29.66 ? 36  THR A O   1 
ATOM   248  C CB  . THR A 1 36 ? 4.488   19.569  -6.480  1.00 29.80 ? 36  THR A CB  1 
ATOM   249  O OG1 . THR A 1 36 ? 5.912   19.464  -6.320  1.00 28.39 ? 36  THR A OG1 1 
ATOM   250  C CG2 . THR A 1 36 ? 4.289   19.696  -7.991  1.00 31.25 ? 36  THR A CG2 1 
ATOM   251  N N   . ILE A 1 37 ? 1.891   21.873  -6.661  1.00 30.54 ? 37  ILE A N   1 
ATOM   252  C CA  . ILE A 1 37 ? 0.427   21.966  -6.805  1.00 30.87 ? 37  ILE A CA  1 
ATOM   253  C C   . ILE A 1 37 ? -0.061  20.813  -7.692  1.00 30.14 ? 37  ILE A C   1 
ATOM   254  O O   . ILE A 1 37 ? 0.507   20.591  -8.764  1.00 29.81 ? 37  ILE A O   1 
ATOM   255  C CB  . ILE A 1 37 ? -0.010  23.351  -7.406  1.00 30.48 ? 37  ILE A CB  1 
ATOM   256  C CG1 . ILE A 1 37 ? 0.212   24.496  -6.399  1.00 28.86 ? 37  ILE A CG1 1 
ATOM   257  C CG2 . ILE A 1 37 ? -1.517  23.320  -7.777  1.00 30.98 ? 37  ILE A CG2 1 
ATOM   258  C CD1 . ILE A 1 37 ? -0.149  25.909  -6.956  1.00 39.17 ? 37  ILE A CD1 1 
ATOM   259  N N   . CYS A 1 38 ? -1.009  20.000  -7.211  1.00 29.75 ? 38  CYS A N   1 
ATOM   260  C CA  . CYS A 1 38 ? -1.521  18.892  -8.023  1.00 30.12 ? 38  CYS A CA  1 
ATOM   261  C C   . CYS A 1 38 ? -2.933  19.090  -8.583  1.00 31.95 ? 38  CYS A C   1 
ATOM   262  O O   . CYS A 1 38 ? -3.344  18.378  -9.524  1.00 30.85 ? 38  CYS A O   1 
ATOM   263  C CB  . CYS A 1 38 ? -1.402  17.517  -7.302  1.00 29.62 ? 38  CYS A CB  1 
ATOM   264  S SG  . CYS A 1 38 ? -2.090  17.433  -5.634  1.00 30.38 ? 38  CYS A SG  1 
ATOM   265  N N   . GLN A 1 39 ? -3.655  20.069  -8.043  1.00 29.51 ? 39  GLN A N   1 
ATOM   266  C CA  . GLN A 1 39 ? -4.906  20.525  -8.664  1.00 33.51 ? 39  GLN A CA  1 
ATOM   267  C C   . GLN A 1 39 ? -5.262  21.946  -8.244  1.00 33.81 ? 39  GLN A C   1 
ATOM   268  O O   . GLN A 1 39 ? -5.358  22.244  -7.044  1.00 33.45 ? 39  GLN A O   1 
ATOM   269  C CB  . GLN A 1 39 ? -6.059  19.580  -8.316  1.00 32.30 ? 39  GLN A CB  1 
ATOM   270  C CG  . GLN A 1 39 ? -7.264  19.739  -9.249  1.00 43.61 ? 39  GLN A CG  1 
ATOM   271  C CD  . GLN A 1 39 ? -8.522  19.017  -8.784  1.00 45.56 ? 39  GLN A CD  1 
ATOM   272  O OE1 . GLN A 1 39 ? -8.736  18.845  -7.587  1.00 65.44 ? 39  GLN A OE1 1 
ATOM   273  N NE2 . GLN A 1 39 ? -9.436  18.770  -9.719  1.00 60.63 ? 39  GLN A NE2 1 
ATOM   274  N N   . ARG A 1 40 ? -5.470  22.832  -9.216  1.00 29.94 ? 40  ARG A N   1 
ATOM   275  C CA  . ARG A 1 40 ? -5.791  24.213  -8.898  1.00 29.79 ? 40  ARG A CA  1 
ATOM   276  C C   . ARG A 1 40 ? -7.285  24.351  -8.649  1.00 34.88 ? 40  ARG A C   1 
ATOM   277  O O   . ARG A 1 40 ? -8.075  23.608  -9.233  1.00 34.46 ? 40  ARG A O   1 
ATOM   278  C CB  . ARG A 1 40 ? -5.340  25.146  -10.023 1.00 31.88 ? 40  ARG A CB  1 
ATOM   279  C CG  . ARG A 1 40 ? -3.831  25.339  -10.101 1.00 35.62 ? 40  ARG A CG  1 
ATOM   280  C CD  . ARG A 1 40 ? -3.415  26.516  -10.965 1.00 41.41 ? 40  ARG A CD  1 
ATOM   281  N NE  . ARG A 1 40 ? -2.863  27.590  -10.150 1.00 60.85 ? 40  ARG A NE  1 
ATOM   282  C CZ  . ARG A 1 40 ? -1.619  27.596  -9.688  1.00 54.64 ? 40  ARG A CZ  1 
ATOM   283  N NH1 . ARG A 1 40 ? -1.203  28.604  -8.938  1.00 62.78 ? 40  ARG A NH1 1 
ATOM   284  N NH2 . ARG A 1 40 ? -0.751  26.672  -10.098 1.00 61.82 ? 40  ARG A NH2 1 
ATOM   285  N N   . ALA A 1 41 ? -7.648  25.162  -7.656  1.00 36.51 ? 41  ALA A N   1 
ATOM   286  C CA  . ALA A 1 41 ? -9.043  25.286  -7.234  1.00 42.39 ? 41  ALA A CA  1 
ATOM   287  C C   . ALA A 1 41 ? -9.866  26.045  -8.279  1.00 44.04 ? 41  ALA A C   1 
ATOM   288  O O   . ALA A 1 41 ? -9.375  27.016  -8.834  1.00 44.14 ? 41  ALA A O   1 
ATOM   289  C CB  . ALA A 1 41 ? -9.109  26.035  -5.902  1.00 44.17 ? 41  ALA A CB  1 
ATOM   290  N N   . ARG A 1 42 ? -11.154 25.726  -8.401  1.00 50.07 ? 42  ARG A N   1 
ATOM   291  C CA  . ARG A 1 42 ? -12.052 26.494  -9.272  1.00 53.99 ? 42  ARG A CA  1 
ATOM   292  C C   . ARG A 1 42 ? -12.310 27.913  -8.762  1.00 58.97 ? 42  ARG A C   1 
ATOM   293  O O   . ARG A 1 42 ? -12.041 28.894  -9.457  1.00 61.55 ? 42  ARG A O   1 
ATOM   294  C CB  . ARG A 1 42 ? -13.381 25.767  -9.522  1.00 55.18 ? 42  ARG A CB  1 
ATOM   295  C CG  . ARG A 1 42 ? -13.261 24.338  -10.040 1.00 48.49 ? 42  ARG A CG  1 
ATOM   296  C CD  . ARG A 1 42 ? -13.247 24.152  -11.568 1.00 42.78 ? 42  ARG A CD  1 
ATOM   297  N NE  . ARG A 1 42 ? -12.377 23.026  -11.920 1.00 46.48 ? 42  ARG A NE  1 
ATOM   298  C CZ  . ARG A 1 42 ? -12.231 22.485  -13.135 1.00 44.30 ? 42  ARG A CZ  1 
ATOM   299  N NH1 . ARG A 1 42 ? -13.116 22.707  -14.102 1.00 61.19 ? 42  ARG A NH1 1 
ATOM   300  N NH2 . ARG A 1 42 ? -11.327 21.522  -13.301 1.00 64.37 ? 42  ARG A NH2 1 
ATOM   301  N N   . GLY A 1 43 ? -12.795 28.030  -7.531  1.00 62.44 ? 43  GLY A N   1 
ATOM   302  C CA  . GLY A 1 43 ? -13.039 29.337  -6.948  1.00 65.50 ? 43  GLY A CA  1 
ATOM   303  C C   . GLY A 1 43 ? -12.091 29.634  -5.807  1.00 67.35 ? 43  GLY A C   1 
ATOM   304  O O   . GLY A 1 43 ? -12.024 28.879  -4.840  1.00 70.36 ? 43  GLY A O   1 
ATOM   305  N N   . ASP A 1 44 ? -11.409 30.773  -5.887  1.00 68.30 ? 44  ASP A N   1 
ATOM   306  C CA  . ASP A 1 44 ? -10.465 31.185  -4.850  1.00 68.51 ? 44  ASP A CA  1 
ATOM   307  C C   . ASP A 1 44 ? -9.217  30.306  -4.816  1.00 66.39 ? 44  ASP A C   1 
ATOM   308  O O   . ASP A 1 44 ? -8.751  29.843  -5.860  1.00 66.78 ? 44  ASP A O   1 
ATOM   309  C CB  . ASP A 1 44 ? -11.138 31.243  -3.474  1.00 70.25 ? 44  ASP A CB  1 
ATOM   310  C CG  . ASP A 1 44 ? -12.058 32.457  -3.322  1.00 78.72 ? 44  ASP A CG  1 
ATOM   311  O OD1 . ASP A 1 44 ? -12.020 33.347  -4.204  1.00 82.19 ? 44  ASP A OD1 1 
ATOM   312  O OD2 . ASP A 1 44 ? -12.849 32.606  -2.360  1.00 81.31 ? 44  ASP A OD2 1 
ATOM   313  N N   . GLY A 1 45 ? -8.599  30.192  -3.644  1.00 62.03 ? 45  GLY A N   1 
ATOM   314  C CA  . GLY A 1 45 ? -7.167  29.949  -3.585  1.00 58.95 ? 45  GLY A CA  1 
ATOM   315  C C   . GLY A 1 45 ? -6.734  28.767  -2.732  1.00 55.01 ? 45  GLY A C   1 
ATOM   316  O O   . GLY A 1 45 ? -5.555  28.636  -2.403  1.00 55.24 ? 45  GLY A O   1 
ATOM   317  N N   . ASN A 1 46 ? -7.683  27.911  -2.366  1.00 50.77 ? 46  ASN A N   1 
ATOM   318  C CA  . ASN A 1 46 ? -7.377  26.697  -1.623  1.00 48.14 ? 46  ASN A CA  1 
ATOM   319  C C   . ASN A 1 46 ? -7.029  25.532  -2.560  1.00 44.36 ? 46  ASN A C   1 
ATOM   320  O O   . ASN A 1 46 ? -7.897  24.710  -2.862  1.00 46.44 ? 46  ASN A O   1 
ATOM   321  C CB  . ASN A 1 46 ? -8.586  26.321  -0.749  1.00 50.09 ? 46  ASN A CB  1 
ATOM   322  C CG  . ASN A 1 46 ? -8.729  27.218  0.480   1.00 53.96 ? 46  ASN A CG  1 
ATOM   323  O OD1 . ASN A 1 46 ? -7.792  27.920  0.864   1.00 57.84 ? 46  ASN A OD1 1 
ATOM   324  N ND2 . ASN A 1 46 ? -9.924  27.238  1.068   1.00 54.15 ? 46  ASN A ND2 1 
ATOM   325  N N   . HIS A 1 47 ? -5.792  25.489  -3.060  1.00 39.41 ? 47  HIS A N   1 
ATOM   326  C CA  . HIS A 1 47 ? -5.378  24.470  -4.051  1.00 37.14 ? 47  HIS A CA  1 
ATOM   327  C C   . HIS A 1 47 ? -5.056  23.134  -3.366  1.00 36.75 ? 47  HIS A C   1 
ATOM   328  O O   . HIS A 1 47 ? -4.929  23.094  -2.132  1.00 33.35 ? 47  HIS A O   1 
ATOM   329  C CB  . HIS A 1 47 ? -4.152  24.955  -4.833  1.00 37.15 ? 47  HIS A CB  1 
ATOM   330  C CG  . HIS A 1 47 ? -4.353  26.282  -5.509  1.00 36.23 ? 47  HIS A CG  1 
ATOM   331  N ND1 . HIS A 1 47 ? -5.453  26.557  -6.294  1.00 36.60 ? 47  HIS A ND1 1 
ATOM   332  C CD2 . HIS A 1 47 ? -3.556  27.375  -5.583  1.00 44.04 ? 47  HIS A CD2 1 
ATOM   333  C CE1 . HIS A 1 47 ? -5.373  27.803  -6.734  1.00 49.96 ? 47  HIS A CE1 1 
ATOM   334  N NE2 . HIS A 1 47 ? -4.238  28.328  -6.301  1.00 47.50 ? 47  HIS A NE2 1 
ATOM   335  N N   . ASP A 1 48 ? -4.917  22.051  -4.134  1.00 31.57 ? 48  ASP A N   1 
ATOM   336  C CA  . ASP A 1 48 ? -4.465  20.782  -3.535  1.00 30.49 ? 48  ASP A CA  1 
ATOM   337  C C   . ASP A 1 48 ? -2.975  20.611  -3.848  1.00 29.73 ? 48  ASP A C   1 
ATOM   338  O O   . ASP A 1 48 ? -2.530  20.903  -4.982  1.00 28.55 ? 48  ASP A O   1 
ATOM   339  C CB  . ASP A 1 48 ? -5.238  19.575  -4.109  1.00 29.18 ? 48  ASP A CB  1 
ATOM   340  C CG  . ASP A 1 48 ? -6.735  19.644  -3.844  1.00 36.17 ? 48  ASP A CG  1 
ATOM   341  O OD1 . ASP A 1 48 ? -7.162  20.361  -2.916  1.00 34.91 ? 48  ASP A OD1 1 
ATOM   342  O OD2 . ASP A 1 48 ? -7.561  18.973  -4.501  1.00 35.43 ? 48  ASP A OD2 1 
ATOM   343  N N   . TYR A 1 49 ? -2.208  20.146  -2.856  1.00 28.54 ? 49  TYR A N   1 
ATOM   344  C CA  . TYR A 1 49 ? -0.740  20.041  -2.961  1.00 27.27 ? 49  TYR A CA  1 
ATOM   345  C C   . TYR A 1 49 ? -0.231  18.612  -2.689  1.00 28.08 ? 49  TYR A C   1 
ATOM   346  O O   . TYR A 1 49 ? -0.781  17.917  -1.826  1.00 28.37 ? 49  TYR A O   1 
ATOM   347  C CB  . TYR A 1 49 ? -0.070  20.975  -1.942  1.00 26.39 ? 49  TYR A CB  1 
ATOM   348  C CG  . TYR A 1 49 ? -0.449  22.431  -2.077  1.00 29.17 ? 49  TYR A CG  1 
ATOM   349  C CD1 . TYR A 1 49 ? 0.357   23.310  -2.792  1.00 33.49 ? 49  TYR A CD1 1 
ATOM   350  C CD2 . TYR A 1 49 ? -1.566  22.943  -1.419  1.00 34.64 ? 49  TYR A CD2 1 
ATOM   351  C CE1 . TYR A 1 49 ? 0.016   24.667  -2.905  1.00 34.88 ? 49  TYR A CE1 1 
ATOM   352  C CE2 . TYR A 1 49 ? -1.900  24.298  -1.512  1.00 35.76 ? 49  TYR A CE2 1 
ATOM   353  C CZ  . TYR A 1 49 ? -1.124  25.134  -2.294  1.00 37.69 ? 49  TYR A CZ  1 
ATOM   354  O OH  . TYR A 1 49 ? -1.397  26.485  -2.293  1.00 40.67 ? 49  TYR A OH  1 
ATOM   355  N N   . CYS A 1 50 ? 0.852   18.215  -3.359  1.00 23.21 ? 50  CYS A N   1 
ATOM   356  C CA  . CYS A 1 50 ? 1.527   16.925  -3.107  1.00 28.19 ? 50  CYS A CA  1 
ATOM   357  C C   . CYS A 1 50 ? 2.163   16.910  -1.709  1.00 27.57 ? 50  CYS A C   1 
ATOM   358  O O   . CYS A 1 50 ? 2.582   17.962  -1.220  1.00 26.81 ? 50  CYS A O   1 
ATOM   359  C CB  . CYS A 1 50 ? 2.599   16.649  -4.188  1.00 28.49 ? 50  CYS A CB  1 
ATOM   360  S SG  . CYS A 1 50 ? 1.935   16.444  -5.871  1.00 28.47 ? 50  CYS A SG  1 
ATOM   361  N N   . THR A 1 51 ? 2.169   15.749  -1.042  1.00 27.21 ? 51  THR A N   1 
ATOM   362  C CA  . THR A 1 51 ? 2.724   15.642  0.319   1.00 25.82 ? 51  THR A CA  1 
ATOM   363  C C   . THR A 1 51 ? 4.229   15.450  0.384   1.00 26.84 ? 51  THR A C   1 
ATOM   364  O O   . THR A 1 51 ? 4.823   15.566  1.464   1.00 26.03 ? 51  THR A O   1 
ATOM   365  C CB  . THR A 1 51 ? 2.120   14.446  1.065   1.00 27.18 ? 51  THR A CB  1 
ATOM   366  O OG1 . THR A 1 51 ? 2.463   13.248  0.357   1.00 28.09 ? 51  THR A OG1 1 
ATOM   367  C CG2 . THR A 1 51 ? 0.602   14.513  1.034   1.00 22.20 ? 51  THR A CG2 1 
ATOM   368  N N   . GLY A 1 52 ? 4.794   14.917  -0.695  1.00 24.12 ? 52  GLY A N   1 
ATOM   369  C CA  . GLY A 1 52 ? 6.163   14.453  -0.690  1.00 26.23 ? 52  GLY A CA  1 
ATOM   370  C C   . GLY A 1 52 ? 6.358   12.986  -0.323  1.00 30.68 ? 52  GLY A C   1 
ATOM   371  O O   . GLY A 1 52 ? 7.473   12.485  -0.473  1.00 30.35 ? 52  GLY A O   1 
ATOM   372  N N   . ILE A 1 53 ? 5.332   12.343  0.242   1.00 27.45 ? 53  ILE A N   1 
ATOM   373  C CA  . ILE A 1 53 ? 5.480   10.964  0.760   1.00 30.45 ? 53  ILE A CA  1 
ATOM   374  C C   . ILE A 1 53 ? 4.391   9.962   0.304   1.00 31.21 ? 53  ILE A C   1 
ATOM   375  O O   . ILE A 1 53 ? 4.331   8.827   0.817   1.00 30.82 ? 53  ILE A O   1 
ATOM   376  C CB  . ILE A 1 53 ? 5.586   10.964  2.300   1.00 30.57 ? 53  ILE A CB  1 
ATOM   377  C CG1 . ILE A 1 53 ? 4.320   11.561  2.917   1.00 30.30 ? 53  ILE A CG1 1 
ATOM   378  C CG2 . ILE A 1 53 ? 6.826   11.761  2.775   1.00 33.53 ? 53  ILE A CG2 1 
ATOM   379  C CD1 . ILE A 1 53 ? 4.267   11.453  4.413   1.00 56.11 ? 53  ILE A CD1 1 
ATOM   380  N N   . THR A 1 54 ? 3.458   10.420  -0.537  1.00 29.14 ? 54  THR A N   1 
ATOM   381  C CA  . THR A 1 54 ? 2.401   9.583   -1.150  1.00 29.53 ? 54  THR A CA  1 
ATOM   382  C C   . THR A 1 54 ? 2.174   10.030  -2.595  1.00 32.63 ? 54  THR A C   1 
ATOM   383  O O   . THR A 1 54 ? 2.612   11.128  -2.984  1.00 28.86 ? 54  THR A O   1 
ATOM   384  C CB  . THR A 1 54 ? 1.047   9.788   -0.419  1.00 33.37 ? 54  THR A CB  1 
ATOM   385  O OG1 . THR A 1 54 ? 0.761   11.187  -0.293  1.00 31.64 ? 54  THR A OG1 1 
ATOM   386  C CG2 . THR A 1 54 ? 1.101   9.290   1.037   1.00 38.11 ? 54  THR A CG2 1 
ATOM   387  N N   . THR A 1 55 ? 1.481   9.208   -3.386  1.00 29.29 ? 55  THR A N   1 
ATOM   388  C CA  . THR A 1 55 ? 1.257   9.507   -4.803  1.00 28.57 ? 55  THR A CA  1 
ATOM   389  C C   . THR A 1 55 ? -0.117  10.088  -5.122  1.00 30.35 ? 55  THR A C   1 
ATOM   390  O O   . THR A 1 55 ? -0.371  10.496  -6.269  1.00 30.79 ? 55  THR A O   1 
ATOM   391  C CB  . THR A 1 55 ? 1.419   8.224   -5.663  1.00 30.38 ? 55  THR A CB  1 
ATOM   392  O OG1 . THR A 1 55 ? 0.647   7.175   -5.083  1.00 37.01 ? 55  THR A OG1 1 
ATOM   393  C CG2 . THR A 1 55 ? 2.796   7.690   -5.542  1.00 37.78 ? 55  THR A CG2 1 
ATOM   394  N N   . ASP A 1 56 ? -0.995  10.159  -4.124  1.00 28.97 ? 56  ASP A N   1 
ATOM   395  C CA  . ASP A 1 56 ? -2.323  10.741  -4.348  1.00 30.75 ? 56  ASP A CA  1 
ATOM   396  C C   . ASP A 1 56 ? -2.274  12.281  -4.341  1.00 31.83 ? 56  ASP A C   1 
ATOM   397  O O   . ASP A 1 56 ? -1.268  12.875  -3.991  1.00 34.54 ? 56  ASP A O   1 
ATOM   398  C CB  . ASP A 1 56 ? -3.300  10.277  -3.265  1.00 34.84 ? 56  ASP A CB  1 
ATOM   399  C CG  . ASP A 1 56 ? -2.876  10.708  -1.880  1.00 39.17 ? 56  ASP A CG  1 
ATOM   400  O OD1 . ASP A 1 56 ? -1.716  10.428  -1.513  1.00 43.52 ? 56  ASP A OD1 1 
ATOM   401  O OD2 . ASP A 1 56 ? -3.561  11.455  -1.144  1.00 44.72 ? 56  ASP A OD2 1 
ATOM   402  N N   . CYS A 1 57 ? -3.390  12.920  -4.673  1.00 27.85 ? 57  CYS A N   1 
ATOM   403  C CA  . CYS A 1 57 ? -3.516  14.376  -4.554  1.00 31.74 ? 57  CYS A CA  1 
ATOM   404  C C   . CYS A 1 57 ? -4.538  14.727  -3.484  1.00 30.88 ? 57  CYS A C   1 
ATOM   405  O O   . CYS A 1 57 ? -5.735  14.772  -3.785  1.00 32.88 ? 57  CYS A O   1 
ATOM   406  C CB  . CYS A 1 57 ? -3.927  14.993  -5.909  1.00 31.63 ? 57  CYS A CB  1 
ATOM   407  S SG  . CYS A 1 57 ? -4.021  16.824  -5.943  1.00 36.47 ? 57  CYS A SG  1 
ATOM   408  N N   . PRO A 1 58 ? -4.115  14.972  -2.239  1.00 31.97 ? 58  PRO A N   1 
ATOM   409  C CA  . PRO A 1 58 ? -5.087  15.108  -1.139  1.00 32.23 ? 58  PRO A CA  1 
ATOM   410  C C   . PRO A 1 58 ? -5.868  16.420  -1.173  1.00 37.28 ? 58  PRO A C   1 
ATOM   411  O O   . PRO A 1 58 ? -5.339  17.481  -1.537  1.00 33.59 ? 58  PRO A O   1 
ATOM   412  C CB  . PRO A 1 58 ? -4.219  15.056  0.112   1.00 36.12 ? 58  PRO A CB  1 
ATOM   413  C CG  . PRO A 1 58 ? -2.889  15.639  -0.336  1.00 34.91 ? 58  PRO A CG  1 
ATOM   414  C CD  . PRO A 1 58 ? -2.729  15.177  -1.777  1.00 31.29 ? 58  PRO A CD  1 
ATOM   415  N N   . ARG A 1 59 ? -7.140  16.334  -0.796  1.00 35.22 ? 59  ARG A N   1 
ATOM   416  C CA  . ARG A 1 59 ? -8.002  17.504  -0.634  1.00 41.13 ? 59  ARG A CA  1 
ATOM   417  C C   . ARG A 1 59 ? -7.491  18.496  0.411   1.00 40.09 ? 59  ARG A C   1 
ATOM   418  O O   . ARG A 1 59 ? -7.230  18.148  1.563   1.00 40.38 ? 59  ARG A O   1 
ATOM   419  C CB  . ARG A 1 59 ? -9.433  17.060  -0.285  1.00 42.11 ? 59  ARG A CB  1 
ATOM   420  C CG  . ARG A 1 59 ? -10.476 18.153  -0.337  1.00 50.83 ? 59  ARG A CG  1 
ATOM   421  C CD  . ARG A 1 59 ? -11.798 17.764  0.311   1.00 62.33 ? 59  ARG A CD  1 
ATOM   422  N NE  . ARG A 1 59 ? -12.941 18.290  -0.429  1.00 73.80 ? 59  ARG A NE  1 
ATOM   423  C CZ  . ARG A 1 59 ? -13.902 19.019  0.121   1.00 79.32 ? 59  ARG A CZ  1 
ATOM   424  N NH1 . ARG A 1 59 ? -13.860 19.296  1.419   1.00 80.99 ? 59  ARG A NH1 1 
ATOM   425  N NH2 . ARG A 1 59 ? -14.917 19.455  -0.616  1.00 81.51 ? 59  ARG A NH2 1 
ATOM   426  N N   . ASN A 1 60 ? -7.452  19.761  0.013   1.00 39.87 ? 60  ASN A N   1 
ATOM   427  C CA  . ASN A 1 60 ? -7.020  20.861  0.866   1.00 39.65 ? 60  ASN A CA  1 
ATOM   428  C C   . ASN A 1 60 ? -7.806  20.861  2.186   1.00 39.29 ? 60  ASN A C   1 
ATOM   429  O O   . ASN A 1 60 ? -9.023  20.767  2.157   1.00 41.23 ? 60  ASN A O   1 
ATOM   430  C CB  . ASN A 1 60 ? -7.288  22.169  0.109   1.00 39.47 ? 60  ASN A CB  1 
ATOM   431  C CG  . ASN A 1 60 ? -6.784  23.390  0.847   1.00 47.45 ? 60  ASN A CG  1 
ATOM   432  O OD1 . ASN A 1 60 ? -5.749  23.976  0.492   1.00 50.17 ? 60  ASN A OD1 1 
ATOM   433  N ND2 . ASN A 1 60 ? -7.525  23.797  1.873   1.00 47.69 ? 60  ASN A ND2 1 
ATOM   434  N N   . ARG A 1 61 ? -7.107  20.914  3.317   1.00 41.77 ? 61  ARG A N   1 
ATOM   435  C CA  . ARG A 1 61 ? -7.703  20.637  4.631   1.00 45.96 ? 61  ARG A CA  1 
ATOM   436  C C   . ARG A 1 61 ? -8.471  21.826  5.191   1.00 49.51 ? 61  ARG A C   1 
ATOM   437  O O   . ARG A 1 61 ? -9.142  21.699  6.220   1.00 49.05 ? 61  ARG A O   1 
ATOM   438  C CB  . ARG A 1 61 ? -6.634  20.255  5.665   1.00 43.16 ? 61  ARG A CB  1 
ATOM   439  C CG  . ARG A 1 61 ? -5.869  18.971  5.401   1.00 47.06 ? 61  ARG A CG  1 
ATOM   440  C CD  . ARG A 1 61 ? -6.638  17.666  5.632   1.00 49.79 ? 61  ARG A CD  1 
ATOM   441  N NE  . ARG A 1 61 ? -6.970  17.068  4.349   1.00 57.66 ? 61  ARG A NE  1 
ATOM   442  C CZ  . ARG A 1 61 ? -6.579  15.878  3.896   1.00 54.26 ? 61  ARG A CZ  1 
ATOM   443  N NH1 . ARG A 1 61 ? -6.105  14.928  4.699   1.00 47.88 ? 61  ARG A NH1 1 
ATOM   444  N NH2 . ARG A 1 61 ? -6.898  15.565  2.651   1.00 45.72 ? 61  ARG A NH2 1 
ATOM   445  N N   . TYR A 1 62 ? -8.165  23.017  4.687   1.00 51.91 ? 62  TYR A N   1 
ATOM   446  C CA  . TYR A 1 62 ? -8.991  24.185  4.970   1.00 54.49 ? 62  TYR A CA  1 
ATOM   447  C C   . TYR A 1 62 ? -10.282 24.061  4.185   1.00 57.97 ? 62  TYR A C   1 
ATOM   448  O O   . TYR A 1 62 ? -11.250 24.793  4.417   1.00 59.53 ? 62  TYR A O   1 
ATOM   449  C CB  . TYR A 1 62 ? -8.263  25.472  4.587   1.00 51.95 ? 62  TYR A CB  1 
ATOM   450  C CG  . TYR A 1 62 ? -7.032  25.733  5.421   1.00 51.18 ? 62  TYR A CG  1 
ATOM   451  C CD1 . TYR A 1 62 ? -7.119  26.394  6.648   1.00 51.31 ? 62  TYR A CD1 1 
ATOM   452  C CD2 . TYR A 1 62 ? -5.791  25.243  5.028   1.00 46.12 ? 62  TYR A CD2 1 
ATOM   453  C CE1 . TYR A 1 62 ? -5.984  26.638  7.409   1.00 47.78 ? 62  TYR A CE1 1 
ATOM   454  C CE2 . TYR A 1 62 ? -4.656  25.495  5.772   1.00 42.84 ? 62  TYR A CE2 1 
ATOM   455  C CZ  . TYR A 1 62 ? -4.770  26.119  6.997   1.00 46.60 ? 62  TYR A CZ  1 
ATOM   456  O OH  . TYR A 1 62 ? -3.635  26.395  7.724   1.00 60.48 ? 62  TYR A OH  1 
ATOM   457  N N   . ASN A 1 63 ? -10.302 23.091  3.279   1.00 60.39 ? 63  ASN A N   1 
ATOM   458  C CA  . ASN A 1 63 ? -11.543 22.646  2.673   1.00 64.06 ? 63  ASN A CA  1 
ATOM   459  C C   . ASN A 1 63 ? -11.797 23.323  1.327   1.00 65.48 ? 63  ASN A C   1 
ATOM   460  O O   . ASN A 1 63 ? -11.173 22.980  0.316   1.00 65.96 ? 63  ASN A O   1 
ATOM   461  C CB  . ASN A 1 63 ? -12.706 22.891  3.638   1.00 65.83 ? 63  ASN A CB  1 
ATOM   462  C CG  . ASN A 1 63 ? -13.941 22.091  3.275   1.00 70.72 ? 63  ASN A CG  1 
ATOM   463  O OD1 . ASN A 1 63 ? -13.958 20.862  3.390   1.00 72.91 ? 63  ASN A OD1 1 
ATOM   464  N ND2 . ASN A 1 63 ? -14.969 22.781  2.795   1.00 72.33 ? 63  ASN A ND2 1 
ATOM   465  N N   . ASN B 2 1  ? 11.731  -15.840 -11.075 1.00 69.04 ? 1   ASN B N   1 
ATOM   466  C CA  . ASN B 2 1  ? 10.422  -16.554 -11.101 1.00 68.07 ? 1   ASN B CA  1 
ATOM   467  C C   . ASN B 2 1  ? 9.380   -15.792 -11.914 1.00 65.71 ? 1   ASN B C   1 
ATOM   468  O O   . ASN B 2 1  ? 9.721   -14.894 -12.684 1.00 66.56 ? 1   ASN B O   1 
ATOM   469  C CB  . ASN B 2 1  ? 9.909   -16.824 -9.679  1.00 70.13 ? 1   ASN B CB  1 
ATOM   470  C CG  . ASN B 2 1  ? 10.522  -15.895 -8.647  1.00 71.94 ? 1   ASN B CG  1 
ATOM   471  O OD1 . ASN B 2 1  ? 11.308  -15.008 -8.979  1.00 76.37 ? 1   ASN B OD1 1 
ATOM   472  N ND2 . ASN B 2 1  ? 10.159  -16.093 -7.383  1.00 76.52 ? 1   ASN B ND2 1 
ATOM   473  N N   . SER B 2 2  ? 8.109   -16.122 -11.701 1.00 59.72 ? 2   SER B N   1 
ATOM   474  C CA  . SER B 2 2  ? 7.015   -15.527 -12.454 1.00 57.87 ? 2   SER B CA  1 
ATOM   475  C C   . SER B 2 2  ? 6.439   -14.340 -11.675 1.00 56.36 ? 2   SER B C   1 
ATOM   476  O O   . SER B 2 2  ? 6.769   -14.139 -10.507 1.00 56.71 ? 2   SER B O   1 
ATOM   477  C CB  . SER B 2 2  ? 5.927   -16.578 -12.673 1.00 56.60 ? 2   SER B CB  1 
ATOM   478  O OG  . SER B 2 2  ? 5.248   -16.820 -11.451 1.00 60.77 ? 2   SER B OG  1 
ATOM   479  N N   . VAL B 2 3  ? 5.544   -13.583 -12.301 1.00 54.61 ? 3   VAL B N   1 
ATOM   480  C CA  . VAL B 2 3  ? 4.735   -12.620 -11.558 1.00 53.94 ? 3   VAL B CA  1 
ATOM   481  C C   . VAL B 2 3  ? 3.894   -13.351 -10.517 1.00 52.44 ? 3   VAL B C   1 
ATOM   482  O O   . VAL B 2 3  ? 3.410   -14.458 -10.767 1.00 51.23 ? 3   VAL B O   1 
ATOM   483  C CB  . VAL B 2 3  ? 3.836   -11.763 -12.484 1.00 56.76 ? 3   VAL B CB  1 
ATOM   484  N N   . ASN B 2 4  ? 3.842   -12.787 -9.314  1.00 48.68 ? 4   ASN B N   1 
ATOM   485  C CA  . ASN B 2 4  ? 3.056   -13.366 -8.213  1.00 47.92 ? 4   ASN B CA  1 
ATOM   486  C C   . ASN B 2 4  ? 1.609   -13.584 -8.628  1.00 42.59 ? 4   ASN B C   1 
ATOM   487  O O   . ASN B 2 4  ? 1.027   -12.717 -9.292  1.00 44.52 ? 4   ASN B O   1 
ATOM   488  C CB  . ASN B 2 4  ? 3.108   -12.430 -6.996  1.00 49.19 ? 4   ASN B CB  1 
ATOM   489  C CG  . ASN B 2 4  ? 2.360   -12.988 -5.804  1.00 49.03 ? 4   ASN B CG  1 
ATOM   490  O OD1 . ASN B 2 4  ? 1.135   -13.146 -5.835  1.00 55.38 ? 4   ASN B OD1 1 
ATOM   491  N ND2 . ASN B 2 4  ? 3.104   -13.384 -4.783  1.00 56.55 ? 4   ASN B ND2 1 
ATOM   492  N N   . PRO B 2 5  ? 1.011   -14.726 -8.278  1.00 41.16 ? 5   PRO B N   1 
ATOM   493  C CA  . PRO B 2 5  ? -0.338  -15.025 -8.772  1.00 38.98 ? 5   PRO B CA  1 
ATOM   494  C C   . PRO B 2 5  ? -1.366  -13.997 -8.324  1.00 35.69 ? 5   PRO B C   1 
ATOM   495  O O   . PRO B 2 5  ? -2.426  -13.943 -8.932  1.00 35.25 ? 5   PRO B O   1 
ATOM   496  C CB  . PRO B 2 5  ? -0.655  -16.415 -8.186  1.00 41.98 ? 5   PRO B CB  1 
ATOM   497  C CG  . PRO B 2 5  ? 0.371   -16.639 -7.108  1.00 44.42 ? 5   PRO B CG  1 
ATOM   498  C CD  . PRO B 2 5  ? 1.587   -15.852 -7.525  1.00 43.11 ? 5   PRO B CD  1 
ATOM   499  N N   . CYS B 2 6  ? -1.085  -13.239 -7.262  1.00 32.38 ? 6   CYS B N   1 
ATOM   500  C CA  . CYS B 2 6  ? -2.049  -12.282 -6.738  1.00 32.28 ? 6   CYS B CA  1 
ATOM   501  C C   . CYS B 2 6  ? -1.840  -10.893 -7.381  1.00 35.48 ? 6   CYS B C   1 
ATOM   502  O O   . CYS B 2 6  ? -2.703  -10.024 -7.282  1.00 32.64 ? 6   CYS B O   1 
ATOM   503  C CB  . CYS B 2 6  ? -1.904  -12.173 -5.212  1.00 32.74 ? 6   CYS B CB  1 
ATOM   504  S SG  . CYS B 2 6  ? -2.167  -13.734 -4.315  1.00 35.75 ? 6   CYS B SG  1 
ATOM   505  N N   . CYS B 2 7  ? -0.720  -10.712 -8.075  1.00 36.01 ? 7   CYS B N   1 
ATOM   506  C CA  . CYS B 2 7  ? -0.299  -9.374  -8.529  1.00 38.71 ? 7   CYS B CA  1 
ATOM   507  C C   . CYS B 2 7  ? -0.808  -9.065  -9.933  1.00 41.35 ? 7   CYS B C   1 
ATOM   508  O O   . CYS B 2 7  ? -0.619  -9.875  -10.840 1.00 41.83 ? 7   CYS B O   1 
ATOM   509  C CB  . CYS B 2 7  ? 1.227   -9.283  -8.515  1.00 39.87 ? 7   CYS B CB  1 
ATOM   510  S SG  . CYS B 2 7  ? 1.858   -7.631  -8.916  1.00 39.99 ? 7   CYS B SG  1 
ATOM   511  N N   . ASP B 2 8  ? -1.339  -7.856  -10.144 1.00 38.45 ? 8   ASP B N   1 
ATOM   512  C CA  . ASP B 2 8  ? -1.593  -7.361  -11.497 1.00 39.96 ? 8   ASP B CA  1 
ATOM   513  C C   . ASP B 2 8  ? -0.443  -6.446  -11.926 1.00 38.84 ? 8   ASP B C   1 
ATOM   514  O O   . ASP B 2 8  ? -0.254  -5.391  -11.325 1.00 39.36 ? 8   ASP B O   1 
ATOM   515  C CB  . ASP B 2 8  ? -2.907  -6.583  -11.519 1.00 39.60 ? 8   ASP B CB  1 
ATOM   516  C CG  . ASP B 2 8  ? -3.205  -5.955  -12.869 1.00 50.31 ? 8   ASP B CG  1 
ATOM   517  O OD1 . ASP B 2 8  ? -2.286  -5.786  -13.707 1.00 51.22 ? 8   ASP B OD1 1 
ATOM   518  O OD2 . ASP B 2 8  ? -4.324  -5.479  -13.123 1.00 52.19 ? 8   ASP B OD2 1 
ATOM   519  N N   . PRO B 2 9  ? 0.434   -6.939  -12.800 1.00 38.34 ? 9   PRO B N   1 
ATOM   520  C CA  . PRO B 2 9  ? 1.716   -6.270  -13.067 1.00 37.57 ? 9   PRO B CA  1 
ATOM   521  C C   . PRO B 2 9  ? 1.493   -4.939  -13.799 1.00 40.02 ? 9   PRO B C   1 
ATOM   522  O O   . PRO B 2 9  ? 2.367   -4.076  -13.781 1.00 40.79 ? 9   PRO B O   1 
ATOM   523  C CB  . PRO B 2 9  ? 2.460   -7.273  -13.961 1.00 38.42 ? 9   PRO B CB  1 
ATOM   524  C CG  . PRO B 2 9  ? 1.403   -8.076  -14.636 1.00 38.10 ? 9   PRO B CG  1 
ATOM   525  C CD  . PRO B 2 9  ? 0.182   -8.056  -13.728 1.00 39.56 ? 9   PRO B CD  1 
ATOM   526  N N   . GLN B 2 10 ? 0.303   -4.742  -14.362 1.00 44.48 ? 10  GLN B N   1 
ATOM   527  C CA  . GLN B 2 10 ? -0.042  -3.467  -15.005 1.00 48.08 ? 10  GLN B CA  1 
ATOM   528  C C   . GLN B 2 10 ? -0.234  -2.349  -13.976 1.00 49.23 ? 10  GLN B C   1 
ATOM   529  O O   . GLN B 2 10 ? 0.026   -1.171  -14.269 1.00 49.13 ? 10  GLN B O   1 
ATOM   530  C CB  . GLN B 2 10 ? -1.304  -3.613  -15.868 1.00 49.38 ? 10  GLN B CB  1 
ATOM   531  C CG  . GLN B 2 10 ? -1.059  -3.692  -17.377 1.00 57.20 ? 10  GLN B CG  1 
ATOM   532  C CD  . GLN B 2 10 ? -2.343  -3.903  -18.178 1.00 69.71 ? 10  GLN B CD  1 
ATOM   533  O OE1 . GLN B 2 10 ? -3.439  -3.565  -17.716 1.00 69.45 ? 10  GLN B OE1 1 
ATOM   534  N NE2 . GLN B 2 10 ? -2.209  -4.456  -19.381 1.00 71.59 ? 10  GLN B NE2 1 
ATOM   535  N N   . THR B 2 11 ? -0.660  -2.716  -12.764 1.00 46.01 ? 11  THR B N   1 
ATOM   536  C CA  . THR B 2 11 ? -0.948  -1.728  -11.722 1.00 44.46 ? 11  THR B CA  1 
ATOM   537  C C   . THR B 2 11 ? -0.008  -1.818  -10.528 1.00 42.64 ? 11  THR B C   1 
ATOM   538  O O   . THR B 2 11 ? 0.058   -0.902  -9.707  1.00 43.85 ? 11  THR B O   1 
ATOM   539  C CB  . THR B 2 11 ? -2.405  -1.842  -11.233 1.00 42.24 ? 11  THR B CB  1 
ATOM   540  O OG1 . THR B 2 11 ? -2.622  -3.143  -10.669 1.00 40.01 ? 11  THR B OG1 1 
ATOM   541  C CG2 . THR B 2 11 ? -3.368  -1.801  -12.385 1.00 45.07 ? 11  THR B CG2 1 
ATOM   542  N N   . CYS B 2 12 ? 0.679   -2.947  -10.396 1.00 39.27 ? 12  CYS B N   1 
ATOM   543  C CA  . CYS B 2 12 ? 1.407   -3.289  -9.176  1.00 34.34 ? 12  CYS B CA  1 
ATOM   544  C C   . CYS B 2 12 ? 0.537   -3.258  -7.917  1.00 35.37 ? 12  CYS B C   1 
ATOM   545  O O   . CYS B 2 12 ? 1.006   -2.881  -6.836  1.00 37.55 ? 12  CYS B O   1 
ATOM   546  C CB  . CYS B 2 12 ? 2.664   -2.431  -8.986  1.00 36.06 ? 12  CYS B CB  1 
ATOM   547  S SG  . CYS B 2 12 ? 4.197   -3.342  -8.657  1.00 37.68 ? 12  CYS B SG  1 
ATOM   548  N N   . LYS B 2 13 ? -0.715  -3.678  -8.059  1.00 33.94 ? 13  LYS B N   1 
ATOM   549  C CA  . LYS B 2 13 ? -1.613  -3.869  -6.908  1.00 35.22 ? 13  LYS B CA  1 
ATOM   550  C C   . LYS B 2 13 ? -2.216  -5.268  -7.040  1.00 34.88 ? 13  LYS B C   1 
ATOM   551  O O   . LYS B 2 13 ? -2.131  -5.872  -8.119  1.00 33.11 ? 13  LYS B O   1 
ATOM   552  C CB  . LYS B 2 13 ? -2.751  -2.833  -6.936  1.00 37.14 ? 13  LYS B CB  1 
ATOM   553  C CG  . LYS B 2 13 ? -2.316  -1.368  -6.827  1.00 43.34 ? 13  LYS B CG  1 
ATOM   554  C CD  . LYS B 2 13 ? -1.473  -1.095  -5.588  1.00 46.77 ? 13  LYS B CD  1 
ATOM   555  C CE  . LYS B 2 13 ? -2.258  -1.407  -4.313  1.00 56.06 ? 13  LYS B CE  1 
ATOM   556  N NZ  . LYS B 2 13 ? -1.411  -2.023  -3.257  1.00 59.10 ? 13  LYS B NZ  1 
ATOM   557  N N   . PRO B 2 14 ? -2.913  -5.741  -6.003  1.00 32.03 ? 14  PRO B N   1 
ATOM   558  C CA  . PRO B 2 14 ? -3.674  -6.996  -6.115  1.00 32.68 ? 14  PRO B CA  1 
ATOM   559  C C   . PRO B 2 14 ? -4.640  -6.969  -7.307  1.00 34.30 ? 14  PRO B C   1 
ATOM   560  O O   . PRO B 2 14 ? -5.257  -5.939  -7.590  1.00 36.23 ? 14  PRO B O   1 
ATOM   561  C CB  . PRO B 2 14 ? -4.446  -7.074  -4.781  1.00 32.97 ? 14  PRO B CB  1 
ATOM   562  C CG  . PRO B 2 14 ? -3.652  -6.212  -3.828  1.00 34.34 ? 14  PRO B CG  1 
ATOM   563  C CD  . PRO B 2 14 ? -3.099  -5.071  -4.698  1.00 33.22 ? 14  PRO B CD  1 
ATOM   564  N N   . ILE B 2 15 ? -4.856  -8.114  -7.934  1.00 34.36 ? 15  ILE B N   1 
ATOM   565  C CA  . ILE B 2 15 ? -5.889  -8.228  -8.965  1.00 38.61 ? 15  ILE B CA  1 
ATOM   566  C C   . ILE B 2 15 ? -7.245  -7.801  -8.427  1.00 42.47 ? 15  ILE B C   1 
ATOM   567  O O   . ILE B 2 15 ? -7.521  -7.951  -7.234  1.00 37.93 ? 15  ILE B O   1 
ATOM   568  C CB  . ILE B 2 15 ? -5.956  -9.661  -9.489  1.00 38.16 ? 15  ILE B CB  1 
ATOM   569  C CG1 . ILE B 2 15 ? -4.650  -9.991  -10.229 1.00 39.12 ? 15  ILE B CG1 1 
ATOM   570  C CG2 . ILE B 2 15 ? -7.177  -9.837  -10.388 1.00 47.44 ? 15  ILE B CG2 1 
ATOM   571  C CD1 . ILE B 2 15 ? -4.454  -11.445 -10.548 1.00 44.39 ? 15  ILE B CD1 1 
ATOM   572  N N   . GLU B 2 16 ? -8.051  -7.187  -9.289  1.00 43.72 ? 16  GLU B N   1 
ATOM   573  C CA  . GLU B 2 16 ? -9.268  -6.510  -8.848  1.00 47.56 ? 16  GLU B CA  1 
ATOM   574  C C   . GLU B 2 16 ? -10.232 -7.502  -8.198  1.00 44.98 ? 16  GLU B C   1 
ATOM   575  O O   . GLU B 2 16 ? -10.369 -8.631  -8.662  1.00 45.28 ? 16  GLU B O   1 
ATOM   576  C CB  . GLU B 2 16 ? -9.937  -5.789  -10.025 1.00 49.47 ? 16  GLU B CB  1 
ATOM   577  C CG  . GLU B 2 16 ? -11.373 -5.363  -9.765  1.00 57.38 ? 16  GLU B CG  1 
ATOM   578  C CD  . GLU B 2 16 ? -12.156 -5.126  -11.046 1.00 74.70 ? 16  GLU B CD  1 
ATOM   579  O OE1 . GLU B 2 16 ? -12.496 -6.120  -11.730 1.00 77.86 ? 16  GLU B OE1 1 
ATOM   580  O OE2 . GLU B 2 16 ? -12.456 -3.949  -11.357 1.00 79.29 ? 16  GLU B OE2 1 
ATOM   581  N N   . GLY B 2 17 ? -10.714 -7.158  -7.006  1.00 45.06 ? 17  GLY B N   1 
ATOM   582  C CA  . GLY B 2 17 ? -11.482 -8.102  -6.210  1.00 44.65 ? 17  GLY B CA  1 
ATOM   583  C C   . GLY B 2 17 ? -10.721 -8.837  -5.111  1.00 45.26 ? 17  GLY B C   1 
ATOM   584  O O   . GLY B 2 17 ? -11.344 -9.391  -4.193  1.00 45.63 ? 17  GLY B O   1 
ATOM   585  N N   . LYS B 2 18 ? -9.394  -8.922  -5.235  1.00 39.87 ? 18  LYS B N   1 
ATOM   586  C CA  . LYS B 2 18 ? -8.546  -9.522  -4.186  1.00 34.44 ? 18  LYS B CA  1 
ATOM   587  C C   . LYS B 2 18 ? -8.099  -8.478  -3.157  1.00 33.41 ? 18  LYS B C   1 
ATOM   588  O O   . LYS B 2 18 ? -8.267  -7.271  -3.384  1.00 34.96 ? 18  LYS B O   1 
ATOM   589  C CB  . LYS B 2 18 ? -7.324  -10.207 -4.811  1.00 31.54 ? 18  LYS B CB  1 
ATOM   590  C CG  . LYS B 2 18 ? -7.613  -11.150 -5.965  1.00 35.08 ? 18  LYS B CG  1 
ATOM   591  C CD  . LYS B 2 18 ? -8.406  -12.381 -5.539  1.00 41.76 ? 18  LYS B CD  1 
ATOM   592  C CE  . LYS B 2 18 ? -8.870  -13.179 -6.751  1.00 44.68 ? 18  LYS B CE  1 
ATOM   593  N NZ  . LYS B 2 18 ? -9.650  -14.396 -6.359  1.00 46.59 ? 18  LYS B NZ  1 
ATOM   594  N N   . HIS B 2 19 ? -7.521  -8.921  -2.034  1.00 31.96 ? 19  HIS B N   1 
ATOM   595  C CA  . HIS B 2 19 ? -7.209  -8.034  -0.904  1.00 30.47 ? 19  HIS B CA  1 
ATOM   596  C C   . HIS B 2 19 ? -5.709  -7.726  -0.784  1.00 32.23 ? 19  HIS B C   1 
ATOM   597  O O   . HIS B 2 19 ? -5.344  -6.701  -0.202  1.00 29.32 ? 19  HIS B O   1 
ATOM   598  C CB  . HIS B 2 19 ? -7.599  -8.651  0.476   1.00 31.11 ? 19  HIS B CB  1 
ATOM   599  C CG  . HIS B 2 19 ? -9.031  -9.088  0.614   1.00 33.99 ? 19  HIS B CG  1 
ATOM   600  N ND1 . HIS B 2 19 ? -10.031 -8.715  -0.258  1.00 40.52 ? 19  HIS B ND1 1 
ATOM   601  C CD2 . HIS B 2 19 ? -9.634  -9.837  1.577   1.00 28.13 ? 19  HIS B CD2 1 
ATOM   602  C CE1 . HIS B 2 19 ? -11.177 -9.259  0.128   1.00 36.22 ? 19  HIS B CE1 1 
ATOM   603  N NE2 . HIS B 2 19 ? -10.948 -9.993  1.203   1.00 40.98 ? 19  HIS B NE2 1 
ATOM   604  N N   . CYS B 2 20 ? -4.863  -8.717  -1.087  1.00 33.11 ? 20  CYS B N   1 
ATOM   605  C CA  . CYS B 2 20 ? -3.459  -8.676  -0.670  1.00 30.77 ? 20  CYS B CA  1 
ATOM   606  C C   . CYS B 2 20 ? -2.550  -9.566  -1.526  1.00 34.31 ? 20  CYS B C   1 
ATOM   607  O O   . CYS B 2 20 ? -3.029  -10.365 -2.328  1.00 35.94 ? 20  CYS B O   1 
ATOM   608  C CB  . CYS B 2 20 ? -3.331  -9.058  0.811   1.00 33.12 ? 20  CYS B CB  1 
ATOM   609  S SG  . CYS B 2 20 ? -4.067  -10.672 1.267   1.00 32.80 ? 20  CYS B SG  1 
ATOM   610  N N   . ILE B 2 21 ? -1.234  -9.417  -1.368  1.00 32.17 ? 21  ILE B N   1 
ATOM   611  C CA  . ILE B 2 21 ? -0.289  -10.193 -2.168  1.00 34.26 ? 21  ILE B CA  1 
ATOM   612  C C   . ILE B 2 21 ? 0.303   -11.360 -1.362  1.00 33.32 ? 21  ILE B C   1 
ATOM   613  O O   . ILE B 2 21 ? 0.240   -12.494 -1.798  1.00 36.09 ? 21  ILE B O   1 
ATOM   614  C CB  . ILE B 2 21 ? 0.845   -9.273  -2.699  1.00 33.00 ? 21  ILE B CB  1 
ATOM   615  C CG1 . ILE B 2 21 ? 0.257   -8.125  -3.527  1.00 37.90 ? 21  ILE B CG1 1 
ATOM   616  C CG2 . ILE B 2 21 ? 1.842   -10.079 -3.538  1.00 37.04 ? 21  ILE B CG2 1 
ATOM   617  C CD1 . ILE B 2 21 ? -0.690  -8.614  -4.642  1.00 35.64 ? 21  ILE B CD1 1 
ATOM   618  N N   . SER B 2 22 ? 0.921   -11.062 -0.223  1.00 32.94 ? 22  SER B N   1 
ATOM   619  C CA  . SER B 2 22 ? 1.593   -12.061 0.601   1.00 36.39 ? 22  SER B CA  1 
ATOM   620  C C   . SER B 2 22 ? 1.582   -11.601 2.066   1.00 36.07 ? 22  SER B C   1 
ATOM   621  O O   . SER B 2 22 ? 1.255   -10.449 2.339   1.00 35.13 ? 22  SER B O   1 
ATOM   622  C CB  . SER B 2 22 ? 3.044   -12.212 0.139   1.00 39.02 ? 22  SER B CB  1 
ATOM   623  O OG  . SER B 2 22 ? 3.701   -10.961 0.248   1.00 43.90 ? 22  SER B OG  1 
ATOM   624  N N   . GLY B 2 23 ? 2.082   -12.443 2.974   1.00 34.92 ? 23  GLY B N   1 
ATOM   625  C CA  . GLY B 2 23 ? 2.210   -12.094 4.382   1.00 34.84 ? 23  GLY B CA  1 
ATOM   626  C C   . GLY B 2 23 ? 1.534   -13.146 5.258   1.00 31.76 ? 23  GLY B C   1 
ATOM   627  O O   . GLY B 2 23 ? 0.742   -13.937 4.750   1.00 33.67 ? 23  GLY B O   1 
ATOM   628  N N   . PRO B 2 24 ? 1.879   -13.205 6.542   1.00 31.11 ? 24  PRO B N   1 
ATOM   629  C CA  . PRO B 2 24 ? 1.317   -14.237 7.432   1.00 31.95 ? 24  PRO B CA  1 
ATOM   630  C C   . PRO B 2 24 ? -0.210  -14.184 7.562   1.00 32.40 ? 24  PRO B C   1 
ATOM   631  O O   . PRO B 2 24 ? -0.824  -15.196 7.907   1.00 30.39 ? 24  PRO B O   1 
ATOM   632  C CB  . PRO B 2 24 ? 1.996   -13.998 8.782   1.00 32.20 ? 24  PRO B CB  1 
ATOM   633  C CG  . PRO B 2 24 ? 2.899   -12.807 8.624   1.00 38.03 ? 24  PRO B CG  1 
ATOM   634  C CD  . PRO B 2 24 ? 2.787   -12.267 7.226   1.00 28.84 ? 24  PRO B CD  1 
ATOM   635  N N   . CYS B 2 25 ? -0.814  -13.035 7.262   1.00 29.25 ? 25  CYS B N   1 
ATOM   636  C CA  . CYS B 2 25 ? -2.258  -12.886 7.385   1.00 29.23 ? 25  CYS B CA  1 
ATOM   637  C C   . CYS B 2 25 ? -2.930  -12.679 6.027   1.00 30.71 ? 25  CYS B C   1 
ATOM   638  O O   . CYS B 2 25 ? -4.029  -12.122 5.943   1.00 31.05 ? 25  CYS B O   1 
ATOM   639  C CB  . CYS B 2 25 ? -2.588  -11.778 8.394   1.00 29.38 ? 25  CYS B CB  1 
ATOM   640  S SG  . CYS B 2 25 ? -2.160  -12.223 10.085  1.00 29.32 ? 25  CYS B SG  1 
ATOM   641  N N   . CYS B 2 26 ? -2.269  -13.167 4.967   1.00 30.66 ? 26  CYS B N   1 
ATOM   642  C CA  . CYS B 2 26 ? -2.824  -13.225 3.604   1.00 30.21 ? 26  CYS B CA  1 
ATOM   643  C C   . CYS B 2 26 ? -2.800  -14.685 3.148   1.00 32.42 ? 26  CYS B C   1 
ATOM   644  O O   . CYS B 2 26 ? -1.792  -15.370 3.312   1.00 32.80 ? 26  CYS B O   1 
ATOM   645  C CB  . CYS B 2 26 ? -1.935  -12.406 2.635   1.00 34.57 ? 26  CYS B CB  1 
ATOM   646  S SG  . CYS B 2 26 ? -2.643  -12.118 0.983   1.00 36.60 ? 26  CYS B SG  1 
ATOM   647  N N   . GLU B 2 27 ? -3.902  -15.169 2.579   1.00 33.59 ? 27  GLU B N   1 
ATOM   648  C CA  . GLU B 2 27 ? -3.886  -16.502 1.995   1.00 33.91 ? 27  GLU B CA  1 
ATOM   649  C C   . GLU B 2 27 ? -4.838  -16.597 0.811   1.00 33.92 ? 27  GLU B C   1 
ATOM   650  O O   . GLU B 2 27 ? -5.908  -15.982 0.821   1.00 29.01 ? 27  GLU B O   1 
ATOM   651  C CB  . GLU B 2 27 ? -4.228  -17.532 3.075   1.00 39.40 ? 27  GLU B CB  1 
ATOM   652  C CG  . GLU B 2 27 ? -4.271  -18.969 2.594   1.00 41.61 ? 27  GLU B CG  1 
ATOM   653  C CD  . GLU B 2 27 ? -4.532  -19.907 3.752   1.00 49.78 ? 27  GLU B CD  1 
ATOM   654  O OE1 . GLU B 2 27 ? -5.724  -20.106 4.060   1.00 49.96 ? 27  GLU B OE1 1 
ATOM   655  O OE2 . GLU B 2 27 ? -3.565  -20.208 4.491   1.00 46.46 ? 27  GLU B OE2 1 
ATOM   656  N N   . ASN B 2 28 ? -4.317  -17.103 -0.305  1.00 34.94 ? 28  ASN B N   1 
ATOM   657  C CA  . ASN B 2 28 ? -5.042  -17.003 -1.567  1.00 34.55 ? 28  ASN B CA  1 
ATOM   658  C C   . ASN B 2 28 ? -5.438  -15.583 -1.973  1.00 36.06 ? 28  ASN B C   1 
ATOM   659  O O   . ASN B 2 28 ? -6.486  -15.380 -2.592  1.00 33.77 ? 28  ASN B O   1 
ATOM   660  C CB  . ASN B 2 28 ? -6.271  -17.924 -1.504  1.00 37.89 ? 28  ASN B CB  1 
ATOM   661  C CG  . ASN B 2 28 ? -5.885  -19.370 -1.222  1.00 44.77 ? 28  ASN B CG  1 
ATOM   662  O OD1 . ASN B 2 28 ? -4.859  -19.858 -1.711  1.00 51.99 ? 28  ASN B OD1 1 
ATOM   663  N ND2 . ASN B 2 28 ? -6.713  -20.072 -0.449  1.00 54.20 ? 28  ASN B ND2 1 
ATOM   664  N N   . CYS B 2 29 ? -4.567  -14.609 -1.700  1.00 34.70 ? 29  CYS B N   1 
ATOM   665  C CA  . CYS B 2 29 ? -4.820  -13.223 -2.106  1.00 33.27 ? 29  CYS B CA  1 
ATOM   666  C C   . CYS B 2 29 ? -5.895  -12.506 -1.266  1.00 32.02 ? 29  CYS B C   1 
ATOM   667  O O   . CYS B 2 29 ? -6.388  -11.444 -1.662  1.00 30.83 ? 29  CYS B O   1 
ATOM   668  C CB  . CYS B 2 29 ? -5.196  -13.155 -3.595  1.00 35.37 ? 29  CYS B CB  1 
ATOM   669  S SG  . CYS B 2 29 ? -4.110  -14.096 -4.716  1.00 37.13 ? 29  CYS B SG  1 
ATOM   670  N N   . TYR B 2 30 ? -6.353  -13.137 -0.181  1.00 29.55 ? 30  TYR B N   1 
ATOM   671  C CA  . TYR B 2 30 ? -7.369  -12.522 0.694   1.00 30.10 ? 30  TYR B CA  1 
ATOM   672  C C   . TYR B 2 30 ? -6.852  -12.370 2.131   1.00 30.09 ? 30  TYR B C   1 
ATOM   673  O O   . TYR B 2 30 ? -5.973  -13.103 2.566   1.00 31.79 ? 30  TYR B O   1 
ATOM   674  C CB  . TYR B 2 30 ? -8.660  -13.381 0.741   1.00 35.01 ? 30  TYR B CB  1 
ATOM   675  C CG  . TYR B 2 30 ? -9.412  -13.533 -0.568  1.00 32.94 ? 30  TYR B CG  1 
ATOM   676  C CD1 . TYR B 2 30 ? -10.029 -12.441 -1.185  1.00 40.26 ? 30  TYR B CD1 1 
ATOM   677  C CD2 . TYR B 2 30 ? -9.517  -14.777 -1.178  1.00 38.49 ? 30  TYR B CD2 1 
ATOM   678  C CE1 . TYR B 2 30 ? -10.737 -12.592 -2.372  1.00 43.25 ? 30  TYR B CE1 1 
ATOM   679  C CE2 . TYR B 2 30 ? -10.229 -14.938 -2.357  1.00 45.60 ? 30  TYR B CE2 1 
ATOM   680  C CZ  . TYR B 2 30 ? -10.850 -13.849 -2.935  1.00 43.30 ? 30  TYR B CZ  1 
ATOM   681  O OH  . TYR B 2 30 ? -11.523 -14.015 -4.123  1.00 49.08 ? 30  TYR B OH  1 
ATOM   682  N N   . PHE B 2 31 ? -7.431  -11.444 2.891   1.00 29.37 ? 31  PHE B N   1 
ATOM   683  C CA  . PHE B 2 31 ? -7.055  -11.305 4.298   1.00 29.13 ? 31  PHE B CA  1 
ATOM   684  C C   . PHE B 2 31 ? -7.635  -12.495 5.062   1.00 31.87 ? 31  PHE B C   1 
ATOM   685  O O   . PHE B 2 31 ? -8.821  -12.790 4.906   1.00 29.94 ? 31  PHE B O   1 
ATOM   686  C CB  . PHE B 2 31 ? -7.654  -10.011 4.853   1.00 30.48 ? 31  PHE B CB  1 
ATOM   687  C CG  . PHE B 2 31 ? -7.011  -8.744  4.301   1.00 30.45 ? 31  PHE B CG  1 
ATOM   688  C CD1 . PHE B 2 31 ? -5.631  -8.646  4.155   1.00 32.96 ? 31  PHE B CD1 1 
ATOM   689  C CD2 . PHE B 2 31 ? -7.794  -7.643  3.992   1.00 33.57 ? 31  PHE B CD2 1 
ATOM   690  C CE1 . PHE B 2 31 ? -5.040  -7.447  3.736   1.00 28.20 ? 31  PHE B CE1 1 
ATOM   691  C CE2 . PHE B 2 31 ? -7.207  -6.437  3.565   1.00 35.28 ? 31  PHE B CE2 1 
ATOM   692  C CZ  . PHE B 2 31 ? -5.832  -6.375  3.385   1.00 31.94 ? 31  PHE B CZ  1 
ATOM   693  N N   . LEU B 2 32 ? -6.839  -13.118 5.929   1.00 29.05 ? 32  LEU B N   1 
ATOM   694  C CA  . LEU B 2 32 ? -7.370  -14.104 6.887   1.00 26.58 ? 32  LEU B CA  1 
ATOM   695  C C   . LEU B 2 32 ? -8.295  -13.389 7.879   1.00 29.43 ? 32  LEU B C   1 
ATOM   696  O O   . LEU B 2 32 ? -8.066  -12.206 8.225   1.00 26.32 ? 32  LEU B O   1 
ATOM   697  C CB  . LEU B 2 32 ? -6.204  -14.781 7.637   1.00 28.53 ? 32  LEU B CB  1 
ATOM   698  C CG  . LEU B 2 32 ? -5.413  -15.768 6.754   1.00 35.25 ? 32  LEU B CG  1 
ATOM   699  C CD1 . LEU B 2 32 ? -4.317  -16.463 7.540   1.00 33.93 ? 32  LEU B CD1 1 
ATOM   700  C CD2 . LEU B 2 32 ? -6.353  -16.812 6.132   1.00 44.18 ? 32  LEU B CD2 1 
ATOM   701  N N   . ARG B 2 33 ? -9.281  -14.123 8.405   1.00 24.29 ? 33  ARG B N   1 
ATOM   702  C CA  . ARG B 2 33 ? -10.256 -13.542 9.323   1.00 29.32 ? 33  ARG B CA  1 
ATOM   703  C C   . ARG B 2 33 ? -9.587  -12.937 10.546  1.00 25.02 ? 33  ARG B C   1 
ATOM   704  O O   . ARG B 2 33 ? -8.672  -13.523 11.144  1.00 27.50 ? 33  ARG B O   1 
ATOM   705  C CB  . ARG B 2 33 ? -11.311 -14.590 9.753   1.00 29.29 ? 33  ARG B CB  1 
ATOM   706  C CG  . ARG B 2 33 ? -12.509 -14.007 10.536  1.00 32.71 ? 33  ARG B CG  1 
ATOM   707  C CD  . ARG B 2 33 ? -13.611 -15.062 10.814  1.00 34.14 ? 33  ARG B CD  1 
ATOM   708  N NE  . ARG B 2 33 ? -14.622 -15.105 9.758   1.00 40.71 ? 33  ARG B NE  1 
ATOM   709  C CZ  . ARG B 2 33 ? -15.594 -16.017 9.682   1.00 45.71 ? 33  ARG B CZ  1 
ATOM   710  N NH1 . ARG B 2 33 ? -15.613 -17.059 10.516  1.00 43.71 ? 33  ARG B NH1 1 
ATOM   711  N NH2 . ARG B 2 33 ? -16.465 -15.945 8.682   1.00 50.65 ? 33  ARG B NH2 1 
ATOM   712  N N   . SER B 2 34 ? -10.057 -11.765 10.963  1.00 27.53 ? 34  SER B N   1 
ATOM   713  C CA  . SER B 2 34 ? -9.540  -11.206 12.213  1.00 30.76 ? 34  SER B CA  1 
ATOM   714  C C   . SER B 2 34 ? -9.666  -12.152 13.408  1.00 29.50 ? 34  SER B C   1 
ATOM   715  O O   . SER B 2 34 ? -10.682 -12.840 13.570  1.00 28.30 ? 34  SER B O   1 
ATOM   716  C CB  . SER B 2 34 ? -10.182 -9.864  12.541  1.00 32.35 ? 34  SER B CB  1 
ATOM   717  O OG  . SER B 2 34 ? -11.522 -10.074 12.913  1.00 46.97 ? 34  SER B OG  1 
ATOM   718  N N   . GLY B 2 35 ? -8.598  -12.248 14.194  1.00 28.70 ? 35  GLY B N   1 
ATOM   719  C CA  . GLY B 2 35 ? -8.594  -13.173 15.322  1.00 32.75 ? 35  GLY B CA  1 
ATOM   720  C C   . GLY B 2 35 ? -7.903  -14.493 15.022  1.00 30.96 ? 35  GLY B C   1 
ATOM   721  O O   . GLY B 2 35 ? -7.698  -15.300 15.933  1.00 30.31 ? 35  GLY B O   1 
ATOM   722  N N   . THR B 2 36 ? -7.640  -14.769 13.746  1.00 26.08 ? 36  THR B N   1 
ATOM   723  C CA  . THR B 2 36 ? -6.800  -15.923 13.386  1.00 28.89 ? 36  THR B CA  1 
ATOM   724  C C   . THR B 2 36 ? -5.453  -15.788 14.072  1.00 29.17 ? 36  THR B C   1 
ATOM   725  O O   . THR B 2 36 ? -4.759  -14.793 13.907  1.00 29.39 ? 36  THR B O   1 
ATOM   726  C CB  . THR B 2 36 ? -6.604  -16.014 11.852  1.00 27.77 ? 36  THR B CB  1 
ATOM   727  O OG1 . THR B 2 36 ? -7.885  -16.142 11.211  1.00 30.68 ? 36  THR B OG1 1 
ATOM   728  C CG2 . THR B 2 36 ? -5.835  -17.294 11.445  1.00 29.70 ? 36  THR B CG2 1 
ATOM   729  N N   . ILE B 2 37 ? -4.982  -16.836 14.733  1.00 29.75 ? 37  ILE B N   1 
ATOM   730  C CA  . ILE B 2 37 ? -3.737  -16.674 15.476  1.00 27.19 ? 37  ILE B CA  1 
ATOM   731  C C   . ILE B 2 37 ? -2.542  -16.755 14.532  1.00 29.58 ? 37  ILE B C   1 
ATOM   732  O O   . ILE B 2 37 ? -2.493  -17.663 13.687  1.00 29.87 ? 37  ILE B O   1 
ATOM   733  C CB  . ILE B 2 37 ? -3.612  -17.773 16.562  1.00 29.97 ? 37  ILE B CB  1 
ATOM   734  C CG1 . ILE B 2 37 ? -4.661  -17.551 17.644  1.00 31.37 ? 37  ILE B CG1 1 
ATOM   735  C CG2 . ILE B 2 37 ? -2.196  -17.690 17.191  1.00 30.05 ? 37  ILE B CG2 1 
ATOM   736  C CD1 . ILE B 2 37 ? -4.279  -18.153 18.966  1.00 53.77 ? 37  ILE B CD1 1 
ATOM   737  N N   . CYS B 2 38 ? -1.679  -15.735 14.520  1.00 30.63 ? 38  CYS B N   1 
ATOM   738  C CA  . CYS B 2 38 ? -0.567  -15.719 13.559  1.00 30.77 ? 38  CYS B CA  1 
ATOM   739  C C   . CYS B 2 38 ? 0.818   -15.997 14.151  1.00 31.26 ? 38  CYS B C   1 
ATOM   740  O O   . CYS B 2 38 ? 1.771   -16.281 13.412  1.00 31.30 ? 38  CYS B O   1 
ATOM   741  C CB  . CYS B 2 38 ? -0.543  -14.457 12.664  1.00 32.41 ? 38  CYS B CB  1 
ATOM   742  S SG  . CYS B 2 38 ? -0.554  -12.816 13.475  1.00 32.76 ? 38  CYS B SG  1 
ATOM   743  N N   . GLN B 2 39 ? 0.945   -15.761 15.449  1.00 31.57 ? 39  GLN B N   1 
ATOM   744  C CA  . GLN B 2 39 ? 2.127   -16.156 16.214  1.00 32.63 ? 39  GLN B CA  1 
ATOM   745  C C   . GLN B 2 39 ? 1.816   -16.403 17.688  1.00 32.76 ? 39  GLN B C   1 
ATOM   746  O O   . GLN B 2 39 ? 1.376   -15.503 18.418  1.00 30.95 ? 39  GLN B O   1 
ATOM   747  C CB  . GLN B 2 39 ? 3.263   -15.127 16.082  1.00 32.20 ? 39  GLN B CB  1 
ATOM   748  C CG  . GLN B 2 39 ? 4.567   -15.633 16.747  1.00 36.70 ? 39  GLN B CG  1 
ATOM   749  C CD  . GLN B 2 39 ? 5.707   -14.640 16.716  1.00 51.78 ? 39  GLN B CD  1 
ATOM   750  O OE1 . GLN B 2 39 ? 6.806   -14.948 17.185  1.00 66.18 ? 39  GLN B OE1 1 
ATOM   751  N NE2 . GLN B 2 39 ? 5.458   -13.450 16.182  1.00 62.50 ? 39  GLN B NE2 1 
ATOM   752  N N   . ARG B 2 40 ? 2.070   -17.615 18.167  1.00 31.24 ? 40  ARG B N   1 
ATOM   753  C CA  . ARG B 2 40 ? 1.912   -17.884 19.598  1.00 31.49 ? 40  ARG B CA  1 
ATOM   754  C C   . ARG B 2 40 ? 3.106   -17.428 20.429  1.00 33.89 ? 40  ARG B C   1 
ATOM   755  O O   . ARG B 2 40 ? 4.243   -17.569 19.997  1.00 33.40 ? 40  ARG B O   1 
ATOM   756  C CB  . ARG B 2 40 ? 1.634   -19.378 19.831  1.00 32.46 ? 40  ARG B CB  1 
ATOM   757  C CG  . ARG B 2 40 ? 0.327   -19.784 19.156  1.00 33.20 ? 40  ARG B CG  1 
ATOM   758  C CD  . ARG B 2 40 ? -0.216  -21.166 19.479  1.00 37.61 ? 40  ARG B CD  1 
ATOM   759  N NE  . ARG B 2 40 ? -1.283  -21.495 18.530  1.00 35.55 ? 40  ARG B NE  1 
ATOM   760  C CZ  . ARG B 2 40 ? -2.580  -21.364 18.766  1.00 40.28 ? 40  ARG B CZ  1 
ATOM   761  N NH1 . ARG B 2 40 ? -3.020  -21.022 19.970  1.00 35.98 ? 40  ARG B NH1 1 
ATOM   762  N NH2 . ARG B 2 40 ? -3.434  -21.523 17.760  1.00 36.39 ? 40  ARG B NH2 1 
ATOM   763  N N   . ALA B 2 41 ? 2.837   -16.805 21.579  1.00 39.05 ? 41  ALA B N   1 
ATOM   764  C CA  . ALA B 2 41 ? 3.904   -16.260 22.425  1.00 42.79 ? 41  ALA B CA  1 
ATOM   765  C C   . ALA B 2 41 ? 4.605   -17.353 23.238  1.00 47.97 ? 41  ALA B C   1 
ATOM   766  O O   . ALA B 2 41 ? 3.956   -18.261 23.737  1.00 46.24 ? 41  ALA B O   1 
ATOM   767  C CB  . ALA B 2 41 ? 3.343   -15.203 23.362  1.00 42.44 ? 41  ALA B CB  1 
ATOM   768  N N   . ARG B 2 42 ? 5.897   -17.173 23.494  1.00 55.91 ? 42  ARG B N   1 
ATOM   769  C CA  . ARG B 2 42 ? 6.574   -17.877 24.591  1.00 62.51 ? 42  ARG B CA  1 
ATOM   770  C C   . ARG B 2 42 ? 5.822   -17.880 25.925  1.00 66.64 ? 42  ARG B C   1 
ATOM   771  O O   . ARG B 2 42 ? 5.100   -18.829 26.249  1.00 67.42 ? 42  ARG B O   1 
ATOM   772  C CB  . ARG B 2 42 ? 7.975   -17.316 24.803  1.00 62.63 ? 42  ARG B CB  1 
ATOM   773  C CG  . ARG B 2 42 ? 8.806   -17.248 23.539  1.00 70.20 ? 42  ARG B CG  1 
ATOM   774  C CD  . ARG B 2 42 ? 9.553   -18.536 23.218  1.00 78.86 ? 42  ARG B CD  1 
ATOM   775  N NE  . ARG B 2 42 ? 9.325   -18.959 21.838  1.00 87.15 ? 42  ARG B NE  1 
ATOM   776  C CZ  . ARG B 2 42 ? 10.283  -19.135 20.935  1.00 91.72 ? 42  ARG B CZ  1 
ATOM   777  N NH1 . ARG B 2 42 ? 11.555  -18.940 21.264  1.00 93.53 ? 42  ARG B NH1 1 
ATOM   778  N NH2 . ARG B 2 42 ? 9.972   -19.524 19.703  1.00 90.69 ? 42  ARG B NH2 1 
ATOM   779  N N   . GLY B 2 43 ? 6.023   -16.831 26.720  1.00 70.04 ? 43  GLY B N   1 
ATOM   780  C CA  . GLY B 2 43 ? 5.963   -16.962 28.166  1.00 73.42 ? 43  GLY B CA  1 
ATOM   781  C C   . GLY B 2 43 ? 4.582   -16.853 28.800  1.00 74.96 ? 43  GLY B C   1 
ATOM   782  O O   . GLY B 2 43 ? 4.427   -17.109 29.999  1.00 76.02 ? 43  GLY B O   1 
ATOM   783  N N   . ASP B 2 44 ? 3.585   -16.443 28.021  1.00 76.71 ? 44  ASP B N   1 
ATOM   784  C CA  . ASP B 2 44 ? 2.381   -15.845 28.598  1.00 78.31 ? 44  ASP B CA  1 
ATOM   785  C C   . ASP B 2 44 ? 1.093   -16.179 27.844  1.00 77.75 ? 44  ASP B C   1 
ATOM   786  O O   . ASP B 2 44 ? 0.942   -17.288 27.323  1.00 77.67 ? 44  ASP B O   1 
ATOM   787  C CB  . ASP B 2 44 ? 2.538   -14.325 28.771  1.00 79.00 ? 44  ASP B CB  1 
ATOM   788  C CG  . ASP B 2 44 ? 3.193   -13.652 27.569  1.00 83.26 ? 44  ASP B CG  1 
ATOM   789  O OD1 . ASP B 2 44 ? 2.668   -12.612 27.111  1.00 86.77 ? 44  ASP B OD1 1 
ATOM   790  O OD2 . ASP B 2 44 ? 4.275   -14.031 27.069  1.00 84.59 ? 44  ASP B OD2 1 
ATOM   791  N N   . GLY B 2 45 ? 0.150   -15.237 27.840  1.00 76.07 ? 45  GLY B N   1 
ATOM   792  C CA  . GLY B 2 45 ? -1.087  -15.383 27.092  1.00 72.21 ? 45  GLY B CA  1 
ATOM   793  C C   . GLY B 2 45 ? -1.310  -14.317 26.028  1.00 69.30 ? 45  GLY B C   1 
ATOM   794  O O   . GLY B 2 45 ? -2.419  -14.174 25.501  1.00 70.90 ? 45  GLY B O   1 
ATOM   795  N N   . ASN B 2 46 ? -0.247  -13.568 25.823  1.00 64.98 ? 46  ASN B N   1 
ATOM   796  C CA  . ASN B 2 46 ? -0.282  -12.543 24.829  1.00 56.74 ? 46  ASN B CA  1 
ATOM   797  C C   . ASN B 2 46 ? 0.203   -13.189 23.474  1.00 49.22 ? 46  ASN B C   1 
ATOM   798  O O   . ASN B 2 46 ? 1.397   -13.266 23.224  1.00 47.91 ? 46  ASN B O   1 
ATOM   799  C CB  . ASN B 2 46 ? 0.536   -11.289 25.310  1.00 59.09 ? 46  ASN B CB  1 
ATOM   800  C CG  . ASN B 2 46 ? -0.237  -10.299 26.173  1.00 65.98 ? 46  ASN B CG  1 
ATOM   801  O OD1 . ASN B 2 46 ? -1.452  -10.457 26.357  1.00 72.81 ? 46  ASN B OD1 1 
ATOM   802  N ND2 . ASN B 2 46 ? 0.450   -9.292  26.682  1.00 56.64 ? 46  ASN B ND2 1 
ATOM   803  N N   . ASN B 2 47 ? -0.729  -13.667 22.609  1.00 40.24 ? 47  ASN B N   1 
ATOM   804  C CA  . ASN B 2 47 ? -0.386  -14.150 21.295  1.00 38.95 ? 47  ASN B CA  1 
ATOM   805  C C   . ASN B 2 47 ? -0.694  -13.019 20.310  1.00 37.67 ? 47  ASN B C   1 
ATOM   806  O O   . ASN B 2 47 ? -1.412  -12.081 20.672  1.00 31.72 ? 47  ASN B O   1 
ATOM   807  C CB  . ASN B 2 47 ? -1.235  -15.394 20.883  1.00 38.97 ? 47  ASN B CB  1 
ATOM   808  C CG  . ASN B 2 47 ? -0.987  -16.639 21.689  1.00 36.54 ? 47  ASN B CG  1 
ATOM   809  O OD1 . ASN B 2 47 ? 0.122   -16.877 22.150  1.00 32.67 ? 47  ASN B OD1 1 
ATOM   810  N ND2 . ASN B 2 47 ? -2.027  -17.450 21.868  1.00 30.62 ? 47  ASN B ND2 1 
ATOM   811  N N   . ASP B 2 48 ? -0.162  -13.107 19.090  1.00 34.32 ? 48  ASP B N   1 
ATOM   812  C CA  . ASP B 2 48 ? -0.473  -12.142 18.031  1.00 32.23 ? 48  ASP B CA  1 
ATOM   813  C C   . ASP B 2 48 ? -1.556  -12.674 17.107  1.00 31.87 ? 48  ASP B C   1 
ATOM   814  O O   . ASP B 2 48 ? -1.575  -13.872 16.778  1.00 28.61 ? 48  ASP B O   1 
ATOM   815  C CB  . ASP B 2 48 ? 0.784   -11.818 17.207  1.00 33.38 ? 48  ASP B CB  1 
ATOM   816  C CG  . ASP B 2 48 ? 1.905   -11.216 18.047  1.00 33.71 ? 48  ASP B CG  1 
ATOM   817  O OD1 . ASP B 2 48 ? 3.081   -11.380 17.663  1.00 36.08 ? 48  ASP B OD1 1 
ATOM   818  O OD2 . ASP B 2 48 ? 1.721   -10.584 19.104  1.00 31.44 ? 48  ASP B OD2 1 
ATOM   819  N N   . TYR B 2 49 ? -2.469  -11.789 16.701  1.00 30.26 ? 49  TYR B N   1 
ATOM   820  C CA  . TYR B 2 49 ? -3.650  -12.168 15.932  1.00 27.28 ? 49  TYR B CA  1 
ATOM   821  C C   . TYR B 2 49 ? -3.684  -11.382 14.617  1.00 30.08 ? 49  TYR B C   1 
ATOM   822  O O   . TYR B 2 49 ? -3.418  -10.165 14.637  1.00 26.44 ? 49  TYR B O   1 
ATOM   823  C CB  . TYR B 2 49 ? -4.897  -11.821 16.754  1.00 27.39 ? 49  TYR B CB  1 
ATOM   824  C CG  . TYR B 2 49 ? -4.933  -12.517 18.096  1.00 30.38 ? 49  TYR B CG  1 
ATOM   825  C CD1 . TYR B 2 49 ? -5.425  -13.813 18.212  1.00 32.91 ? 49  TYR B CD1 1 
ATOM   826  C CD2 . TYR B 2 49 ? -4.614  -11.831 19.262  1.00 34.46 ? 49  TYR B CD2 1 
ATOM   827  C CE1 . TYR B 2 49 ? -5.454  -14.459 19.449  1.00 38.36 ? 49  TYR B CE1 1 
ATOM   828  C CE2 . TYR B 2 49 ? -4.622  -12.471 20.499  1.00 38.14 ? 49  TYR B CE2 1 
ATOM   829  C CZ  . TYR B 2 49 ? -5.038  -13.785 20.577  1.00 37.57 ? 49  TYR B CZ  1 
ATOM   830  O OH  . TYR B 2 49 ? -5.051  -14.412 21.798  1.00 38.09 ? 49  TYR B OH  1 
ATOM   831  N N   . CYS B 2 50 ? -4.173  -12.010 13.540  1.00 26.48 ? 50  CYS B N   1 
ATOM   832  C CA  . CYS B 2 50 ? -4.520  -11.282 12.309  1.00 26.86 ? 50  CYS B CA  1 
ATOM   833  C C   . CYS B 2 50 ? -5.562  -10.210 12.539  1.00 28.02 ? 50  CYS B C   1 
ATOM   834  O O   . CYS B 2 50 ? -6.503  -10.420 13.315  1.00 27.88 ? 50  CYS B O   1 
ATOM   835  C CB  . CYS B 2 50 ? -4.986  -12.226 11.191  1.00 27.83 ? 50  CYS B CB  1 
ATOM   836  S SG  . CYS B 2 50 ? -3.714  -13.429 10.715  1.00 29.33 ? 50  CYS B SG  1 
ATOM   837  N N   . THR B 2 51 ? -5.465  -9.095  11.801  1.00 24.73 ? 51  THR B N   1 
ATOM   838  C CA  . THR B 2 51 ? -6.384  -7.968  11.989  1.00 26.96 ? 51  THR B CA  1 
ATOM   839  C C   . THR B 2 51 ? -7.664  -8.071  11.164  1.00 26.28 ? 51  THR B C   1 
ATOM   840  O O   . THR B 2 51 ? -8.636  -7.361  11.455  1.00 28.11 ? 51  THR B O   1 
ATOM   841  C CB  . THR B 2 51 ? -5.720  -6.625  11.585  1.00 21.88 ? 51  THR B CB  1 
ATOM   842  O OG1 . THR B 2 51 ? -5.426  -6.688  10.189  1.00 27.64 ? 51  THR B OG1 1 
ATOM   843  C CG2 . THR B 2 51 ? -4.359  -6.490  12.197  1.00 39.26 ? 51  THR B CG2 1 
ATOM   844  N N   . GLY B 2 52 ? -7.598  -8.799  10.050  1.00 25.68 ? 52  GLY B N   1 
ATOM   845  C CA  . GLY B 2 52 ? -8.671  -8.833  9.061   1.00 27.87 ? 52  GLY B CA  1 
ATOM   846  C C   . GLY B 2 52 ? -8.678  -7.667  8.072   1.00 30.26 ? 52  GLY B C   1 
ATOM   847  O O   . GLY B 2 52 ? -9.509  -7.623  7.155   1.00 29.66 ? 52  GLY B O   1 
ATOM   848  N N   . ILE B 2 53 ? -7.746  -6.732  8.260   1.00 29.24 ? 53  ILE B N   1 
ATOM   849  C CA  . ILE B 2 53 ? -7.643  -5.512  7.410   1.00 29.02 ? 53  ILE B CA  1 
ATOM   850  C C   . ILE B 2 53 ? -6.225  -5.221  6.847   1.00 32.37 ? 53  ILE B C   1 
ATOM   851  O O   . ILE B 2 53 ? -6.033  -4.267  6.080   1.00 30.02 ? 53  ILE B O   1 
ATOM   852  C CB  . ILE B 2 53 ? -8.135  -4.283  8.220   1.00 29.56 ? 53  ILE B CB  1 
ATOM   853  C CG1 . ILE B 2 53 ? -7.278  -4.066  9.468   1.00 28.24 ? 53  ILE B CG1 1 
ATOM   854  C CG2 . ILE B 2 53 ? -9.600  -4.463  8.610   1.00 33.29 ? 53  ILE B CG2 1 
ATOM   855  C CD1 . ILE B 2 53 ? -7.533  -2.754  10.165  1.00 35.67 ? 53  ILE B CD1 1 
ATOM   856  N N   . THR B 2 54 ? -5.272  -6.039  7.262   1.00 28.56 ? 54  THR B N   1 
ATOM   857  C CA  . THR B 2 54 ? -3.861  -5.921  6.821   1.00 30.30 ? 54  THR B CA  1 
ATOM   858  C C   . THR B 2 54 ? -3.265  -7.331  6.695   1.00 30.68 ? 54  THR B C   1 
ATOM   859  O O   . THR B 2 54 ? -3.811  -8.276  7.267   1.00 30.81 ? 54  THR B O   1 
ATOM   860  C CB  . THR B 2 54 ? -2.999  -5.138  7.855   1.00 33.48 ? 54  THR B CB  1 
ATOM   861  O OG1 . THR B 2 54 ? -3.074  -5.758  9.148   1.00 28.67 ? 54  THR B OG1 1 
ATOM   862  C CG2 . THR B 2 54 ? -3.529  -3.717  8.080   1.00 34.38 ? 54  THR B CG2 1 
ATOM   863  N N   . PRO B 2 55 ? -2.181  -7.488  5.926   1.00 31.50 ? 55  PRO B N   1 
ATOM   864  C CA  . PRO B 2 55 ? -1.612  -8.811  5.651   1.00 29.91 ? 55  PRO B CA  1 
ATOM   865  C C   . PRO B 2 55 ? -0.437  -9.209  6.543   1.00 30.32 ? 55  PRO B C   1 
ATOM   866  O O   . PRO B 2 55 ? 0.042   -10.350 6.443   1.00 31.31 ? 55  PRO B O   1 
ATOM   867  C CB  . PRO B 2 55 ? -1.119  -8.677  4.202   1.00 30.22 ? 55  PRO B CB  1 
ATOM   868  C CG  . PRO B 2 55 ? -0.623  -7.254  4.127   1.00 31.97 ? 55  PRO B CG  1 
ATOM   869  C CD  . PRO B 2 55 ? -1.608  -6.449  5.034   1.00 29.32 ? 55  PRO B CD  1 
ATOM   870  N N   . ASP B 2 56 ? 0.025   -8.293  7.397   1.00 31.51 ? 56  ASP B N   1 
ATOM   871  C CA  . ASP B 2 56 ? 1.122   -8.570  8.320   1.00 33.05 ? 56  ASP B CA  1 
ATOM   872  C C   . ASP B 2 56 ? 0.617   -9.301  9.578   1.00 33.59 ? 56  ASP B C   1 
ATOM   873  O O   . ASP B 2 56 ? -0.585  -9.482  9.726   1.00 32.03 ? 56  ASP B O   1 
ATOM   874  C CB  . ASP B 2 56 ? 1.847   -7.270  8.710   1.00 37.02 ? 56  ASP B CB  1 
ATOM   875  C CG  . ASP B 2 56 ? 0.948   -6.283  9.446   1.00 37.39 ? 56  ASP B CG  1 
ATOM   876  O OD1 . ASP B 2 56 ? -0.188  -6.042  8.991   1.00 46.00 ? 56  ASP B OD1 1 
ATOM   877  O OD2 . ASP B 2 56 ? 1.259   -5.756  10.528  1.00 47.87 ? 56  ASP B OD2 1 
ATOM   878  N N   . CYS B 2 57 ? 1.518   -9.659  10.497  1.00 33.06 ? 57  CYS B N   1 
ATOM   879  C CA  . CYS B 2 57 ? 1.146   -10.208 11.819  1.00 33.53 ? 57  CYS B CA  1 
ATOM   880  C C   . CYS B 2 57 ? 1.399   -9.170  12.913  1.00 33.44 ? 57  CYS B C   1 
ATOM   881  O O   . CYS B 2 57 ? 2.538   -9.043  13.376  1.00 33.78 ? 57  CYS B O   1 
ATOM   882  C CB  . CYS B 2 57 ? 1.959   -11.484 12.159  1.00 32.54 ? 57  CYS B CB  1 
ATOM   883  S SG  . CYS B 2 57 ? 1.434   -12.321 13.713  1.00 36.35 ? 57  CYS B SG  1 
ATOM   884  N N   . PRO B 2 58 ? 0.381   -8.399  13.304  1.00 32.83 ? 58  PRO B N   1 
ATOM   885  C CA  . PRO B 2 58 ? 0.595   -7.291  14.244  1.00 33.08 ? 58  PRO B CA  1 
ATOM   886  C C   . PRO B 2 58 ? 1.027   -7.757  15.634  1.00 35.28 ? 58  PRO B C   1 
ATOM   887  O O   . PRO B 2 58 ? 0.488   -8.722  16.177  1.00 31.64 ? 58  PRO B O   1 
ATOM   888  C CB  . PRO B 2 58 ? -0.786  -6.621  14.337  1.00 36.16 ? 58  PRO B CB  1 
ATOM   889  C CG  . PRO B 2 58 ? -1.539  -7.084  13.131  1.00 38.23 ? 58  PRO B CG  1 
ATOM   890  C CD  . PRO B 2 58 ? -1.011  -8.452  12.819  1.00 34.61 ? 58  PRO B CD  1 
ATOM   891  N N   . ARG B 2 59 ? 2.003   -7.059  16.203  1.00 34.60 ? 59  ARG B N   1 
ATOM   892  C CA  . ARG B 2 59 ? 2.319   -7.173  17.627  1.00 36.65 ? 59  ARG B CA  1 
ATOM   893  C C   . ARG B 2 59 ? 1.138   -6.826  18.555  1.00 35.04 ? 59  ARG B C   1 
ATOM   894  O O   . ARG B 2 59 ? 0.627   -5.700  18.533  1.00 35.05 ? 59  ARG B O   1 
ATOM   895  C CB  . ARG B 2 59 ? 3.497   -6.246  17.951  1.00 36.17 ? 59  ARG B CB  1 
ATOM   896  C CG  . ARG B 2 59 ? 4.089   -6.474  19.334  1.00 40.31 ? 59  ARG B CG  1 
ATOM   897  C CD  . ARG B 2 59 ? 5.458   -5.825  19.524  1.00 57.03 ? 59  ARG B CD  1 
ATOM   898  N NE  . ARG B 2 59 ? 6.315   -6.620  20.397  1.00 67.62 ? 59  ARG B NE  1 
ATOM   899  C CZ  . ARG B 2 59 ? 6.624   -6.282  21.638  1.00 71.24 ? 59  ARG B CZ  1 
ATOM   900  N NH1 . ARG B 2 59 ? 6.221   -5.117  22.126  1.00 75.05 ? 59  ARG B NH1 1 
ATOM   901  N NH2 . ARG B 2 59 ? 7.357   -7.095  22.386  1.00 72.46 ? 59  ARG B NH2 1 
ATOM   902  N N   . ASN B 2 60 ? 0.728   -7.783  19.390  1.00 35.77 ? 60  ASN B N   1 
ATOM   903  C CA  . ASN B 2 60 ? -0.332  -7.571  20.379  1.00 36.96 ? 60  ASN B CA  1 
ATOM   904  C C   . ASN B 2 60 ? -0.082  -6.267  21.156  1.00 39.87 ? 60  ASN B C   1 
ATOM   905  O O   . ASN B 2 60 ? 0.993   -6.069  21.743  1.00 37.33 ? 60  ASN B O   1 
ATOM   906  C CB  . ASN B 2 60 ? -0.393  -8.762  21.353  1.00 36.49 ? 60  ASN B CB  1 
ATOM   907  C CG  . ASN B 2 60 ? -1.643  -8.760  22.246  1.00 40.20 ? 60  ASN B CG  1 
ATOM   908  O OD1 . ASN B 2 60 ? -1.902  -7.802  22.990  1.00 35.01 ? 60  ASN B OD1 1 
ATOM   909  N ND2 . ASN B 2 60 ? -2.362  -9.889  22.259  1.00 35.56 ? 60  ASN B ND2 1 
ATOM   910  N N   . ARG B 2 61 ? -1.096  -5.409  21.189  1.00 38.38 ? 61  ARG B N   1 
ATOM   911  C CA  . ARG B 2 61 ? -0.927  -4.033  21.649  1.00 42.83 ? 61  ARG B CA  1 
ATOM   912  C C   . ARG B 2 61 ? -0.755  -3.951  23.176  1.00 41.83 ? 61  ARG B C   1 
ATOM   913  O O   . ARG B 2 61 ? -0.274  -2.945  23.692  1.00 40.60 ? 61  ARG B O   1 
ATOM   914  C CB  . ARG B 2 61 ? -2.095  -3.158  21.155  1.00 43.60 ? 61  ARG B CB  1 
ATOM   915  C CG  . ARG B 2 61 ? -1.666  -1.973  20.270  1.00 56.63 ? 61  ARG B CG  1 
ATOM   916  C CD  . ARG B 2 61 ? -1.885  -2.127  18.754  1.00 59.86 ? 61  ARG B CD  1 
ATOM   917  N NE  . ARG B 2 61 ? -0.797  -2.880  18.146  1.00 61.07 ? 61  ARG B NE  1 
ATOM   918  C CZ  . ARG B 2 61 ? -0.339  -2.758  16.904  1.00 54.30 ? 61  ARG B CZ  1 
ATOM   919  N NH1 . ARG B 2 61 ? -0.704  -1.760  16.107  1.00 53.00 ? 61  ARG B NH1 1 
ATOM   920  N NH2 . ARG B 2 61 ? 0.593   -3.601  16.497  1.00 43.88 ? 61  ARG B NH2 1 
ATOM   921  N N   . TYR B 2 62 ? -1.086  -5.025  23.894  1.00 40.59 ? 62  TYR B N   1 
ATOM   922  C CA  . TYR B 2 62 ? -0.752  -5.126  25.322  1.00 44.13 ? 62  TYR B CA  1 
ATOM   923  C C   . TYR B 2 62 ? 0.730   -5.420  25.518  1.00 46.82 ? 62  TYR B C   1 
ATOM   924  O O   . TYR B 2 62 ? 1.276   -5.281  26.626  1.00 47.12 ? 62  TYR B O   1 
ATOM   925  C CB  . TYR B 2 62 ? -1.563  -6.223  26.010  1.00 40.12 ? 62  TYR B CB  1 
ATOM   926  C CG  . TYR B 2 62 ? -3.009  -5.847  26.252  1.00 40.49 ? 62  TYR B CG  1 
ATOM   927  C CD1 . TYR B 2 62 ? -3.362  -4.999  27.303  1.00 38.60 ? 62  TYR B CD1 1 
ATOM   928  C CD2 . TYR B 2 62 ? -4.005  -6.248  25.365  1.00 39.27 ? 62  TYR B CD2 1 
ATOM   929  C CE1 . TYR B 2 62 ? -4.683  -4.612  27.496  1.00 38.82 ? 62  TYR B CE1 1 
ATOM   930  C CE2 . TYR B 2 62 ? -5.335  -5.918  25.579  1.00 40.55 ? 62  TYR B CE2 1 
ATOM   931  C CZ  . TYR B 2 62 ? -5.662  -5.101  26.653  1.00 41.82 ? 62  TYR B CZ  1 
ATOM   932  O OH  . TYR B 2 62 ? -6.973  -4.772  26.899  1.00 58.58 ? 62  TYR B OH  1 
ATOM   933  N N   . ASN B 2 63 ? 1.342   -5.893  24.441  1.00 48.47 ? 63  ASN B N   1 
ATOM   934  C CA  . ASN B 2 63 ? 2.694   -6.448  24.442  1.00 54.85 ? 63  ASN B CA  1 
ATOM   935  C C   . ASN B 2 63 ? 2.784   -7.973  24.405  1.00 56.47 ? 63  ASN B C   1 
ATOM   936  O O   . ASN B 2 63 ? 3.171   -8.562  23.391  1.00 59.91 ? 63  ASN B O   1 
ATOM   937  C CB  . ASN B 2 63 ? 3.514   -5.864  25.582  1.00 56.70 ? 63  ASN B CB  1 
ATOM   938  C CG  . ASN B 2 63 ? 4.070   -4.514  25.235  1.00 58.25 ? 63  ASN B CG  1 
ATOM   939  O OD1 . ASN B 2 63 ? 3.422   -3.737  24.530  1.00 58.93 ? 63  ASN B OD1 1 
ATOM   940  N ND2 . ASN B 2 63 ? 5.306   -4.254  25.651  1.00 64.64 ? 63  ASN B ND2 1 
HETATM 941  O O   . HOH C 3 .  ? 4.341   13.652  -3.293  1.00 26.08 ? 65  HOH A O   1 
HETATM 942  O O   . HOH C 3 .  ? 0.810   13.646  -2.419  1.00 27.59 ? 66  HOH A O   1 
HETATM 943  O O   . HOH C 3 .  ? 7.096   15.535  3.021   1.00 28.82 ? 67  HOH A O   1 
HETATM 944  O O   . HOH C 3 .  ? 1.081   6.471   -2.071  1.00 42.78 ? 68  HOH A O   1 
HETATM 945  O O   . HOH C 3 .  ? 5.726   6.883   -12.581 1.00 35.03 ? 69  HOH A O   1 
HETATM 946  O O   . HOH C 3 .  ? -3.930  19.599  -0.414  1.00 32.87 ? 70  HOH A O   1 
HETATM 947  O O   . HOH C 3 .  ? 9.537   16.967  -0.756  1.00 39.92 ? 71  HOH A O   1 
HETATM 948  O O   . HOH C 3 .  ? 8.942   17.419  -7.772  1.00 42.72 ? 72  HOH A O   1 
HETATM 949  O O   . HOH C 3 .  ? -5.472  11.471  -5.869  1.00 41.21 ? 73  HOH A O   1 
HETATM 950  O O   . HOH C 3 .  ? -2.872  11.881  1.690   1.00 54.85 ? 74  HOH A O   1 
HETATM 951  O O   . HOH C 3 .  ? 3.808   23.794  -7.994  1.00 40.11 ? 75  HOH A O   1 
HETATM 952  O O   . HOH C 3 .  ? -4.639  15.833  -9.482  1.00 39.52 ? 76  HOH A O   1 
HETATM 953  O O   . HOH C 3 .  ? 3.566   25.215  -2.565  1.00 44.72 ? 77  HOH A O   1 
HETATM 954  O O   . HOH C 3 .  ? 1.909   4.465   -6.688  1.00 40.39 ? 78  HOH A O   1 
HETATM 955  O O   . HOH C 3 .  ? 6.213   7.395   1.949   1.00 41.48 ? 79  HOH A O   1 
HETATM 956  O O   . HOH C 3 .  ? 7.694   4.258   -1.173  1.00 42.96 ? 80  HOH A O   1 
HETATM 957  O O   . HOH C 3 .  ? -3.657  29.640  -9.108  1.00 56.62 ? 81  HOH A O   1 
HETATM 958  O O   . HOH C 3 .  ? 11.021  18.626  -1.877  1.00 58.22 ? 82  HOH A O   1 
HETATM 959  O O   . HOH C 3 .  ? 5.982   9.156   -15.038 1.00 47.01 ? 83  HOH A O   1 
HETATM 960  O O   . HOH C 3 .  ? -1.984  20.642  1.432   1.00 41.70 ? 84  HOH A O   1 
HETATM 961  O O   . HOH C 3 .  ? -8.427  22.022  -6.300  1.00 47.82 ? 85  HOH A O   1 
HETATM 962  O O   . HOH C 3 .  ? 10.471  14.159  -3.981  1.00 47.72 ? 86  HOH A O   1 
HETATM 963  O O   . HOH C 3 .  ? -7.680  17.704  8.534   1.00 59.31 ? 87  HOH A O   1 
HETATM 964  O O   . HOH C 3 .  ? -3.821  26.352  1.969   1.00 47.70 ? 88  HOH A O   1 
HETATM 965  O O   . HOH C 3 .  ? 3.360   6.164   0.515   1.00 49.89 ? 89  HOH A O   1 
HETATM 966  O O   . HOH C 3 .  ? 0.109   28.084  -3.507  1.00 49.47 ? 90  HOH A O   1 
HETATM 967  O O   . HOH C 3 .  ? 9.493   20.442  -1.320  1.00 46.39 ? 91  HOH A O   1 
HETATM 968  O O   . HOH C 3 .  ? -2.213  7.355   -6.429  1.00 49.23 ? 92  HOH A O   1 
HETATM 969  O O   . HOH C 3 .  ? -11.298 26.940  -2.783  1.00 69.63 ? 93  HOH A O   1 
HETATM 970  O O   . HOH C 3 .  ? 3.601   8.188   -13.265 1.00 55.37 ? 94  HOH A O   1 
HETATM 971  O O   . HOH C 3 .  ? -10.642 22.015  -9.209  1.00 64.14 ? 95  HOH A O   1 
HETATM 972  O O   . HOH C 3 .  ? 2.821   27.336  -3.998  1.00 57.16 ? 96  HOH A O   1 
HETATM 973  O O   . HOH C 3 .  ? -4.229  21.372  3.154   1.00 62.53 ? 97  HOH A O   1 
HETATM 974  O O   . HOH C 3 .  ? 14.073  0.071   -2.854  1.00 79.71 ? 98  HOH A O   1 
HETATM 975  O O   . HOH C 3 .  ? 7.421   22.697  -4.085  1.00 61.12 ? 99  HOH A O   1 
HETATM 976  O O   . HOH C 3 .  ? 9.931   21.644  -5.778  1.00 60.97 ? 100 HOH A O   1 
HETATM 977  O O   . HOH C 3 .  ? -10.224 23.693  8.698   1.00 60.09 ? 101 HOH A O   1 
HETATM 978  O O   . HOH C 3 .  ? -10.362 18.788  -4.296  1.00 50.68 ? 102 HOH A O   1 
HETATM 979  O O   . HOH C 3 .  ? -7.324  16.460  -5.241  1.00 46.93 ? 103 HOH A O   1 
HETATM 980  O O   . HOH C 3 .  ? 10.091  12.468  -10.493 1.00 51.23 ? 104 HOH A O   1 
HETATM 981  O O   . HOH C 3 .  ? -8.754  22.602  -3.775  1.00 48.98 ? 105 HOH A O   1 
HETATM 982  O O   . HOH C 3 .  ? -8.952  15.576  7.396   1.00 51.75 ? 106 HOH A O   1 
HETATM 983  O O   . HOH C 3 .  ? 5.678   -4.589  -20.142 1.00 65.34 ? 107 HOH A O   1 
HETATM 984  O O   . HOH C 3 .  ? 2.233   13.413  -12.067 1.00 46.80 ? 108 HOH A O   1 
HETATM 985  O O   . HOH C 3 .  ? 13.286  8.754   -11.658 1.00 65.73 ? 109 HOH A O   1 
HETATM 986  O O   . HOH C 3 .  ? -3.733  28.469  3.806   1.00 70.13 ? 110 HOH A O   1 
HETATM 987  O O   . HOH C 3 .  ? -0.157  -7.496  -17.947 1.00 68.69 ? 111 HOH A O   1 
HETATM 988  O O   . HOH C 3 .  ? 10.336  13.916  -8.170  1.00 51.28 ? 112 HOH A O   1 
HETATM 989  O O   . HOH C 3 .  ? 4.127   3.938   -2.932  1.00 62.03 ? 113 HOH A O   1 
HETATM 990  O O   . HOH C 3 .  ? 0.951   -4.612  -3.936  1.00 60.54 ? 114 HOH A O   1 
HETATM 991  O O   . HOH C 3 .  ? 17.184  6.844   -9.141  1.00 65.10 ? 115 HOH A O   1 
HETATM 992  O O   . HOH C 3 .  ? -12.400 22.840  -6.415  1.00 65.39 ? 116 HOH A O   1 
HETATM 993  O O   . HOH C 3 .  ? -4.770  8.947   -6.554  1.00 63.77 ? 117 HOH A O   1 
HETATM 994  O O   . HOH C 3 .  ? 10.900  -4.105  -4.605  1.00 66.11 ? 118 HOH A O   1 
HETATM 995  O O   . HOH C 3 .  ? -11.599 19.420  -11.991 1.00 65.38 ? 119 HOH A O   1 
HETATM 996  O O   . HOH C 3 .  ? -9.773  19.405  7.848   1.00 61.48 ? 120 HOH A O   1 
HETATM 997  O O   . HOH C 3 .  ? 6.639   6.064   -15.073 1.00 50.53 ? 121 HOH A O   1 
HETATM 998  O O   . HOH C 3 .  ? -10.486 18.246  3.434   1.00 61.85 ? 122 HOH A O   1 
HETATM 999  O O   . HOH C 3 .  ? -0.470  28.313  0.522   1.00 72.77 ? 123 HOH A O   1 
HETATM 1000 O O   . HOH C 3 .  ? -7.915  13.181  0.946   1.00 64.95 ? 124 HOH A O   1 
HETATM 1001 O O   . HOH C 3 .  ? 3.668   26.598  -6.867  1.00 66.37 ? 125 HOH A O   1 
HETATM 1002 O O   . HOH C 3 .  ? 3.284   -0.908  -19.326 1.00 64.32 ? 126 HOH A O   1 
HETATM 1003 O O   . HOH C 3 .  ? -5.299  12.543  2.465   1.00 75.78 ? 127 HOH A O   1 
HETATM 1004 O O   . HOH C 3 .  ? -16.786 21.207  3.825   1.00 80.78 ? 128 HOH A O   1 
HETATM 1005 O O   . HOH C 3 .  ? -13.130 25.973  -5.643  1.00 69.57 ? 129 HOH A O   1 
HETATM 1006 O O   . HOH C 3 .  ? -6.511  11.512  -1.571  1.00 55.67 ? 130 HOH A O   1 
HETATM 1007 O O   . HOH C 3 .  ? 2.512   9.923   6.069   1.00 73.54 ? 131 HOH A O   1 
HETATM 1008 O O   . HOH C 3 .  ? 17.176  5.750   -6.197  1.00 62.98 ? 132 HOH A O   1 
HETATM 1009 O O   . HOH C 3 .  ? 2.819   7.727   3.879   1.00 56.18 ? 133 HOH A O   1 
HETATM 1010 O O   . HOH C 3 .  ? -4.296  27.059  -1.191  1.00 51.35 ? 134 HOH A O   1 
HETATM 1011 O O   . HOH C 3 .  ? 7.676   24.130  -2.274  1.00 73.68 ? 135 HOH A O   1 
HETATM 1012 O O   . HOH C 3 .  ? 10.316  -0.491  -2.938  1.00 64.71 ? 136 HOH A O   1 
HETATM 1013 O O   . HOH C 3 .  ? 12.342  -9.384  -6.519  1.00 63.62 ? 137 HOH A O   1 
HETATM 1014 O O   . HOH C 3 .  ? 0.601   24.834  -10.927 1.00 50.00 ? 138 HOH A O   1 
HETATM 1015 O O   . HOH C 3 .  ? 9.908   13.410  -1.957  1.00 50.25 ? 139 HOH A O   1 
HETATM 1016 O O   . HOH C 3 .  ? -2.835  6.332   -3.744  1.00 75.63 ? 140 HOH A O   1 
HETATM 1017 O O   . HOH C 3 .  ? 4.530   0.862   -1.814  1.00 62.30 ? 141 HOH A O   1 
HETATM 1018 O O   . HOH C 3 .  ? 6.087   4.620   0.713   1.00 55.52 ? 142 HOH A O   1 
HETATM 1019 O O   . HOH D 3 .  ? -3.231  -8.871  10.134  1.00 28.00 ? 65  HOH B O   1 
HETATM 1020 O O   . HOH D 3 .  ? -5.996  -10.335 8.242   1.00 29.11 ? 66  HOH B O   1 
HETATM 1021 O O   . HOH D 3 .  ? -11.196 -6.226  11.322  1.00 32.45 ? 67  HOH B O   1 
HETATM 1022 O O   . HOH D 3 .  ? -12.027 -10.133 9.055   1.00 32.72 ? 68  HOH B O   1 
HETATM 1023 O O   . HOH D 3 .  ? -1.791  -9.207  17.775  1.00 28.85 ? 69  HOH B O   1 
HETATM 1024 O O   . HOH D 3 .  ? -11.414 -11.883 6.247   1.00 36.44 ? 70  HOH B O   1 
HETATM 1025 O O   . HOH D 3 .  ? -9.942  -16.691 7.192   1.00 39.74 ? 71  HOH B O   1 
HETATM 1026 O O   . HOH D 3 .  ? -6.481  -19.258 14.949  1.00 35.93 ? 72  HOH B O   1 
HETATM 1027 O O   . HOH D 3 .  ? -0.276  -7.842  0.494   1.00 46.57 ? 73  HOH B O   1 
HETATM 1028 O O   . HOH D 3 .  ? -2.614  0.079   16.681  1.00 45.98 ? 74  HOH B O   1 
HETATM 1029 O O   . HOH D 3 .  ? -1.851  -18.390 -0.496  1.00 44.33 ? 75  HOH B O   1 
HETATM 1030 O O   . HOH D 3 .  ? -13.377 -9.249  -1.906  1.00 48.88 ? 76  HOH B O   1 
HETATM 1031 O O   . HOH D 3 .  ? 8.110   -19.299 17.082  1.00 42.24 ? 77  HOH B O   1 
HETATM 1032 O O   . HOH D 3 .  ? 3.046   -4.374  14.802  1.00 59.26 ? 78  HOH B O   1 
HETATM 1033 O O   . HOH D 3 .  ? -1.664  -15.002 -1.120  1.00 40.15 ? 79  HOH B O   1 
HETATM 1034 O O   . HOH D 3 .  ? -6.912  -4.578  0.263   1.00 46.66 ? 80  HOH B O   1 
HETATM 1035 O O   . HOH D 3 .  ? -12.080 -8.709  6.659   1.00 37.17 ? 81  HOH B O   1 
HETATM 1036 O O   . HOH D 3 .  ? -1.439  0.575   20.789  1.00 58.89 ? 82  HOH B O   1 
HETATM 1037 O O   . HOH D 3 .  ? 3.591   -14.785 11.815  1.00 34.93 ? 83  HOH B O   1 
HETATM 1038 O O   . HOH D 3 .  ? 4.443   -9.496  9.895   1.00 44.56 ? 84  HOH B O   1 
HETATM 1039 O O   . HOH D 3 .  ? -1.804  -20.093 22.438  1.00 42.85 ? 85  HOH B O   1 
HETATM 1040 O O   . HOH D 3 .  ? -12.219 -7.222  9.289   1.00 40.70 ? 86  HOH B O   1 
HETATM 1041 O O   . HOH D 3 .  ? -8.013  -16.776 2.268   1.00 36.34 ? 87  HOH B O   1 
HETATM 1042 O O   . HOH D 3 .  ? -9.214  -5.490  25.623  1.00 41.64 ? 88  HOH B O   1 
HETATM 1043 O O   . HOH D 3 .  ? -4.832  -16.877 21.838  1.00 42.83 ? 89  HOH B O   1 
HETATM 1044 O O   . HOH D 3 .  ? -4.288  -10.265 24.749  1.00 44.39 ? 90  HOH B O   1 
HETATM 1045 O O   . HOH D 3 .  ? 3.594   -13.954 19.734  1.00 44.38 ? 91  HOH B O   1 
HETATM 1046 O O   . HOH D 3 .  ? -11.521 -15.255 14.288  1.00 44.31 ? 92  HOH B O   1 
HETATM 1047 O O   . HOH D 3 .  ? -4.813  -3.932  -9.589  1.00 50.82 ? 93  HOH B O   1 
HETATM 1048 O O   . HOH D 3 .  ? -6.768  -4.102  -6.015  1.00 47.58 ? 94  HOH B O   1 
HETATM 1049 O O   . HOH D 3 .  ? 12.262  -18.240 -11.485 1.00 75.51 ? 95  HOH B O   1 
HETATM 1050 O O   . HOH D 3 .  ? 5.451   -10.473 18.662  1.00 49.87 ? 96  HOH B O   1 
HETATM 1051 O O   . HOH D 3 .  ? -2.768  -5.457  1.587   1.00 47.39 ? 97  HOH B O   1 
HETATM 1052 O O   . HOH D 3 .  ? -0.069  -15.374 1.025   1.00 54.10 ? 98  HOH B O   1 
HETATM 1053 O O   . HOH D 3 .  ? -0.692  1.489   -9.089  1.00 43.49 ? 99  HOH B O   1 
HETATM 1054 O O   . HOH D 3 .  ? -4.255  -2.983  4.420   1.00 53.49 ? 100 HOH B O   1 
HETATM 1055 O O   . HOH D 3 .  ? -8.002  -16.144 -4.726  1.00 48.67 ? 101 HOH B O   1 
HETATM 1056 O O   . HOH D 3 .  ? 2.373   -20.227 26.767  1.00 59.35 ? 102 HOH B O   1 
HETATM 1057 O O   . HOH D 3 .  ? -3.457  -22.271 7.008   1.00 54.78 ? 103 HOH B O   1 
HETATM 1058 O O   . HOH D 3 .  ? -1.444  -17.179 -3.126  1.00 57.98 ? 104 HOH B O   1 
HETATM 1059 O O   . HOH D 3 .  ? -6.447  -5.572  -11.687 1.00 54.55 ? 105 HOH B O   1 
HETATM 1060 O O   . HOH D 3 .  ? 2.161   -15.239 2.048   1.00 56.45 ? 106 HOH B O   1 
HETATM 1061 O O   . HOH D 3 .  ? 1.715   -16.564 -11.554 0.50 62.38 ? 107 HOH B O   1 
HETATM 1062 O O   . HOH D 3 .  ? 0.009   -0.244  22.721  1.00 53.69 ? 108 HOH B O   1 
HETATM 1063 O O   . HOH D 3 .  ? 3.893   -5.883  11.763  1.00 56.58 ? 109 HOH B O   1 
HETATM 1064 O O   . HOH D 3 .  ? -13.404 -14.081 6.918   1.00 43.34 ? 110 HOH B O   1 
HETATM 1065 O O   . HOH D 3 .  ? 4.115   -10.930 15.136  1.00 59.80 ? 111 HOH B O   1 
HETATM 1066 O O   . HOH D 3 .  ? -0.676  -3.687  11.389  1.00 64.44 ? 112 HOH B O   1 
HETATM 1067 O O   . HOH D 3 .  ? -0.408  -17.296 5.417   1.00 48.16 ? 113 HOH B O   1 
HETATM 1068 O O   . HOH D 3 .  ? 5.524   -9.985  -2.037  1.00 56.92 ? 114 HOH B O   1 
HETATM 1069 O O   . HOH D 3 .  ? -0.842  1.884   -13.709 1.00 55.84 ? 115 HOH B O   1 
HETATM 1070 O O   . HOH D 3 .  ? -8.418  -16.342 18.334  1.00 54.39 ? 116 HOH B O   1 
HETATM 1071 O O   . HOH D 3 .  ? -4.857  -4.136  -15.554 1.00 63.69 ? 117 HOH B O   1 
HETATM 1072 O O   . HOH D 3 .  ? 3.160   -8.416  5.130   1.00 61.15 ? 118 HOH B O   1 
HETATM 1073 O O   . HOH D 3 .  ? 4.493   -9.263  6.876   1.00 55.13 ? 119 HOH B O   1 
HETATM 1074 O O   . HOH D 3 .  ? 6.656   -16.644 -9.084  1.00 72.11 ? 120 HOH B O   1 
HETATM 1075 O O   . HOH D 3 .  ? 0.642   -3.022  13.753  1.00 84.35 ? 121 HOH B O   1 
HETATM 1076 O O   . HOH D 3 .  ? -3.995  -1.513  -2.813  1.00 79.52 ? 122 HOH B O   1 
HETATM 1077 O O   . HOH D 3 .  ? 2.714   -1.097  -5.578  1.00 50.28 ? 123 HOH B O   1 
HETATM 1078 O O   . HOH D 3 .  ? -1.458  -21.528 4.191   1.00 58.10 ? 124 HOH B O   1 
HETATM 1079 O O   . HOH D 3 .  ? 5.046   -14.916 -8.482  1.00 68.46 ? 125 HOH B O   1 
HETATM 1080 O O   . HOH D 3 .  ? -6.506  -2.576  2.091   1.00 57.42 ? 126 HOH B O   1 
HETATM 1081 O O   . HOH D 3 .  ? -1.661  -2.911  4.642   1.00 72.03 ? 127 HOH B O   1 
HETATM 1082 O O   . HOH D 3 .  ? -5.881  -16.524 -6.737  1.00 52.17 ? 128 HOH B O   1 
HETATM 1083 O O   . HOH D 3 .  ? 6.242   -3.263  23.391  1.00 76.70 ? 129 HOH B O   1 
HETATM 1084 O O   . HOH D 3 .  ? -11.639 -17.194 -4.876  1.00 71.29 ? 130 HOH B O   1 
HETATM 1085 O O   . HOH D 3 .  ? -5.659  -14.277 -8.336  1.00 52.91 ? 131 HOH B O   1 
HETATM 1086 O O   . HOH D 3 .  ? -2.931  -7.656  -16.041 1.00 77.26 ? 132 HOH B O   1 
HETATM 1087 O O   . HOH D 3 .  ? -13.169 -16.627 6.631   1.00 59.73 ? 133 HOH B O   1 
HETATM 1088 O O   . HOH D 3 .  ? -9.689  -16.044 -8.874  1.00 60.68 ? 134 HOH B O   1 
HETATM 1089 O O   . HOH D 3 .  ? -9.656  -18.443 0.135   1.00 70.31 ? 135 HOH B O   1 
HETATM 1090 O O   . HOH D 3 .  ? -9.476  -5.300  -5.593  1.00 85.54 ? 136 HOH B O   1 
HETATM 1091 O O   . HOH D 3 .  ? 1.487   -1.667  26.364  1.00 55.77 ? 137 HOH B O   1 
HETATM 1092 O O   . HOH D 3 .  ? -6.055  -3.353  -2.640  1.00 63.25 ? 138 HOH B O   1 
HETATM 1093 O O   . HOH D 3 .  ? -3.596  -17.751 -5.528  1.00 61.42 ? 139 HOH B O   1 
HETATM 1094 O O   . HOH D 3 .  ? 8.540   -19.074 -9.786  1.00 79.37 ? 140 HOH B O   1 
HETATM 1095 O O   . HOH D 3 .  ? 2.854   -11.796 21.481  1.00 59.38 ? 141 HOH B O   1 
HETATM 1096 O O   . HOH D 3 .  ? -14.690 -15.882 14.000  1.00 54.78 ? 142 HOH B O   1 
HETATM 1097 O O   . HOH D 3 .  ? -14.783 -12.029 -3.047  1.00 63.09 ? 143 HOH B O   1 
HETATM 1098 O O   . HOH D 3 .  ? -10.213 -17.400 12.553  1.00 56.28 ? 144 HOH B O   1 
HETATM 1099 O O   . HOH D 3 .  ? -13.961 -15.181 -2.153  1.00 76.76 ? 145 HOH B O   1 
HETATM 1100 O O   . HOH D 3 .  ? 7.914   -12.200 -11.885 1.00 83.78 ? 146 HOH B O   1 
HETATM 1101 O O   . HOH D 3 .  ? -7.451  -14.228 -9.938  1.00 62.74 ? 147 HOH B O   1 
# 
